data_1EAR
# 
_entry.id   1EAR 
# 
_audit_conform.dict_name       mmcif_pdbx.dic 
_audit_conform.dict_version    5.382 
_audit_conform.dict_location   http://mmcif.pdb.org/dictionaries/ascii/mmcif_pdbx.dic 
# 
loop_
_database_2.database_id 
_database_2.database_code 
_database_2.pdbx_database_accession 
_database_2.pdbx_DOI 
PDB   1EAR         pdb_00001ear 10.2210/pdb1ear/pdb 
PDBE  EBI-8336     ?            ?                   
WWPDB D_1290008336 ?            ?                   
# 
_pdbx_database_related.db_name        PDB 
_pdbx_database_related.db_id          1EB0 
_pdbx_database_related.content_type   unspecified 
_pdbx_database_related.details        
'CRYSTAL STRUCTURE OF BACILLUS PASTEURII UREE AT 1.85 A, PHASED BY SIRAS. TYPE I CRYSTAL FORM.' 
# 
_pdbx_database_status.status_code                     REL 
_pdbx_database_status.entry_id                        1EAR 
_pdbx_database_status.deposit_site                    PDBE 
_pdbx_database_status.process_site                    PDBE 
_pdbx_database_status.SG_entry                        . 
_pdbx_database_status.recvd_initial_deposition_date   2001-07-16 
_pdbx_database_status.pdb_format_compatible           Y 
_pdbx_database_status.status_code_sf                  REL 
_pdbx_database_status.status_code_mr                  ? 
_pdbx_database_status.status_code_cs                  ? 
_pdbx_database_status.methods_development_category    ? 
_pdbx_database_status.status_code_nmr_data            ? 
# 
loop_
_audit_author.name 
_audit_author.pdbx_ordinal 
'Remaut, H.'      1 
'Safarov, N.'     2 
'Ciurli, S.'      3 
'Van Beeumen, J.' 4 
# 
_citation.id                        primary 
_citation.title                     
'Structural Basis for Ni2+ Transport and Assembly of the Urease Active Site by the Metallochaperone Uree from Bacillus Pasteurii' 
_citation.journal_abbrev            J.Biol.Chem. 
_citation.journal_volume            276 
_citation.page_first                49365 
_citation.page_last                 ? 
_citation.year                      2001 
_citation.journal_id_ASTM           JBCHA3 
_citation.country                   US 
_citation.journal_id_ISSN           0021-9258 
_citation.journal_id_CSD            0071 
_citation.book_publisher            ? 
_citation.pdbx_database_id_PubMed   11602602 
_citation.pdbx_database_id_DOI      10.1074/JBC.M108304200 
# 
loop_
_citation_author.citation_id 
_citation_author.name 
_citation_author.ordinal 
_citation_author.identifier_ORCID 
primary 'Reamut, H.'      1 ? 
primary 'Safarov, N.'     2 ? 
primary 'Ciurli, S.'      3 ? 
primary 'Van Beeumen, J.' 4 ? 
# 
_cell.entry_id           1EAR 
_cell.length_a           44.320 
_cell.length_b           63.510 
_cell.length_c           129.290 
_cell.angle_alpha        90.00 
_cell.angle_beta         90.00 
_cell.angle_gamma        90.00 
_cell.Z_PDB              8 
_cell.pdbx_unique_axis   ? 
# 
_symmetry.entry_id                         1EAR 
_symmetry.space_group_name_H-M             'I 2 2 2' 
_symmetry.pdbx_full_space_group_name_H-M   ? 
_symmetry.cell_setting                     ? 
_symmetry.Int_Tables_number                23 
# 
loop_
_entity.id 
_entity.type 
_entity.src_method 
_entity.pdbx_description 
_entity.formula_weight 
_entity.pdbx_number_of_molecules 
_entity.pdbx_ec 
_entity.pdbx_mutation 
_entity.pdbx_fragment 
_entity.details 
1 polymer     man 'UREASE ACCESSORY PROTEIN UREE' 17412.934 1   ? YES ? 'PUTATIVE NI-CHAPERONE' 
2 non-polymer syn 'ZINC ION'                      65.409    1   ? ?   ? ?                       
3 water       nat water                           18.015    128 ? ?   ? ?                       
# 
_entity_poly.entity_id                      1 
_entity_poly.type                           'polypeptide(L)' 
_entity_poly.nstd_linkage                   no 
_entity_poly.nstd_monomer                   no 
_entity_poly.pdbx_seq_one_letter_code       
;MVITKIVGHIDDLSHQIKKVDWLEVEWEDLNKRILRKETENGTDIAIKLENSGTLRYGDVLYESDDTLIAIRTKLEKVYV
IKPQTMQEMGKMAFEIGNRHTMCIIEDDEILVRYDKTLEKLIDEVGVSYEQSERRFKEPFKYRGHQH
;
_entity_poly.pdbx_seq_one_letter_code_can   
;MVITKIVGHIDDLSHQIKKVDWLEVEWEDLNKRILRKETENGTDIAIKLENSGTLRYGDVLYESDDTLIAIRTKLEKVYV
IKPQTMQEMGKMAFEIGNRHTMCIIEDDEILVRYDKTLEKLIDEVGVSYEQSERRFKEPFKYRGHQH
;
_entity_poly.pdbx_strand_id                 A 
_entity_poly.pdbx_target_identifier         ? 
# 
loop_
_entity_poly_seq.entity_id 
_entity_poly_seq.num 
_entity_poly_seq.mon_id 
_entity_poly_seq.hetero 
1 1   MET n 
1 2   VAL n 
1 3   ILE n 
1 4   THR n 
1 5   LYS n 
1 6   ILE n 
1 7   VAL n 
1 8   GLY n 
1 9   HIS n 
1 10  ILE n 
1 11  ASP n 
1 12  ASP n 
1 13  LEU n 
1 14  SER n 
1 15  HIS n 
1 16  GLN n 
1 17  ILE n 
1 18  LYS n 
1 19  LYS n 
1 20  VAL n 
1 21  ASP n 
1 22  TRP n 
1 23  LEU n 
1 24  GLU n 
1 25  VAL n 
1 26  GLU n 
1 27  TRP n 
1 28  GLU n 
1 29  ASP n 
1 30  LEU n 
1 31  ASN n 
1 32  LYS n 
1 33  ARG n 
1 34  ILE n 
1 35  LEU n 
1 36  ARG n 
1 37  LYS n 
1 38  GLU n 
1 39  THR n 
1 40  GLU n 
1 41  ASN n 
1 42  GLY n 
1 43  THR n 
1 44  ASP n 
1 45  ILE n 
1 46  ALA n 
1 47  ILE n 
1 48  LYS n 
1 49  LEU n 
1 50  GLU n 
1 51  ASN n 
1 52  SER n 
1 53  GLY n 
1 54  THR n 
1 55  LEU n 
1 56  ARG n 
1 57  TYR n 
1 58  GLY n 
1 59  ASP n 
1 60  VAL n 
1 61  LEU n 
1 62  TYR n 
1 63  GLU n 
1 64  SER n 
1 65  ASP n 
1 66  ASP n 
1 67  THR n 
1 68  LEU n 
1 69  ILE n 
1 70  ALA n 
1 71  ILE n 
1 72  ARG n 
1 73  THR n 
1 74  LYS n 
1 75  LEU n 
1 76  GLU n 
1 77  LYS n 
1 78  VAL n 
1 79  TYR n 
1 80  VAL n 
1 81  ILE n 
1 82  LYS n 
1 83  PRO n 
1 84  GLN n 
1 85  THR n 
1 86  MET n 
1 87  GLN n 
1 88  GLU n 
1 89  MET n 
1 90  GLY n 
1 91  LYS n 
1 92  MET n 
1 93  ALA n 
1 94  PHE n 
1 95  GLU n 
1 96  ILE n 
1 97  GLY n 
1 98  ASN n 
1 99  ARG n 
1 100 HIS n 
1 101 THR n 
1 102 MET n 
1 103 CYS n 
1 104 ILE n 
1 105 ILE n 
1 106 GLU n 
1 107 ASP n 
1 108 ASP n 
1 109 GLU n 
1 110 ILE n 
1 111 LEU n 
1 112 VAL n 
1 113 ARG n 
1 114 TYR n 
1 115 ASP n 
1 116 LYS n 
1 117 THR n 
1 118 LEU n 
1 119 GLU n 
1 120 LYS n 
1 121 LEU n 
1 122 ILE n 
1 123 ASP n 
1 124 GLU n 
1 125 VAL n 
1 126 GLY n 
1 127 VAL n 
1 128 SER n 
1 129 TYR n 
1 130 GLU n 
1 131 GLN n 
1 132 SER n 
1 133 GLU n 
1 134 ARG n 
1 135 ARG n 
1 136 PHE n 
1 137 LYS n 
1 138 GLU n 
1 139 PRO n 
1 140 PHE n 
1 141 LYS n 
1 142 TYR n 
1 143 ARG n 
1 144 GLY n 
1 145 HIS n 
1 146 GLN n 
1 147 HIS n 
# 
_entity_src_gen.entity_id                          1 
_entity_src_gen.pdbx_src_id                        1 
_entity_src_gen.pdbx_alt_source_flag               sample 
_entity_src_gen.pdbx_seq_type                      ? 
_entity_src_gen.pdbx_beg_seq_num                   ? 
_entity_src_gen.pdbx_end_seq_num                   ? 
_entity_src_gen.gene_src_common_name               ? 
_entity_src_gen.gene_src_genus                     ? 
_entity_src_gen.pdbx_gene_src_gene                 ? 
_entity_src_gen.gene_src_species                   ? 
_entity_src_gen.gene_src_strain                    ? 
_entity_src_gen.gene_src_tissue                    ? 
_entity_src_gen.gene_src_tissue_fraction           ? 
_entity_src_gen.gene_src_details                   ? 
_entity_src_gen.pdbx_gene_src_fragment             ? 
_entity_src_gen.pdbx_gene_src_scientific_name      'BACILLUS PASTEURII' 
_entity_src_gen.pdbx_gene_src_ncbi_taxonomy_id     1474 
_entity_src_gen.pdbx_gene_src_variant              ? 
_entity_src_gen.pdbx_gene_src_cell_line            ? 
_entity_src_gen.pdbx_gene_src_atcc                 ? 
_entity_src_gen.pdbx_gene_src_organ                ? 
_entity_src_gen.pdbx_gene_src_organelle            ? 
_entity_src_gen.pdbx_gene_src_cell                 ? 
_entity_src_gen.pdbx_gene_src_cellular_location    ? 
_entity_src_gen.host_org_common_name               ? 
_entity_src_gen.pdbx_host_org_scientific_name      'ESCHERICHIA COLI' 
_entity_src_gen.pdbx_host_org_ncbi_taxonomy_id     562 
_entity_src_gen.host_org_genus                     ? 
_entity_src_gen.pdbx_host_org_gene                 ? 
_entity_src_gen.pdbx_host_org_organ                ? 
_entity_src_gen.host_org_species                   ? 
_entity_src_gen.pdbx_host_org_tissue               ? 
_entity_src_gen.pdbx_host_org_tissue_fraction      ? 
_entity_src_gen.pdbx_host_org_strain               ? 
_entity_src_gen.pdbx_host_org_variant              ? 
_entity_src_gen.pdbx_host_org_cell_line            ? 
_entity_src_gen.pdbx_host_org_atcc                 ? 
_entity_src_gen.pdbx_host_org_culture_collection   ? 
_entity_src_gen.pdbx_host_org_cell                 ? 
_entity_src_gen.pdbx_host_org_organelle            ? 
_entity_src_gen.pdbx_host_org_cellular_location    ? 
_entity_src_gen.pdbx_host_org_vector_type          ? 
_entity_src_gen.pdbx_host_org_vector               ? 
_entity_src_gen.host_org_details                   ? 
_entity_src_gen.expression_system_id               ? 
_entity_src_gen.plasmid_name                       ? 
_entity_src_gen.plasmid_details                    ? 
_entity_src_gen.pdbx_description                   ? 
# 
_struct_ref.id                         1 
_struct_ref.db_name                    UNP 
_struct_ref.db_code                    UREE_BACPA 
_struct_ref.entity_id                  1 
_struct_ref.pdbx_seq_one_letter_code   ? 
_struct_ref.pdbx_align_begin           ? 
_struct_ref.pdbx_db_accession          P50049 
_struct_ref.pdbx_db_isoform            ? 
# 
_struct_ref_seq.align_id                      1 
_struct_ref_seq.ref_id                        1 
_struct_ref_seq.pdbx_PDB_id_code              1EAR 
_struct_ref_seq.pdbx_strand_id                A 
_struct_ref_seq.seq_align_beg                 1 
_struct_ref_seq.pdbx_seq_align_beg_ins_code   ? 
_struct_ref_seq.seq_align_end                 147 
_struct_ref_seq.pdbx_seq_align_end_ins_code   ? 
_struct_ref_seq.pdbx_db_accession             P50049 
_struct_ref_seq.db_align_beg                  1 
_struct_ref_seq.pdbx_db_align_beg_ins_code    ? 
_struct_ref_seq.db_align_end                  147 
_struct_ref_seq.pdbx_db_align_end_ins_code    ? 
_struct_ref_seq.pdbx_auth_seq_align_beg       1 
_struct_ref_seq.pdbx_auth_seq_align_end       147 
# 
loop_
_struct_ref_seq_dif.align_id 
_struct_ref_seq_dif.pdbx_pdb_id_code 
_struct_ref_seq_dif.mon_id 
_struct_ref_seq_dif.pdbx_pdb_strand_id 
_struct_ref_seq_dif.seq_num 
_struct_ref_seq_dif.pdbx_pdb_ins_code 
_struct_ref_seq_dif.pdbx_seq_db_name 
_struct_ref_seq_dif.pdbx_seq_db_accession_code 
_struct_ref_seq_dif.db_mon_id 
_struct_ref_seq_dif.pdbx_seq_db_seq_num 
_struct_ref_seq_dif.details 
_struct_ref_seq_dif.pdbx_auth_seq_num 
_struct_ref_seq_dif.pdbx_ordinal 
1 1EAR VAL A 2  ? UNP P50049 LEU 2  'cloning artifact' 2  1 
1 1EAR LEU A 13 ? UNP P50049 TYR 13 'cloning artifact' 13 2 
1 1EAR SER A 14 ? UNP P50049 GLU 14 'cloning artifact' 14 3 
1 1EAR HIS A 15 ? UNP P50049 SER 15 'cloning artifact' 15 4 
1 1EAR GLN A 16 ? UNP P50049 SER 16 'cloning artifact' 16 5 
1 1EAR ILE A 17 ? UNP P50049 ASP 17 'cloning artifact' 17 6 
# 
loop_
_chem_comp.id 
_chem_comp.type 
_chem_comp.mon_nstd_flag 
_chem_comp.name 
_chem_comp.pdbx_synonyms 
_chem_comp.formula 
_chem_comp.formula_weight 
ALA 'L-peptide linking' y ALANINE         ? 'C3 H7 N O2'     89.093  
ARG 'L-peptide linking' y ARGININE        ? 'C6 H15 N4 O2 1' 175.209 
ASN 'L-peptide linking' y ASPARAGINE      ? 'C4 H8 N2 O3'    132.118 
ASP 'L-peptide linking' y 'ASPARTIC ACID' ? 'C4 H7 N O4'     133.103 
CYS 'L-peptide linking' y CYSTEINE        ? 'C3 H7 N O2 S'   121.158 
GLN 'L-peptide linking' y GLUTAMINE       ? 'C5 H10 N2 O3'   146.144 
GLU 'L-peptide linking' y 'GLUTAMIC ACID' ? 'C5 H9 N O4'     147.129 
GLY 'peptide linking'   y GLYCINE         ? 'C2 H5 N O2'     75.067  
HIS 'L-peptide linking' y HISTIDINE       ? 'C6 H10 N3 O2 1' 156.162 
HOH non-polymer         . WATER           ? 'H2 O'           18.015  
ILE 'L-peptide linking' y ISOLEUCINE      ? 'C6 H13 N O2'    131.173 
LEU 'L-peptide linking' y LEUCINE         ? 'C6 H13 N O2'    131.173 
LYS 'L-peptide linking' y LYSINE          ? 'C6 H15 N2 O2 1' 147.195 
MET 'L-peptide linking' y METHIONINE      ? 'C5 H11 N O2 S'  149.211 
PHE 'L-peptide linking' y PHENYLALANINE   ? 'C9 H11 N O2'    165.189 
PRO 'L-peptide linking' y PROLINE         ? 'C5 H9 N O2'     115.130 
SER 'L-peptide linking' y SERINE          ? 'C3 H7 N O3'     105.093 
THR 'L-peptide linking' y THREONINE       ? 'C4 H9 N O3'     119.119 
TRP 'L-peptide linking' y TRYPTOPHAN      ? 'C11 H12 N2 O2'  204.225 
TYR 'L-peptide linking' y TYROSINE        ? 'C9 H11 N O3'    181.189 
VAL 'L-peptide linking' y VALINE          ? 'C5 H11 N O2'    117.146 
ZN  non-polymer         . 'ZINC ION'      ? 'Zn 2'           65.409  
# 
_exptl.entry_id          1EAR 
_exptl.method            'X-RAY DIFFRACTION' 
_exptl.crystals_number   1 
# 
_exptl_crystal.id                    1 
_exptl_crystal.density_meas          ? 
_exptl_crystal.density_Matthews      2.61 
_exptl_crystal.density_percent_sol   52.92 
_exptl_crystal.description           ? 
# 
_exptl_crystal_grow.crystal_id      1 
_exptl_crystal_grow.method          ? 
_exptl_crystal_grow.temp            294 
_exptl_crystal_grow.temp_details    ? 
_exptl_crystal_grow.pH              7.00 
_exptl_crystal_grow.pdbx_pH_range   ? 
_exptl_crystal_grow.pdbx_details    '92-96 % NACITRATE, 100MM TRIS PH 7, 294 K' 
# 
_diffrn.id                     1 
_diffrn.ambient_temp           100.0 
_diffrn.ambient_temp_details   ? 
_diffrn.crystal_id             1 
# 
_diffrn_detector.diffrn_id              1 
_diffrn_detector.detector               'IMAGE PLATE' 
_diffrn_detector.type                   'MAR scanner 345 mm plate' 
_diffrn_detector.pdbx_collection_date   2001-05-15 
_diffrn_detector.details                ? 
# 
_diffrn_radiation.diffrn_id                        1 
_diffrn_radiation.wavelength_id                    1 
_diffrn_radiation.pdbx_monochromatic_or_laue_m_l   M 
_diffrn_radiation.monochromator                    ? 
_diffrn_radiation.pdbx_diffrn_protocol             'SINGLE WAVELENGTH' 
_diffrn_radiation.pdbx_scattering_type             x-ray 
# 
_diffrn_radiation_wavelength.id           1 
_diffrn_radiation_wavelength.wavelength   0.8453 
_diffrn_radiation_wavelength.wt           1.0 
# 
_diffrn_source.diffrn_id                   1 
_diffrn_source.source                      SYNCHROTRON 
_diffrn_source.type                        'EMBL/DESY, HAMBURG BEAMLINE BW7B' 
_diffrn_source.pdbx_synchrotron_site       'EMBL/DESY, HAMBURG' 
_diffrn_source.pdbx_synchrotron_beamline   BW7B 
_diffrn_source.pdbx_wavelength             0.8453 
_diffrn_source.pdbx_wavelength_list        ? 
# 
_reflns.pdbx_diffrn_id               1 
_reflns.pdbx_ordinal                 1 
_reflns.entry_id                     1EAR 
_reflns.observed_criterion_sigma_I   ? 
_reflns.observed_criterion_sigma_F   ? 
_reflns.d_resolution_low             15.000 
_reflns.d_resolution_high            1.700 
_reflns.number_obs                   20619 
_reflns.number_all                   ? 
_reflns.percent_possible_obs         99.0 
_reflns.pdbx_Rmerge_I_obs            0.05800 
_reflns.pdbx_Rsym_value              ? 
_reflns.pdbx_netI_over_sigmaI        32.6000 
_reflns.B_iso_Wilson_estimate        18.9 
_reflns.pdbx_redundancy              6.200 
# 
_reflns_shell.pdbx_diffrn_id         1 
_reflns_shell.pdbx_ordinal           1 
_reflns_shell.d_res_high             1.70 
_reflns_shell.d_res_low              1.76 
_reflns_shell.percent_possible_all   96.8 
_reflns_shell.Rmerge_I_obs           0.28100 
_reflns_shell.pdbx_Rsym_value        ? 
_reflns_shell.meanI_over_sigI_obs    3.630 
_reflns_shell.pdbx_redundancy        3.20 
# 
_refine.pdbx_refine_id                           'X-RAY DIFFRACTION' 
_refine.entry_id                                 1EAR 
_refine.pdbx_diffrn_id                           1 
_refine.pdbx_TLS_residual_ADP_flag               ? 
_refine.ls_number_reflns_obs                     20288 
_refine.ls_number_reflns_all                     ? 
_refine.pdbx_ls_sigma_I                          ? 
_refine.pdbx_ls_sigma_F                          1.7 
_refine.pdbx_data_cutoff_high_absF               ? 
_refine.pdbx_data_cutoff_low_absF                ? 
_refine.pdbx_data_cutoff_high_rms_absF           ? 
_refine.ls_d_res_low                             14.85 
_refine.ls_d_res_high                            1.7 
_refine.ls_percent_reflns_obs                    98.7 
_refine.ls_R_factor_obs                          0.2126 
_refine.ls_R_factor_all                          ? 
_refine.ls_R_factor_R_work                       0.2126 
_refine.ls_R_factor_R_free                       0.2281 
_refine.ls_R_factor_R_free_error                 0.007 
_refine.ls_R_factor_R_free_error_details         ? 
_refine.ls_percent_reflns_R_free                 5.1 
_refine.ls_number_reflns_R_free                  1037 
_refine.ls_number_parameters                     ? 
_refine.ls_number_restraints                     ? 
_refine.occupancy_min                            ? 
_refine.occupancy_max                            ? 
_refine.correlation_coeff_Fo_to_Fc               ? 
_refine.correlation_coeff_Fo_to_Fc_free          ? 
_refine.B_iso_mean                               33.7 
_refine.aniso_B[1][1]                            -2.63 
_refine.aniso_B[2][2]                            -4.10 
_refine.aniso_B[3][3]                            6.74 
_refine.aniso_B[1][2]                            0.00 
_refine.aniso_B[1][3]                            0.00 
_refine.aniso_B[2][3]                            0.00 
_refine.solvent_model_details                    'FLAT MODEL' 
_refine.solvent_model_param_ksol                 0.416487 
_refine.solvent_model_param_bsol                 57.8566 
_refine.pdbx_solvent_vdw_probe_radii             ? 
_refine.pdbx_solvent_ion_probe_radii             ? 
_refine.pdbx_solvent_shrinkage_radii             ? 
_refine.pdbx_ls_cross_valid_method               THROUGHOUT 
_refine.details                                  'B-FACTOR WAS FIXED AT 100 A**2 FOR DISORDERED SIDECHAINS' 
_refine.pdbx_starting_model                      'PDB IDCODE 1EB0' 
_refine.pdbx_method_to_determine_struct          'MOLECULAR REPLACEMENT' 
_refine.pdbx_isotropic_thermal_model             RESTRAINED 
_refine.pdbx_stereochemistry_target_values       ? 
_refine.pdbx_stereochem_target_val_spec_case     ? 
_refine.pdbx_R_Free_selection_details            RANDOM 
_refine.pdbx_overall_ESU_R                       ? 
_refine.pdbx_overall_ESU_R_Free                  ? 
_refine.overall_SU_ML                            ? 
_refine.pdbx_overall_phase_error                 ? 
_refine.overall_SU_B                             ? 
_refine.overall_SU_R_Cruickshank_DPI             ? 
_refine.pdbx_overall_SU_R_free_Cruickshank_DPI   ? 
_refine.pdbx_overall_SU_R_Blow_DPI               ? 
_refine.pdbx_overall_SU_R_free_Blow_DPI          ? 
# 
_refine_analyze.pdbx_refine_id                  'X-RAY DIFFRACTION' 
_refine_analyze.entry_id                        1EAR 
_refine_analyze.Luzzati_coordinate_error_obs    0.22 
_refine_analyze.Luzzati_sigma_a_obs             0.16 
_refine_analyze.Luzzati_d_res_low_obs           5.00 
_refine_analyze.Luzzati_coordinate_error_free   0.25 
_refine_analyze.Luzzati_sigma_a_free            0.16 
_refine_analyze.Luzzati_d_res_low_free          ? 
_refine_analyze.number_disordered_residues      ? 
_refine_analyze.occupancy_sum_hydrogen          ? 
_refine_analyze.occupancy_sum_non_hydrogen      ? 
# 
_refine_hist.pdbx_refine_id                   'X-RAY DIFFRACTION' 
_refine_hist.cycle_id                         LAST 
_refine_hist.pdbx_number_atoms_protein        1176 
_refine_hist.pdbx_number_atoms_nucleic_acid   0 
_refine_hist.pdbx_number_atoms_ligand         1 
_refine_hist.number_atoms_solvent             128 
_refine_hist.number_atoms_total               1305 
_refine_hist.d_res_high                       1.7 
_refine_hist.d_res_low                        14.85 
# 
loop_
_refine_ls_restr.type 
_refine_ls_restr.dev_ideal 
_refine_ls_restr.dev_ideal_target 
_refine_ls_restr.weight 
_refine_ls_restr.number 
_refine_ls_restr.pdbx_refine_id 
_refine_ls_restr.pdbx_restraint_function 
c_bond_d                0.006 ?    ? ? 'X-RAY DIFFRACTION' ? 
c_bond_d_na             ?     ?    ? ? 'X-RAY DIFFRACTION' ? 
c_bond_d_prot           ?     ?    ? ? 'X-RAY DIFFRACTION' ? 
c_angle_d               ?     ?    ? ? 'X-RAY DIFFRACTION' ? 
c_angle_d_na            ?     ?    ? ? 'X-RAY DIFFRACTION' ? 
c_angle_d_prot          ?     ?    ? ? 'X-RAY DIFFRACTION' ? 
c_angle_deg             1.3   ?    ? ? 'X-RAY DIFFRACTION' ? 
c_angle_deg_na          ?     ?    ? ? 'X-RAY DIFFRACTION' ? 
c_angle_deg_prot        ?     ?    ? ? 'X-RAY DIFFRACTION' ? 
c_dihedral_angle_d      23.7  ?    ? ? 'X-RAY DIFFRACTION' ? 
c_dihedral_angle_d_na   ?     ?    ? ? 'X-RAY DIFFRACTION' ? 
c_dihedral_angle_d_prot ?     ?    ? ? 'X-RAY DIFFRACTION' ? 
c_improper_angle_d      0.62  ?    ? ? 'X-RAY DIFFRACTION' ? 
c_improper_angle_d_na   ?     ?    ? ? 'X-RAY DIFFRACTION' ? 
c_improper_angle_d_prot ?     ?    ? ? 'X-RAY DIFFRACTION' ? 
c_mcbond_it             2.75  1.50 ? ? 'X-RAY DIFFRACTION' ? 
c_mcangle_it            3.96  2.00 ? ? 'X-RAY DIFFRACTION' ? 
c_scbond_it             5.63  2.00 ? ? 'X-RAY DIFFRACTION' ? 
c_scangle_it            7.84  2.50 ? ? 'X-RAY DIFFRACTION' ? 
# 
_refine_ls_shell.pdbx_refine_id                   'X-RAY DIFFRACTION' 
_refine_ls_shell.pdbx_total_number_of_bins_used   6 
_refine_ls_shell.d_res_high                       1.7 
_refine_ls_shell.d_res_low                        1.81 
_refine_ls_shell.number_reflns_R_work             3013 
_refine_ls_shell.R_factor_R_work                  0.305 
_refine_ls_shell.percent_reflns_obs               97.0 
_refine_ls_shell.R_factor_R_free                  0.344 
_refine_ls_shell.R_factor_R_free_error            0.029 
_refine_ls_shell.percent_reflns_R_free            4.4 
_refine_ls_shell.number_reflns_R_free             144 
_refine_ls_shell.number_reflns_all                ? 
_refine_ls_shell.R_factor_all                     ? 
# 
loop_
_pdbx_xplor_file.pdbx_refine_id 
_pdbx_xplor_file.serial_no 
_pdbx_xplor_file.param_file 
_pdbx_xplor_file.topol_file 
'X-RAY DIFFRACTION' 1 PROTEIN_REP.PARAM PROTEIN.TOP   
'X-RAY DIFFRACTION' 2 WATER_REP.PARAM   WATER_REP.TOP 
'X-RAY DIFFRACTION' 3 ION.PARAM         ION.TOP       
# 
_struct.entry_id                  1EAR 
_struct.title                     'Crystal structure of Bacillus pasteurii UreE at 1.7 A. Type II crystal form.' 
_struct.pdbx_model_details        ? 
_struct.pdbx_CASP_flag            ? 
_struct.pdbx_model_type_details   ? 
# 
_struct_keywords.entry_id        1EAR 
_struct_keywords.pdbx_keywords   CHAPERONE 
_struct_keywords.text            'CHAPERONE, PUTATIVE NI-CHAPERONE, UREASE OPERON' 
# 
loop_
_struct_asym.id 
_struct_asym.pdbx_blank_PDB_chainid_flag 
_struct_asym.pdbx_modified 
_struct_asym.entity_id 
_struct_asym.details 
A N N 1 ? 
B N N 2 ? 
C N N 3 ? 
# 
_struct_biol.id   1 
# 
loop_
_struct_conf.conf_type_id 
_struct_conf.id 
_struct_conf.pdbx_PDB_helix_id 
_struct_conf.beg_label_comp_id 
_struct_conf.beg_label_asym_id 
_struct_conf.beg_label_seq_id 
_struct_conf.pdbx_beg_PDB_ins_code 
_struct_conf.end_label_comp_id 
_struct_conf.end_label_asym_id 
_struct_conf.end_label_seq_id 
_struct_conf.pdbx_end_PDB_ins_code 
_struct_conf.beg_auth_comp_id 
_struct_conf.beg_auth_asym_id 
_struct_conf.beg_auth_seq_id 
_struct_conf.end_auth_comp_id 
_struct_conf.end_auth_asym_id 
_struct_conf.end_auth_seq_id 
_struct_conf.pdbx_PDB_helix_class 
_struct_conf.details 
_struct_conf.pdbx_PDB_helix_length 
HELX_P HELX_P1 1 ASP A 12  ? GLN A 16  ? ASP A 12  GLN A 16  5 ? 5  
HELX_P HELX_P2 2 GLU A 26  ? LYS A 32  ? GLU A 26  LYS A 32  5 ? 7  
HELX_P HELX_P3 3 THR A 85  ? ARG A 99  ? THR A 85  ARG A 99  1 ? 15 
HELX_P HELX_P4 4 ASP A 115 ? GLY A 126 ? ASP A 115 GLY A 126 1 ? 12 
# 
_struct_conf_type.id          HELX_P 
_struct_conf_type.criteria    ? 
_struct_conf_type.reference   ? 
# 
loop_
_struct_conn.id 
_struct_conn.conn_type_id 
_struct_conn.pdbx_leaving_atom_flag 
_struct_conn.pdbx_PDB_id 
_struct_conn.ptnr1_label_asym_id 
_struct_conn.ptnr1_label_comp_id 
_struct_conn.ptnr1_label_seq_id 
_struct_conn.ptnr1_label_atom_id 
_struct_conn.pdbx_ptnr1_label_alt_id 
_struct_conn.pdbx_ptnr1_PDB_ins_code 
_struct_conn.pdbx_ptnr1_standard_comp_id 
_struct_conn.ptnr1_symmetry 
_struct_conn.ptnr2_label_asym_id 
_struct_conn.ptnr2_label_comp_id 
_struct_conn.ptnr2_label_seq_id 
_struct_conn.ptnr2_label_atom_id 
_struct_conn.pdbx_ptnr2_label_alt_id 
_struct_conn.pdbx_ptnr2_PDB_ins_code 
_struct_conn.ptnr1_auth_asym_id 
_struct_conn.ptnr1_auth_comp_id 
_struct_conn.ptnr1_auth_seq_id 
_struct_conn.ptnr2_auth_asym_id 
_struct_conn.ptnr2_auth_comp_id 
_struct_conn.ptnr2_auth_seq_id 
_struct_conn.ptnr2_symmetry 
_struct_conn.pdbx_ptnr3_label_atom_id 
_struct_conn.pdbx_ptnr3_label_seq_id 
_struct_conn.pdbx_ptnr3_label_comp_id 
_struct_conn.pdbx_ptnr3_label_asym_id 
_struct_conn.pdbx_ptnr3_label_alt_id 
_struct_conn.pdbx_ptnr3_PDB_ins_code 
_struct_conn.details 
_struct_conn.pdbx_dist_value 
_struct_conn.pdbx_value_order 
_struct_conn.pdbx_role 
metalc1 metalc ? ? A HIS 100 NE2 ? ? ? 1_555 B ZN . ZN A ? A HIS 100 A ZN 1143 1_555 ? ? ? ? ? ? ? 2.010 ? ? 
metalc2 metalc ? ? A HIS 100 NE2 ? ? ? 1_555 B ZN . ZN A ? A HIS 100 A ZN 1143 3_656 ? ? ? ? ? ? ? 1.989 ? ? 
# 
_struct_conn_type.id          metalc 
_struct_conn_type.criteria    ? 
_struct_conn_type.reference   ? 
# 
loop_
_struct_sheet.id 
_struct_sheet.type 
_struct_sheet.number_strands 
_struct_sheet.details 
AA ? 3 ? 
AB ? 4 ? 
AC ? 4 ? 
# 
loop_
_struct_sheet_order.sheet_id 
_struct_sheet_order.range_id_1 
_struct_sheet_order.range_id_2 
_struct_sheet_order.offset 
_struct_sheet_order.sense 
AA 1 2 ? parallel      
AA 2 3 ? anti-parallel 
AB 1 2 ? anti-parallel 
AB 2 3 ? anti-parallel 
AB 3 4 ? parallel      
AC 1 2 ? anti-parallel 
AC 2 3 ? anti-parallel 
AC 3 4 ? anti-parallel 
# 
loop_
_struct_sheet_range.sheet_id 
_struct_sheet_range.id 
_struct_sheet_range.beg_label_comp_id 
_struct_sheet_range.beg_label_asym_id 
_struct_sheet_range.beg_label_seq_id 
_struct_sheet_range.pdbx_beg_PDB_ins_code 
_struct_sheet_range.end_label_comp_id 
_struct_sheet_range.end_label_asym_id 
_struct_sheet_range.end_label_seq_id 
_struct_sheet_range.pdbx_end_PDB_ins_code 
_struct_sheet_range.beg_auth_comp_id 
_struct_sheet_range.beg_auth_asym_id 
_struct_sheet_range.beg_auth_seq_id 
_struct_sheet_range.end_auth_comp_id 
_struct_sheet_range.end_auth_asym_id 
_struct_sheet_range.end_auth_seq_id 
AA 1 VAL A 2   ? ILE A 3   ? VAL A 2   ILE A 3   
AA 2 ASP A 44  ? LYS A 48  ? ASP A 44  LYS A 48  
AA 3 ILE A 34  ? GLU A 38  ? ILE A 34  GLU A 38  
AB 1 GLY A 8   ? HIS A 9   ? GLY A 8   HIS A 9   
AB 2 ASP A 59  ? GLU A 63  ? ASP A 59  GLU A 63  
AB 3 THR A 67  ? THR A 73  ? THR A 67  THR A 73  
AB 4 LYS A 19  ? VAL A 25  ? LYS A 19  VAL A 25  
AC 1 ILE A 104 ? GLU A 106 ? ILE A 104 GLU A 106 
AC 2 GLU A 109 ? ARG A 113 ? GLU A 109 ARG A 113 
AC 3 GLU A 76  ? LYS A 82  ? GLU A 76  LYS A 82  
AC 4 SER A 128 ? ARG A 134 ? SER A 128 ARG A 134 
# 
loop_
_pdbx_struct_sheet_hbond.sheet_id 
_pdbx_struct_sheet_hbond.range_id_1 
_pdbx_struct_sheet_hbond.range_id_2 
_pdbx_struct_sheet_hbond.range_1_label_atom_id 
_pdbx_struct_sheet_hbond.range_1_label_comp_id 
_pdbx_struct_sheet_hbond.range_1_label_asym_id 
_pdbx_struct_sheet_hbond.range_1_label_seq_id 
_pdbx_struct_sheet_hbond.range_1_PDB_ins_code 
_pdbx_struct_sheet_hbond.range_1_auth_atom_id 
_pdbx_struct_sheet_hbond.range_1_auth_comp_id 
_pdbx_struct_sheet_hbond.range_1_auth_asym_id 
_pdbx_struct_sheet_hbond.range_1_auth_seq_id 
_pdbx_struct_sheet_hbond.range_2_label_atom_id 
_pdbx_struct_sheet_hbond.range_2_label_comp_id 
_pdbx_struct_sheet_hbond.range_2_label_asym_id 
_pdbx_struct_sheet_hbond.range_2_label_seq_id 
_pdbx_struct_sheet_hbond.range_2_PDB_ins_code 
_pdbx_struct_sheet_hbond.range_2_auth_atom_id 
_pdbx_struct_sheet_hbond.range_2_auth_comp_id 
_pdbx_struct_sheet_hbond.range_2_auth_asym_id 
_pdbx_struct_sheet_hbond.range_2_auth_seq_id 
AA 1 2 N ILE A 3   ? N ILE A 3   O ALA A 46  ? O ALA A 46  
AA 2 3 N ILE A 47  ? N ILE A 47  O LEU A 35  ? O LEU A 35  
AB 1 2 O GLY A 8   ? O GLY A 8   N VAL A 60  ? N VAL A 60  
AB 2 3 N LEU A 61  ? N LEU A 61  O ILE A 69  ? O ILE A 69  
AB 3 4 N LEU A 68  ? N LEU A 68  O LYS A 19  ? O LYS A 19  
AC 1 2 N GLU A 106 ? N GLU A 106 O GLU A 109 ? O GLU A 109 
AC 2 3 N VAL A 112 ? N VAL A 112 O TYR A 79  ? O TYR A 79  
AC 3 4 N LYS A 82  ? N LYS A 82  O SER A 128 ? O SER A 128 
# 
_struct_site.id                   AC1 
_struct_site.pdbx_evidence_code   Software 
_struct_site.pdbx_auth_asym_id    ? 
_struct_site.pdbx_auth_comp_id    ? 
_struct_site.pdbx_auth_seq_id     ? 
_struct_site.pdbx_auth_ins_code   ? 
_struct_site.pdbx_num_residues    1 
_struct_site.details              'BINDING SITE FOR RESIDUE ZN A1143' 
# 
_struct_site_gen.id                   1 
_struct_site_gen.site_id              AC1 
_struct_site_gen.pdbx_num_res         1 
_struct_site_gen.label_comp_id        HIS 
_struct_site_gen.label_asym_id        A 
_struct_site_gen.label_seq_id         100 
_struct_site_gen.pdbx_auth_ins_code   ? 
_struct_site_gen.auth_comp_id         HIS 
_struct_site_gen.auth_asym_id         A 
_struct_site_gen.auth_seq_id          100 
_struct_site_gen.label_atom_id        . 
_struct_site_gen.label_alt_id         ? 
_struct_site_gen.symmetry             1_555 
_struct_site_gen.details              ? 
# 
_atom_sites.entry_id                    1EAR 
_atom_sites.fract_transf_matrix[1][1]   -0.01391523 
_atom_sites.fract_transf_matrix[1][2]   -0.00188495 
_atom_sites.fract_transf_matrix[1][3]   0.01766076 
_atom_sites.fract_transf_matrix[2][1]   0.00442067 
_atom_sites.fract_transf_matrix[2][2]   -0.01499392 
_atom_sites.fract_transf_matrix[2][3]   0.00188281 
_atom_sites.fract_transf_matrix[3][1]   0.00568760 
_atom_sites.fract_transf_matrix[3][2]   0.00227004 
_atom_sites.fract_transf_matrix[3][3]   0.00472365 
_atom_sites.fract_transf_vector[1]      0.289788 
_atom_sites.fract_transf_vector[2]      0.212053 
_atom_sites.fract_transf_vector[3]      0.365362 
# 
loop_
_atom_type.symbol 
C  
N  
O  
S  
ZN 
# 
loop_
_atom_site.group_PDB 
_atom_site.id 
_atom_site.type_symbol 
_atom_site.label_atom_id 
_atom_site.label_alt_id 
_atom_site.label_comp_id 
_atom_site.label_asym_id 
_atom_site.label_entity_id 
_atom_site.label_seq_id 
_atom_site.pdbx_PDB_ins_code 
_atom_site.Cartn_x 
_atom_site.Cartn_y 
_atom_site.Cartn_z 
_atom_site.occupancy 
_atom_site.B_iso_or_equiv 
_atom_site.pdbx_formal_charge 
_atom_site.auth_seq_id 
_atom_site.auth_comp_id 
_atom_site.auth_asym_id 
_atom_site.auth_atom_id 
_atom_site.pdbx_PDB_model_num 
ATOM   1    N  N   . MET A 1 1   ? -15.626 2.947   -16.324 1.00 16.26  ? 1    MET A N   1 
ATOM   2    C  CA  . MET A 1 1   ? -16.728 2.442   -15.460 1.00 18.12  ? 1    MET A CA  1 
ATOM   3    C  C   . MET A 1 1   ? -16.629 3.024   -14.058 1.00 17.32  ? 1    MET A C   1 
ATOM   4    O  O   . MET A 1 1   ? -15.536 3.299   -13.560 1.00 17.57  ? 1    MET A O   1 
ATOM   5    C  CB  . MET A 1 1   ? -16.702 0.908   -15.381 1.00 25.56  ? 1    MET A CB  1 
ATOM   6    C  CG  . MET A 1 1   ? -15.429 0.316   -14.816 1.00 26.84  ? 1    MET A CG  1 
ATOM   7    S  SD  . MET A 1 1   ? -15.550 -1.487  -14.605 1.00 27.67  ? 1    MET A SD  1 
ATOM   8    C  CE  . MET A 1 1   ? -15.330 -2.036  -16.286 1.00 24.72  ? 1    MET A CE  1 
ATOM   9    N  N   . VAL A 1 2   ? -17.784 3.218   -13.433 1.00 16.25  ? 2    VAL A N   1 
ATOM   10   C  CA  . VAL A 1 2   ? -17.849 3.764   -12.086 1.00 15.44  ? 2    VAL A CA  1 
ATOM   11   C  C   . VAL A 1 2   ? -17.997 2.616   -11.097 1.00 14.46  ? 2    VAL A C   1 
ATOM   12   O  O   . VAL A 1 2   ? -18.910 1.799   -11.214 1.00 18.47  ? 2    VAL A O   1 
ATOM   13   C  CB  . VAL A 1 2   ? -19.040 4.718   -11.952 1.00 15.49  ? 2    VAL A CB  1 
ATOM   14   C  CG1 . VAL A 1 2   ? -19.136 5.250   -10.528 1.00 18.04  ? 2    VAL A CG1 1 
ATOM   15   C  CG2 . VAL A 1 2   ? -18.884 5.856   -12.950 1.00 18.50  ? 2    VAL A CG2 1 
ATOM   16   N  N   . ILE A 1 3   ? -17.100 2.574   -10.118 1.00 11.91  ? 3    ILE A N   1 
ATOM   17   C  CA  . ILE A 1 3   ? -17.091 1.512   -9.115  1.00 15.88  ? 3    ILE A CA  1 
ATOM   18   C  C   . ILE A 1 3   ? -17.585 2.051   -7.780  1.00 14.30  ? 3    ILE A C   1 
ATOM   19   O  O   . ILE A 1 3   ? -16.933 2.899   -7.173  1.00 13.88  ? 3    ILE A O   1 
ATOM   20   C  CB  . ILE A 1 3   ? -15.661 0.961   -8.922  1.00 14.90  ? 3    ILE A CB  1 
ATOM   21   C  CG1 . ILE A 1 3   ? -15.089 0.494   -10.269 1.00 15.54  ? 3    ILE A CG1 1 
ATOM   22   C  CG2 . ILE A 1 3   ? -15.669 -0.181  -7.921  1.00 17.15  ? 3    ILE A CG2 1 
ATOM   23   C  CD1 . ILE A 1 3   ? -15.928 -0.537  -10.976 1.00 18.95  ? 3    ILE A CD1 1 
ATOM   24   N  N   . THR A 1 4   ? -18.720 1.544   -7.308  1.00 14.32  ? 4    THR A N   1 
ATOM   25   C  CA  . THR A 1 4   ? -19.280 2.028   -6.048  1.00 16.15  ? 4    THR A CA  1 
ATOM   26   C  C   . THR A 1 4   ? -19.140 1.047   -4.901  1.00 18.23  ? 4    THR A C   1 
ATOM   27   O  O   . THR A 1 4   ? -19.454 1.376   -3.760  1.00 16.15  ? 4    THR A O   1 
ATOM   28   C  CB  . THR A 1 4   ? -20.769 2.376   -6.194  1.00 16.81  ? 4    THR A CB  1 
ATOM   29   O  OG1 . THR A 1 4   ? -21.503 1.200   -6.555  1.00 21.71  ? 4    THR A OG1 1 
ATOM   30   C  CG2 . THR A 1 4   ? -20.960 3.450   -7.261  1.00 19.38  ? 4    THR A CG2 1 
ATOM   31   N  N   . LYS A 1 5   ? -18.676 -0.157  -5.202  1.00 17.35  ? 5    LYS A N   1 
ATOM   32   C  CA  . LYS A 1 5   ? -18.496 -1.168  -4.174  1.00 15.58  ? 5    LYS A CA  1 
ATOM   33   C  C   . LYS A 1 5   ? -17.458 -2.192  -4.607  1.00 15.97  ? 5    LYS A C   1 
ATOM   34   O  O   . LYS A 1 5   ? -17.291 -2.459  -5.796  1.00 17.21  ? 5    LYS A O   1 
ATOM   35   C  CB  . LYS A 1 5   ? -19.822 -1.884  -3.882  1.00 20.16  ? 5    LYS A CB  1 
ATOM   36   C  CG  . LYS A 1 5   ? -20.404 -2.617  -5.081  1.00 29.03  ? 5    LYS A CG  1 
ATOM   37   C  CD  . LYS A 1 5   ? -21.794 -3.172  -4.782  1.00 43.14  ? 5    LYS A CD  1 
ATOM   38   C  CE  . LYS A 1 5   ? -22.779 -2.054  -4.476  1.00 53.35  ? 5    LYS A CE  1 
ATOM   39   N  NZ  . LYS A 1 5   ? -24.172 -2.559  -4.306  1.00 100.00 ? 5    LYS A NZ  1 
ATOM   40   N  N   . ILE A 1 6   ? -16.759 -2.749  -3.627  1.00 17.10  ? 6    ILE A N   1 
ATOM   41   C  CA  . ILE A 1 6   ? -15.751 -3.766  -3.886  1.00 15.01  ? 6    ILE A CA  1 
ATOM   42   C  C   . ILE A 1 6   ? -16.497 -5.083  -4.067  1.00 17.97  ? 6    ILE A C   1 
ATOM   43   O  O   . ILE A 1 6   ? -17.490 -5.333  -3.376  1.00 20.04  ? 6    ILE A O   1 
ATOM   44   C  CB  . ILE A 1 6   ? -14.780 -3.859  -2.700  1.00 18.62  ? 6    ILE A CB  1 
ATOM   45   C  CG1 . ILE A 1 6   ? -14.078 -2.509  -2.525  1.00 17.88  ? 6    ILE A CG1 1 
ATOM   46   C  CG2 . ILE A 1 6   ? -13.788 -4.976  -2.907  1.00 21.26  ? 6    ILE A CG2 1 
ATOM   47   C  CD1 . ILE A 1 6   ? -13.414 -2.002  -3.782  1.00 19.79  ? 6    ILE A CD1 1 
ATOM   48   N  N   . VAL A 1 7   ? -16.027 -5.928  -4.982  1.00 12.67  ? 7    VAL A N   1 
ATOM   49   C  CA  . VAL A 1 7   ? -16.709 -7.195  -5.236  1.00 13.88  ? 7    VAL A CA  1 
ATOM   50   C  C   . VAL A 1 7   ? -15.888 -8.437  -4.946  1.00 15.69  ? 7    VAL A C   1 
ATOM   51   O  O   . VAL A 1 7   ? -16.306 -9.547  -5.273  1.00 18.65  ? 7    VAL A O   1 
ATOM   52   C  CB  . VAL A 1 7   ? -17.208 -7.276  -6.689  1.00 15.88  ? 7    VAL A CB  1 
ATOM   53   C  CG1 . VAL A 1 7   ? -18.161 -6.120  -6.970  1.00 19.01  ? 7    VAL A CG1 1 
ATOM   54   C  CG2 . VAL A 1 7   ? -16.034 -7.263  -7.652  1.00 16.78  ? 7    VAL A CG2 1 
ATOM   55   N  N   . GLY A 1 8   ? -14.728 -8.251  -4.330  1.00 12.48  ? 8    GLY A N   1 
ATOM   56   C  CA  . GLY A 1 8   ? -13.880 -9.382  -4.007  1.00 15.20  ? 8    GLY A CA  1 
ATOM   57   C  C   . GLY A 1 8   ? -12.543 -8.904  -3.488  1.00 14.13  ? 8    GLY A C   1 
ATOM   58   O  O   . GLY A 1 8   ? -12.314 -7.708  -3.353  1.00 12.03  ? 8    GLY A O   1 
ATOM   59   N  N   . HIS A 1 9   ? -11.658 -9.842  -3.187  1.00 11.26  ? 9    HIS A N   1 
ATOM   60   C  CA  . HIS A 1 9   ? -10.338 -9.495  -2.682  1.00 12.42  ? 9    HIS A CA  1 
ATOM   61   C  C   . HIS A 1 9   ? -9.371  -10.602 -3.066  1.00 14.90  ? 9    HIS A C   1 
ATOM   62   O  O   . HIS A 1 9   ? -9.685  -11.785 -2.908  1.00 17.25  ? 9    HIS A O   1 
ATOM   63   C  CB  . HIS A 1 9   ? -10.365 -9.363  -1.166  1.00 15.63  ? 9    HIS A CB  1 
ATOM   64   C  CG  . HIS A 1 9   ? -9.055  -8.941  -0.590  1.00 17.44  ? 9    HIS A CG  1 
ATOM   65   N  ND1 . HIS A 1 9   ? -8.618  -7.636  -0.626  1.00 19.20  ? 9    HIS A ND1 1 
ATOM   66   C  CD2 . HIS A 1 9   ? -8.059  -9.659  -0.020  1.00 18.78  ? 9    HIS A CD2 1 
ATOM   67   C  CE1 . HIS A 1 9   ? -7.406  -7.567  -0.103  1.00 22.44  ? 9    HIS A CE1 1 
ATOM   68   N  NE2 . HIS A 1 9   ? -7.044  -8.781  0.271   1.00 21.87  ? 9    HIS A NE2 1 
ATOM   69   N  N   . ILE A 1 10  ? -8.208  -10.218 -3.582  1.00 13.85  ? 10   ILE A N   1 
ATOM   70   C  CA  . ILE A 1 10  ? -7.200  -11.192 -3.984  1.00 16.05  ? 10   ILE A CA  1 
ATOM   71   C  C   . ILE A 1 10  ? -6.410  -11.615 -2.759  1.00 21.06  ? 10   ILE A C   1 
ATOM   72   O  O   . ILE A 1 10  ? -5.634  -10.832 -2.206  1.00 23.89  ? 10   ILE A O   1 
ATOM   73   C  CB  . ILE A 1 10  ? -6.241  -10.604 -5.040  1.00 14.83  ? 10   ILE A CB  1 
ATOM   74   C  CG1 . ILE A 1 10  ? -7.011  -10.346 -6.337  1.00 15.69  ? 10   ILE A CG1 1 
ATOM   75   C  CG2 . ILE A 1 10  ? -5.072  -11.570 -5.297  1.00 15.42  ? 10   ILE A CG2 1 
ATOM   76   C  CD1 . ILE A 1 10  ? -6.187  -9.681  -7.424  1.00 17.74  ? 10   ILE A CD1 1 
ATOM   77   N  N   A ASP A 1 11  ? -6.625  -12.881 -2.391  0.50 21.11  ? 11   ASP A N   1 
ATOM   78   N  N   B ASP A 1 11  ? -6.591  -12.838 -2.292  0.50 24.46  ? 11   ASP A N   1 
ATOM   79   C  CA  A ASP A 1 11  ? -5.993  -13.558 -1.259  0.50 24.95  ? 11   ASP A CA  1 
ATOM   80   C  CA  B ASP A 1 11  ? -5.852  -13.216 -1.102  0.50 29.12  ? 11   ASP A CA  1 
ATOM   81   C  C   A ASP A 1 11  ? -4.513  -13.751 -1.439  0.50 24.93  ? 11   ASP A C   1 
ATOM   82   C  C   B ASP A 1 11  ? -4.443  -13.785 -1.380  0.50 24.99  ? 11   ASP A C   1 
ATOM   83   O  O   A ASP A 1 11  ? -3.679  -13.316 -0.643  0.50 25.97  ? 11   ASP A O   1 
ATOM   84   O  O   B ASP A 1 11  ? -3.554  -13.638 -0.541  0.50 28.85  ? 11   ASP A O   1 
ATOM   85   C  CB  A ASP A 1 11  ? -6.590  -14.975 -1.056  0.50 29.72  ? 11   ASP A CB  1 
ATOM   86   C  CB  B ASP A 1 11  ? -6.742  -14.103 -0.225  0.50 24.24  ? 11   ASP A CB  1 
ATOM   87   C  CG  A ASP A 1 11  ? -6.661  -15.825 -2.373  0.50 43.26  ? 11   ASP A CG  1 
ATOM   88   C  CG  B ASP A 1 11  ? -7.923  -13.312 0.412   0.50 32.57  ? 11   ASP A CG  1 
ATOM   89   O  OD1 A ASP A 1 11  ? -6.621  -15.265 -3.490  0.50 44.40  ? 11   ASP A OD1 1 
ATOM   90   O  OD1 B ASP A 1 11  ? -7.723  -12.548 1.435   0.50 27.62  ? 11   ASP A OD1 1 
ATOM   91   O  OD2 A ASP A 1 11  ? -6.853  -17.056 -2.316  0.50 41.20  ? 11   ASP A OD2 1 
ATOM   92   O  OD2 B ASP A 1 11  ? -9.122  -13.391 -0.071  0.50 32.24  ? 11   ASP A OD2 1 
ATOM   93   N  N   . ASP A 1 12  ? -4.225  -14.418 -2.538  1.00 23.29  ? 12   ASP A N   1 
ATOM   94   C  CA  . ASP A 1 12  ? -2.886  -14.853 -2.902  1.00 23.57  ? 12   ASP A CA  1 
ATOM   95   C  C   . ASP A 1 12  ? -2.759  -14.665 -4.407  1.00 17.60  ? 12   ASP A C   1 
ATOM   96   O  O   . ASP A 1 12  ? -3.343  -15.418 -5.184  1.00 19.15  ? 12   ASP A O   1 
ATOM   97   C  CB  . ASP A 1 12  ? -2.708  -16.323 -2.517  1.00 28.81  ? 12   ASP A CB  1 
ATOM   98   C  CG  . ASP A 1 12  ? -1.300  -16.823 -2.753  1.00 31.64  ? 12   ASP A CG  1 
ATOM   99   O  OD1 . ASP A 1 12  ? -0.850  -17.703 -1.987  1.00 42.30  ? 12   ASP A OD1 1 
ATOM   100  O  OD2 . ASP A 1 12  ? -0.648  -16.352 -3.707  1.00 36.35  ? 12   ASP A OD2 1 
ATOM   101  N  N   . LEU A 1 13  ? -2.011  -13.643 -4.812  1.00 19.49  ? 13   LEU A N   1 
ATOM   102  C  CA  . LEU A 1 13  ? -1.835  -13.339 -6.224  1.00 15.37  ? 13   LEU A CA  1 
ATOM   103  C  C   . LEU A 1 13  ? -1.271  -14.506 -7.040  1.00 14.58  ? 13   LEU A C   1 
ATOM   104  O  O   . LEU A 1 13  ? -1.748  -14.787 -8.140  1.00 15.94  ? 13   LEU A O   1 
ATOM   105  C  CB  . LEU A 1 13  ? -0.929  -12.113 -6.392  1.00 18.28  ? 13   LEU A CB  1 
ATOM   106  C  CG  . LEU A 1 13  ? -0.673  -11.651 -7.828  1.00 17.21  ? 13   LEU A CG  1 
ATOM   107  C  CD1 . LEU A 1 13  ? -2.003  -11.328 -8.519  1.00 21.47  ? 13   LEU A CD1 1 
ATOM   108  C  CD2 . LEU A 1 13  ? 0.236   -10.432 -7.818  1.00 22.76  ? 13   LEU A CD2 1 
ATOM   109  N  N   . SER A 1 14  ? -0.267  -15.187 -6.500  1.00 17.69  ? 14   SER A N   1 
ATOM   110  C  CA  . SER A 1 14  ? 0.349   -16.300 -7.225  1.00 19.18  ? 14   SER A CA  1 
ATOM   111  C  C   . SER A 1 14  ? -0.642  -17.402 -7.575  1.00 20.37  ? 14   SER A C   1 
ATOM   112  O  O   . SER A 1 14  ? -0.492  -18.073 -8.595  1.00 18.04  ? 14   SER A O   1 
ATOM   113  C  CB  . SER A 1 14  ? 1.505   -16.892 -6.415  1.00 22.07  ? 14   SER A CB  1 
ATOM   114  O  OG  . SER A 1 14  ? 1.044   -17.473 -5.210  1.00 25.22  ? 14   SER A OG  1 
ATOM   115  N  N   . HIS A 1 15  ? -1.664  -17.579 -6.741  1.00 15.73  ? 15   HIS A N   1 
ATOM   116  C  CA  . HIS A 1 15  ? -2.657  -18.622 -6.973  1.00 16.45  ? 15   HIS A CA  1 
ATOM   117  C  C   . HIS A 1 15  ? -3.849  -18.192 -7.825  1.00 16.49  ? 15   HIS A C   1 
ATOM   118  O  O   . HIS A 1 15  ? -4.611  -19.039 -8.293  1.00 18.30  ? 15   HIS A O   1 
ATOM   119  C  CB  . HIS A 1 15  ? -3.181  -19.169 -5.636  1.00 15.23  ? 15   HIS A CB  1 
ATOM   120  C  CG  . HIS A 1 15  ? -2.204  -20.035 -4.903  1.00 18.39  ? 15   HIS A CG  1 
ATOM   121  N  ND1 . HIS A 1 15  ? -1.017  -19.555 -4.388  1.00 18.52  ? 15   HIS A ND1 1 
ATOM   122  C  CD2 . HIS A 1 15  ? -2.248  -21.351 -4.585  1.00 20.73  ? 15   HIS A CD2 1 
ATOM   123  C  CE1 . HIS A 1 15  ? -0.375  -20.540 -3.783  1.00 17.70  ? 15   HIS A CE1 1 
ATOM   124  N  NE2 . HIS A 1 15  ? -1.099  -21.639 -3.886  1.00 17.69  ? 15   HIS A NE2 1 
ATOM   125  N  N   . GLN A 1 16  ? -4.011  -16.887 -8.033  1.00 17.32  ? 16   GLN A N   1 
ATOM   126  C  CA  A GLN A 1 16  ? -5.134  -16.391 -8.826  0.50 16.30  ? 16   GLN A CA  1 
ATOM   127  C  CA  B GLN A 1 16  ? -5.123  -16.372 -8.828  0.50 16.04  ? 16   GLN A CA  1 
ATOM   128  C  C   . GLN A 1 16  ? -5.092  -16.932 -10.246 1.00 15.61  ? 16   GLN A C   1 
ATOM   129  O  O   . GLN A 1 16  ? -4.052  -16.905 -10.903 1.00 17.90  ? 16   GLN A O   1 
ATOM   130  C  CB  A GLN A 1 16  ? -5.144  -14.860 -8.867  0.50 16.66  ? 16   GLN A CB  1 
ATOM   131  C  CB  B GLN A 1 16  ? -5.066  -14.843 -8.876  0.50 16.12  ? 16   GLN A CB  1 
ATOM   132  C  CG  A GLN A 1 16  ? -6.232  -14.305 -9.771  0.50 8.07   ? 16   GLN A CG  1 
ATOM   133  C  CG  B GLN A 1 16  ? -5.149  -14.176 -7.515  0.50 20.80  ? 16   GLN A CG  1 
ATOM   134  C  CD  A GLN A 1 16  ? -7.619  -14.742 -9.340  0.50 20.40  ? 16   GLN A CD  1 
ATOM   135  C  CD  B GLN A 1 16  ? -6.424  -14.532 -6.782  0.50 18.31  ? 16   GLN A CD  1 
ATOM   136  O  OE1 A GLN A 1 16  ? -8.430  -15.191 -10.157 0.50 18.06  ? 16   GLN A OE1 1 
ATOM   137  O  OE1 B GLN A 1 16  ? -7.512  -14.429 -7.344  0.50 19.66  ? 16   GLN A OE1 1 
ATOM   138  N  NE2 A GLN A 1 16  ? -7.902  -14.609 -8.048  0.50 5.69   ? 16   GLN A NE2 1 
ATOM   139  N  NE2 B GLN A 1 16  ? -6.300  -14.962 -5.534  0.50 17.89  ? 16   GLN A NE2 1 
ATOM   140  N  N   . ILE A 1 17  ? -6.237  -17.416 -10.719 1.00 14.48  ? 17   ILE A N   1 
ATOM   141  C  CA  A ILE A 1 17  ? -6.325  -17.982 -12.058 0.50 16.95  ? 17   ILE A CA  1 
ATOM   142  C  CA  B ILE A 1 17  ? -6.349  -17.988 -12.054 0.50 16.78  ? 17   ILE A CA  1 
ATOM   143  C  C   . ILE A 1 17  ? -6.712  -16.966 -13.127 1.00 17.53  ? 17   ILE A C   1 
ATOM   144  O  O   . ILE A 1 17  ? -6.336  -17.109 -14.287 1.00 18.85  ? 17   ILE A O   1 
ATOM   145  C  CB  A ILE A 1 17  ? -7.335  -19.150 -12.101 0.50 21.66  ? 17   ILE A CB  1 
ATOM   146  C  CB  B ILE A 1 17  ? -7.413  -19.106 -12.073 0.50 29.26  ? 17   ILE A CB  1 
ATOM   147  C  CG1 A ILE A 1 17  ? -8.714  -18.670 -11.648 0.50 20.79  ? 17   ILE A CG1 1 
ATOM   148  C  CG1 B ILE A 1 17  ? -6.999  -20.224 -11.116 0.50 31.46  ? 17   ILE A CG1 1 
ATOM   149  C  CG2 A ILE A 1 17  ? -6.850  -20.283 -11.211 0.50 25.05  ? 17   ILE A CG2 1 
ATOM   150  C  CG2 B ILE A 1 17  ? -7.592  -19.642 -13.482 0.50 32.27  ? 17   ILE A CG2 1 
ATOM   151  C  CD1 A ILE A 1 17  ? -9.775  -19.752 -11.671 0.50 30.22  ? 17   ILE A CD1 1 
ATOM   152  C  CD1 B ILE A 1 17  ? -5.608  -20.762 -11.384 0.50 15.80  ? 17   ILE A CD1 1 
ATOM   153  N  N   . LYS A 1 18  ? -7.460  -15.939 -12.747 1.00 15.20  ? 18   LYS A N   1 
ATOM   154  C  CA  . LYS A 1 18  ? -7.855  -14.942 -13.730 1.00 13.59  ? 18   LYS A CA  1 
ATOM   155  C  C   . LYS A 1 18  ? -6.772  -13.909 -13.991 1.00 12.58  ? 18   LYS A C   1 
ATOM   156  O  O   . LYS A 1 18  ? -5.870  -13.700 -13.172 1.00 14.75  ? 18   LYS A O   1 
ATOM   157  C  CB  . LYS A 1 18  ? -9.138  -14.240 -13.289 1.00 14.38  ? 18   LYS A CB  1 
ATOM   158  C  CG  . LYS A 1 18  ? -10.327 -15.172 -13.218 1.00 16.26  ? 18   LYS A CG  1 
ATOM   159  C  CD  . LYS A 1 18  ? -11.623 -14.434 -12.954 1.00 18.92  ? 18   LYS A CD  1 
ATOM   160  C  CE  . LYS A 1 18  ? -12.793 -15.406 -13.010 1.00 20.98  ? 18   LYS A CE  1 
ATOM   161  N  NZ  . LYS A 1 18  ? -14.114 -14.730 -12.883 1.00 26.73  ? 18   LYS A NZ  1 
ATOM   162  N  N   . LYS A 1 19  ? -6.852  -13.291 -15.162 1.00 12.70  ? 19   LYS A N   1 
ATOM   163  C  CA  . LYS A 1 19  ? -5.919  -12.245 -15.547 1.00 15.08  ? 19   LYS A CA  1 
ATOM   164  C  C   . LYS A 1 19  ? -6.218  -11.080 -14.616 1.00 14.97  ? 19   LYS A C   1 
ATOM   165  O  O   . LYS A 1 19  ? -7.372  -10.825 -14.302 1.00 13.95  ? 19   LYS A O   1 
ATOM   166  C  CB  . LYS A 1 19  ? -6.187  -11.835 -16.998 1.00 16.11  ? 19   LYS A CB  1 
ATOM   167  C  CG  . LYS A 1 19  ? -5.614  -10.490 -17.416 1.00 17.71  ? 19   LYS A CG  1 
ATOM   168  C  CD  . LYS A 1 19  ? -6.074  -10.138 -18.826 1.00 17.85  ? 19   LYS A CD  1 
ATOM   169  C  CE  . LYS A 1 19  ? -5.636  -8.731  -19.227 1.00 23.00  ? 19   LYS A CE  1 
ATOM   170  N  NZ  . LYS A 1 19  ? -6.124  -8.391  -20.591 1.00 24.46  ? 19   LYS A NZ  1 
ATOM   171  N  N   . VAL A 1 20  ? -5.183  -10.395 -14.154 1.00 14.66  ? 20   VAL A N   1 
ATOM   172  C  CA  . VAL A 1 20  ? -5.405  -9.255  -13.274 1.00 12.70  ? 20   VAL A CA  1 
ATOM   173  C  C   . VAL A 1 20  ? -4.952  -7.992  -13.977 1.00 15.19  ? 20   VAL A C   1 
ATOM   174  O  O   . VAL A 1 20  ? -3.792  -7.878  -14.384 1.00 14.29  ? 20   VAL A O   1 
ATOM   175  C  CB  . VAL A 1 20  ? -4.625  -9.386  -11.943 1.00 15.04  ? 20   VAL A CB  1 
ATOM   176  C  CG1 . VAL A 1 20  ? -4.852  -8.145  -11.082 1.00 17.29  ? 20   VAL A CG1 1 
ATOM   177  C  CG2 . VAL A 1 20  ? -5.081  -10.633 -11.188 1.00 14.84  ? 20   VAL A CG2 1 
ATOM   178  N  N   . ASP A 1 21  ? -5.886  -7.061  -14.146 1.00 11.62  ? 21   ASP A N   1 
ATOM   179  C  CA  . ASP A 1 21  ? -5.592  -5.770  -14.756 1.00 12.11  ? 21   ASP A CA  1 
ATOM   180  C  C   . ASP A 1 21  ? -5.530  -4.829  -13.563 1.00 11.12  ? 21   ASP A C   1 
ATOM   181  O  O   . ASP A 1 21  ? -6.557  -4.496  -12.963 1.00 14.89  ? 21   ASP A O   1 
ATOM   182  C  CB  . ASP A 1 21  ? -6.716  -5.365  -15.702 1.00 12.60  ? 21   ASP A CB  1 
ATOM   183  C  CG  . ASP A 1 21  ? -6.516  -3.980  -16.289 1.00 14.88  ? 21   ASP A CG  1 
ATOM   184  O  OD1 . ASP A 1 21  ? -5.372  -3.480  -16.265 1.00 14.43  ? 21   ASP A OD1 1 
ATOM   185  O  OD2 . ASP A 1 21  ? -7.505  -3.402  -16.788 1.00 16.29  ? 21   ASP A OD2 1 
ATOM   186  N  N   . TRP A 1 22  ? -4.383  -4.361  -13.285 1.00 11.80  ? 22   TRP A N   1 
ATOM   187  C  CA  . TRP A 1 22  ? -4.203  -3.609  -12.040 1.00 11.28  ? 22   TRP A CA  1 
ATOM   188  C  C   . TRP A 1 22  ? -4.449  -2.119  -12.226 1.00 11.75  ? 22   TRP A C   1 
ATOM   189  O  O   . TRP A 1 22  ? -4.141  -1.547  -13.281 1.00 12.32  ? 22   TRP A O   1 
ATOM   190  C  CB  . TRP A 1 22  ? -2.752  -3.700  -11.521 1.00 13.67  ? 22   TRP A CB  1 
ATOM   191  C  CG  . TRP A 1 22  ? -2.353  -5.044  -10.914 1.00 14.15  ? 22   TRP A CG  1 
ATOM   192  C  CD1 . TRP A 1 22  ? -1.554  -5.962  -11.465 1.00 19.61  ? 22   TRP A CD1 1 
ATOM   193  C  CD2 . TRP A 1 22  ? -2.771  -5.529  -9.648  1.00 13.99  ? 22   TRP A CD2 1 
ATOM   194  N  NE1 . TRP A 1 22  ? -1.441  -7.029  -10.588 1.00 18.96  ? 22   TRP A NE1 1 
ATOM   195  C  CE2 . TRP A 1 22  ? -2.180  -6.774  -9.481  1.00 16.56  ? 22   TRP A CE2 1 
ATOM   196  C  CE3 . TRP A 1 22  ? -3.596  -5.024  -8.635  1.00 12.61  ? 22   TRP A CE3 1 
ATOM   197  C  CZ2 . TRP A 1 22  ? -2.364  -7.564  -8.340  1.00 16.48  ? 22   TRP A CZ2 1 
ATOM   198  C  CZ3 . TRP A 1 22  ? -3.776  -5.827  -7.488  1.00 13.71  ? 22   TRP A CZ3 1 
ATOM   199  C  CH2 . TRP A 1 22  ? -3.188  -7.037  -7.350  1.00 17.98  ? 22   TRP A CH2 1 
ATOM   200  N  N   . LEU A 1 23  ? -5.002  -1.557  -11.187 1.00 10.60  ? 23   LEU A N   1 
ATOM   201  C  CA  . LEU A 1 23  ? -5.224  -0.126  -11.079 1.00 10.39  ? 23   LEU A CA  1 
ATOM   202  C  C   . LEU A 1 23  ? -4.212  0.297   -10.036 1.00 13.20  ? 23   LEU A C   1 
ATOM   203  O  O   . LEU A 1 23  ? -4.410  0.096   -8.839  1.00 13.01  ? 23   LEU A O   1 
ATOM   204  C  CB  . LEU A 1 23  ? -6.658  0.195   -10.639 1.00 11.43  ? 23   LEU A CB  1 
ATOM   205  C  CG  . LEU A 1 23  ? -6.910  1.708   -10.536 1.00 10.67  ? 23   LEU A CG  1 
ATOM   206  C  CD1 . LEU A 1 23  ? -7.021  2.391   -11.901 1.00 19.84  ? 23   LEU A CD1 1 
ATOM   207  C  CD2 . LEU A 1 23  ? -8.203  2.063   -9.795  1.00 12.14  ? 23   LEU A CD2 1 
ATOM   208  N  N   . GLU A 1 24  ? -3.129  0.858   -10.491 1.00 12.15  ? 24   GLU A N   1 
ATOM   209  C  CA  . GLU A 1 24  ? -2.044  1.252   -9.585  1.00 14.45  ? 24   GLU A CA  1 
ATOM   210  C  C   . GLU A 1 24  ? -2.211  2.694   -9.129  1.00 17.39  ? 24   GLU A C   1 
ATOM   211  O  O   . GLU A 1 24  ? -2.255  3.624   -9.940  1.00 20.20  ? 24   GLU A O   1 
ATOM   212  C  CB  A GLU A 1 24  ? -0.716  1.067   -10.303 0.50 19.00  ? 24   GLU A CB  1 
ATOM   213  C  CB  B GLU A 1 24  ? -0.734  1.096   -10.420 0.50 18.01  ? 24   GLU A CB  1 
ATOM   214  C  CG  A GLU A 1 24  ? -0.512  -0.384  -10.762 0.50 22.94  ? 24   GLU A CG  1 
ATOM   215  C  CG  B GLU A 1 24  ? 0.520   1.272   -9.593  0.50 19.32  ? 24   GLU A CG  1 
ATOM   216  C  CD  A GLU A 1 24  ? 0.946   -0.830  -10.716 0.50 29.78  ? 24   GLU A CD  1 
ATOM   217  C  CD  B GLU A 1 24  ? 1.764   0.854   -10.351 0.50 26.74  ? 24   GLU A CD  1 
ATOM   218  O  OE1 A GLU A 1 24  ? 1.238   -2.086  -10.754 0.50 29.11  ? 24   GLU A OE1 1 
ATOM   219  O  OE1 B GLU A 1 24  ? 1.984   -0.366  -10.510 0.50 28.36  ? 24   GLU A OE1 1 
ATOM   220  O  OE2 A GLU A 1 24  ? 1.880   0.051   -10.640 0.50 29.24  ? 24   GLU A OE2 1 
ATOM   221  O  OE2 B GLU A 1 24  ? 2.518   1.744   -10.796 0.50 25.36  ? 24   GLU A OE2 1 
ATOM   222  N  N   . VAL A 1 25  ? -2.296  2.829   -7.819  1.00 17.45  ? 25   VAL A N   1 
ATOM   223  C  CA  . VAL A 1 25  ? -2.482  4.129   -7.164  1.00 17.32  ? 25   VAL A CA  1 
ATOM   224  C  C   . VAL A 1 25  ? -1.359  4.413   -6.161  1.00 16.41  ? 25   VAL A C   1 
ATOM   225  O  O   . VAL A 1 25  ? -0.473  3.581   -5.932  1.00 16.63  ? 25   VAL A O   1 
ATOM   226  C  CB  . VAL A 1 25  ? -3.810  4.128   -6.423  1.00 15.98  ? 25   VAL A CB  1 
ATOM   227  C  CG1 . VAL A 1 25  ? -4.986  3.753   -7.325  1.00 16.89  ? 25   VAL A CG1 1 
ATOM   228  C  CG2 . VAL A 1 25  ? -3.836  3.136   -5.256  1.00 16.30  ? 25   VAL A CG2 1 
ATOM   229  N  N   . GLU A 1 26  ? -1.455  5.630   -5.620  1.00 21.61  ? 26   GLU A N   1 
ATOM   230  C  CA  . GLU A 1 26  ? -0.486  6.097   -4.636  1.00 20.92  ? 26   GLU A CA  1 
ATOM   231  C  C   . GLU A 1 26  ? -0.880  5.531   -3.276  1.00 20.64  ? 26   GLU A C   1 
ATOM   232  O  O   . GLU A 1 26  ? -2.033  5.167   -3.051  1.00 20.00  ? 26   GLU A O   1 
ATOM   233  C  CB  . GLU A 1 26  ? -0.493  7.627   -4.562  1.00 26.56  ? 26   GLU A CB  1 
ATOM   234  C  CG  . GLU A 1 26  ? -0.098  8.346   -5.843  1.00 28.70  ? 26   GLU A CG  1 
ATOM   235  C  CD  . GLU A 1 26  ? 1.337   8.078   -6.250  1.00 37.58  ? 26   GLU A CD  1 
ATOM   236  O  OE1 . GLU A 1 26  ? 2.227   8.143   -5.375  1.00 42.37  ? 26   GLU A OE1 1 
ATOM   237  O  OE2 . GLU A 1 26  ? 1.580   7.816   -7.448  1.00 42.68  ? 26   GLU A OE2 1 
ATOM   238  N  N   . TRP A 1 27  ? 0.084   5.463   -2.363  1.00 19.65  ? 27   TRP A N   1 
ATOM   239  C  CA  . TRP A 1 27  ? -0.177  4.952   -1.025  1.00 20.29  ? 27   TRP A CA  1 
ATOM   240  C  C   . TRP A 1 27  ? -1.333  5.716   -0.374  1.00 20.54  ? 27   TRP A C   1 
ATOM   241  O  O   . TRP A 1 27  ? -2.214  5.120   0.245   1.00 21.31  ? 27   TRP A O   1 
ATOM   242  C  CB  . TRP A 1 27  ? 1.097   5.082   -0.181  1.00 20.42  ? 27   TRP A CB  1 
ATOM   243  C  CG  . TRP A 1 27  ? 0.995   4.539   1.205   1.00 20.13  ? 27   TRP A CG  1 
ATOM   244  C  CD1 . TRP A 1 27  ? 0.055   3.677   1.690   1.00 21.30  ? 27   TRP A CD1 1 
ATOM   245  C  CD2 . TRP A 1 27  ? 1.911   4.781   2.283   1.00 24.49  ? 27   TRP A CD2 1 
ATOM   246  N  NE1 . TRP A 1 27  ? 0.327   3.366   3.002   1.00 25.64  ? 27   TRP A NE1 1 
ATOM   247  C  CE2 . TRP A 1 27  ? 1.460   4.032   3.391   1.00 23.97  ? 27   TRP A CE2 1 
ATOM   248  C  CE3 . TRP A 1 27  ? 3.069   5.562   2.417   1.00 28.14  ? 27   TRP A CE3 1 
ATOM   249  C  CZ2 . TRP A 1 27  ? 2.129   4.032   4.622   1.00 26.80  ? 27   TRP A CZ2 1 
ATOM   250  C  CZ3 . TRP A 1 27  ? 3.736   5.564   3.643   1.00 25.70  ? 27   TRP A CZ3 1 
ATOM   251  C  CH2 . TRP A 1 27  ? 3.260   4.804   4.726   1.00 26.85  ? 27   TRP A CH2 1 
ATOM   252  N  N   . GLU A 1 28  ? -1.329  7.037   -0.528  1.00 23.48  ? 28   GLU A N   1 
ATOM   253  C  CA  . GLU A 1 28  ? -2.375  7.874   0.051   1.00 24.96  ? 28   GLU A CA  1 
ATOM   254  C  C   . GLU A 1 28  ? -3.760  7.580   -0.518  1.00 27.31  ? 28   GLU A C   1 
ATOM   255  O  O   . GLU A 1 28  ? -4.776  7.819   0.138   1.00 24.25  ? 28   GLU A O   1 
ATOM   256  C  CB  . GLU A 1 28  ? -2.043  9.358   -0.149  1.00 29.63  ? 28   GLU A CB  1 
ATOM   257  C  CG  . GLU A 1 28  ? -0.865  9.859   0.688   1.00 29.01  ? 28   GLU A CG  1 
ATOM   258  C  CD  . GLU A 1 28  ? 0.485   9.627   0.033   1.00 35.42  ? 28   GLU A CD  1 
ATOM   259  O  OE1 . GLU A 1 28  ? 0.569   8.823   -0.919  1.00 31.49  ? 28   GLU A OE1 1 
ATOM   260  O  OE2 . GLU A 1 28  ? 1.473   10.251  0.481   1.00 36.39  ? 28   GLU A OE2 1 
ATOM   261  N  N   . ASP A 1 29  ? -3.807  7.053   -1.736  1.00 25.44  ? 29   ASP A N   1 
ATOM   262  C  CA  . ASP A 1 29  ? -5.092  6.749   -2.357  1.00 24.30  ? 29   ASP A CA  1 
ATOM   263  C  C   . ASP A 1 29  ? -5.862  5.635   -1.661  1.00 24.67  ? 29   ASP A C   1 
ATOM   264  O  O   . ASP A 1 29  ? -7.080  5.537   -1.812  1.00 23.86  ? 29   ASP A O   1 
ATOM   265  C  CB  . ASP A 1 29  ? -4.905  6.399   -3.831  1.00 25.34  ? 29   ASP A CB  1 
ATOM   266  C  CG  . ASP A 1 29  ? -4.418  7.575   -4.649  1.00 26.87  ? 29   ASP A CG  1 
ATOM   267  O  OD1 . ASP A 1 29  ? -4.876  8.709   -4.384  1.00 28.82  ? 29   ASP A OD1 1 
ATOM   268  O  OD2 . ASP A 1 29  ? -3.594  7.368   -5.562  1.00 28.69  ? 29   ASP A OD2 1 
ATOM   269  N  N   . LEU A 1 30  ? -5.169  4.796   -0.896  1.00 22.28  ? 30   LEU A N   1 
ATOM   270  C  CA  . LEU A 1 30  ? -5.852  3.721   -0.190  1.00 24.22  ? 30   LEU A CA  1 
ATOM   271  C  C   . LEU A 1 30  ? -6.796  4.267   0.878   1.00 27.40  ? 30   LEU A C   1 
ATOM   272  O  O   . LEU A 1 30  ? -7.706  3.562   1.309   1.00 25.77  ? 30   LEU A O   1 
ATOM   273  C  CB  . LEU A 1 30  ? -4.848  2.758   0.446   1.00 22.65  ? 30   LEU A CB  1 
ATOM   274  C  CG  . LEU A 1 30  ? -4.051  1.893   -0.530  1.00 20.77  ? 30   LEU A CG  1 
ATOM   275  C  CD1 . LEU A 1 30  ? -3.197  0.909   0.246   1.00 21.95  ? 30   LEU A CD1 1 
ATOM   276  C  CD2 . LEU A 1 30  ? -5.006  1.144   -1.462  1.00 20.60  ? 30   LEU A CD2 1 
ATOM   277  N  N   . ASN A 1 31  ? -6.574  5.507   1.313   1.00 28.07  ? 31   ASN A N   1 
ATOM   278  C  CA  . ASN A 1 31  ? -7.432  6.115   2.313   1.00 30.07  ? 31   ASN A CA  1 
ATOM   279  C  C   . ASN A 1 31  ? -8.543  6.940   1.684   1.00 30.95  ? 31   ASN A C   1 
ATOM   280  O  O   . ASN A 1 31  ? -9.290  7.611   2.377   1.00 29.89  ? 31   ASN A O   1 
ATOM   281  C  CB  . ASN A 1 31  ? -6.626  7.013   3.257   1.00 35.75  ? 31   ASN A CB  1 
ATOM   282  C  CG  . ASN A 1 31  ? -5.943  6.252   4.376   1.00 39.05  ? 31   ASN A CG  1 
ATOM   283  O  OD1 . ASN A 1 31  ? -6.451  5.254   4.870   1.00 45.98  ? 31   ASN A OD1 1 
ATOM   284  N  ND2 . ASN A 1 31  ? -4.778  6.747   4.795   1.00 41.71  ? 31   ASN A ND2 1 
ATOM   285  N  N   . LYS A 1 32  ? -8.668  6.859   0.369   1.00 28.44  ? 32   LYS A N   1 
ATOM   286  C  CA  . LYS A 1 32  ? -9.701  7.603   -0.326  1.00 28.27  ? 32   LYS A CA  1 
ATOM   287  C  C   . LYS A 1 32  ? -10.766 6.668   -0.849  1.00 27.17  ? 32   LYS A C   1 
ATOM   288  O  O   . LYS A 1 32  ? -10.508 5.485   -1.062  1.00 27.38  ? 32   LYS A O   1 
ATOM   289  C  CB  . LYS A 1 32  ? -9.091  8.407   -1.478  1.00 30.78  ? 32   LYS A CB  1 
ATOM   290  C  CG  . LYS A 1 32  ? -8.047  9.402   -1.012  1.00 36.16  ? 32   LYS A CG  1 
ATOM   291  C  CD  . LYS A 1 32  ? -7.250  9.985   -2.157  1.00 48.64  ? 32   LYS A CD  1 
ATOM   292  C  CE  . LYS A 1 32  ? -6.119  10.851  -1.617  1.00 54.33  ? 32   LYS A CE  1 
ATOM   293  N  NZ  . LYS A 1 32  ? -5.159  11.285  -2.668  1.00 100.00 ? 32   LYS A NZ  1 
ATOM   294  N  N   . ARG A 1 33  ? -11.972 7.191   -1.024  1.00 24.74  ? 33   ARG A N   1 
ATOM   295  C  CA  . ARG A 1 33  ? -13.057 6.387   -1.557  1.00 22.87  ? 33   ARG A CA  1 
ATOM   296  C  C   . ARG A 1 33  ? -13.497 7.013   -2.868  1.00 21.14  ? 33   ARG A C   1 
ATOM   297  O  O   . ARG A 1 33  ? -14.442 6.545   -3.503  1.00 18.21  ? 33   ARG A O   1 
ATOM   298  C  CB  . ARG A 1 33  ? -14.227 6.301   -0.569  1.00 25.82  ? 33   ARG A CB  1 
ATOM   299  C  CG  . ARG A 1 33  ? -14.601 7.595   0.128   1.00 29.57  ? 33   ARG A CG  1 
ATOM   300  C  CD  . ARG A 1 33  ? -15.930 7.431   0.881   1.00 33.03  ? 33   ARG A CD  1 
ATOM   301  N  NE  . ARG A 1 33  ? -17.079 7.338   -0.066  0.50 41.85  ? 33   ARG A NE  1 
ATOM   302  C  CZ  . ARG A 1 33  ? -17.555 8.289   -0.866  0.50 45.89  ? 33   ARG A CZ  1 
ATOM   303  N  NH1 . ARG A 1 33  ? -17.006 9.492   -0.856  0.50 48.40  ? 33   ARG A NH1 1 
ATOM   304  N  NH2 . ARG A 1 33  ? -18.576 8.049   -1.675  0.50 46.58  ? 33   ARG A NH2 1 
ATOM   305  N  N   . ILE A 1 34  ? -12.790 8.073   -3.260  1.00 19.49  ? 34   ILE A N   1 
ATOM   306  C  CA  A ILE A 1 34  ? -13.077 8.786   -4.500  0.50 19.65  ? 34   ILE A CA  1 
ATOM   307  C  CA  B ILE A 1 34  ? -13.073 8.794   -4.501  0.50 20.02  ? 34   ILE A CA  1 
ATOM   308  C  C   . ILE A 1 34  ? -11.775 9.024   -5.274  1.00 15.88  ? 34   ILE A C   1 
ATOM   309  O  O   . ILE A 1 34  ? -10.844 9.649   -4.768  1.00 18.89  ? 34   ILE A O   1 
ATOM   310  C  CB  A ILE A 1 34  ? -13.754 10.151  -4.199  0.50 21.40  ? 34   ILE A CB  1 
ATOM   311  C  CB  B ILE A 1 34  ? -13.704 10.186  -4.230  0.50 18.82  ? 34   ILE A CB  1 
ATOM   312  C  CG1 A ILE A 1 34  ? -14.219 10.812  -5.497  0.50 28.26  ? 34   ILE A CG1 1 
ATOM   313  C  CG1 B ILE A 1 34  ? -15.015 10.048  -3.449  0.50 17.70  ? 34   ILE A CG1 1 
ATOM   314  C  CG2 A ILE A 1 34  ? -12.797 11.060  -3.454  0.50 23.55  ? 34   ILE A CG2 1 
ATOM   315  C  CG2 B ILE A 1 34  ? -13.959 10.899  -5.547  0.50 25.64  ? 34   ILE A CG2 1 
ATOM   316  C  CD1 A ILE A 1 34  ? -15.496 10.226  -6.045  0.50 31.42  ? 34   ILE A CD1 1 
ATOM   317  C  CD1 B ILE A 1 34  ? -16.130 9.351   -4.209  0.50 18.08  ? 34   ILE A CD1 1 
ATOM   318  N  N   . LEU A 1 35  ? -11.704 8.511   -6.497  1.00 15.56  ? 35   LEU A N   1 
ATOM   319  C  CA  . LEU A 1 35  ? -10.518 8.694   -7.322  1.00 15.75  ? 35   LEU A CA  1 
ATOM   320  C  C   . LEU A 1 35  ? -10.783 8.227   -8.742  1.00 16.47  ? 35   LEU A C   1 
ATOM   321  O  O   . LEU A 1 35  ? -11.696 7.443   -8.985  1.00 17.88  ? 35   LEU A O   1 
ATOM   322  C  CB  . LEU A 1 35  ? -9.319  7.945   -6.727  1.00 24.94  ? 35   LEU A CB  1 
ATOM   323  C  CG  . LEU A 1 35  ? -9.328  6.418   -6.680  1.00 24.67  ? 35   LEU A CG  1 
ATOM   324  C  CD1 . LEU A 1 35  ? -8.962  5.859   -8.048  1.00 33.59  ? 35   LEU A CD1 1 
ATOM   325  C  CD2 . LEU A 1 35  ? -8.314  5.942   -5.646  1.00 28.64  ? 35   LEU A CD2 1 
ATOM   326  N  N   . ARG A 1 36  ? -9.995  8.727   -9.681  1.00 14.72  ? 36   ARG A N   1 
ATOM   327  C  CA  . ARG A 1 36  ? -10.158 8.326   -11.067 1.00 16.48  ? 36   ARG A CA  1 
ATOM   328  C  C   . ARG A 1 36  ? -8.804  8.124   -11.716 1.00 16.82  ? 36   ARG A C   1 
ATOM   329  O  O   . ARG A 1 36  ? -7.961  9.020   -11.709 1.00 18.02  ? 36   ARG A O   1 
ATOM   330  C  CB  . ARG A 1 36  ? -10.943 9.375   -11.846 1.00 17.98  ? 36   ARG A CB  1 
ATOM   331  C  CG  . ARG A 1 36  ? -11.280 8.919   -13.245 1.00 17.87  ? 36   ARG A CG  1 
ATOM   332  C  CD  . ARG A 1 36  ? -12.023 9.985   -14.007 1.00 18.53  ? 36   ARG A CD  1 
ATOM   333  N  NE  . ARG A 1 36  ? -12.445 9.513   -15.318 1.00 16.93  ? 36   ARG A NE  1 
ATOM   334  C  CZ  . ARG A 1 36  ? -13.084 10.268  -16.202 1.00 19.99  ? 36   ARG A CZ  1 
ATOM   335  N  NH1 . ARG A 1 36  ? -13.367 11.529  -15.904 1.00 22.62  ? 36   ARG A NH1 1 
ATOM   336  N  NH2 . ARG A 1 36  ? -13.444 9.763   -17.375 1.00 20.26  ? 36   ARG A NH2 1 
ATOM   337  N  N   . LYS A 1 37  ? -8.599  6.941   -12.280 1.00 13.53  ? 37   LYS A N   1 
ATOM   338  C  CA  . LYS A 1 37  ? -7.336  6.626   -12.928 1.00 15.13  ? 37   LYS A CA  1 
ATOM   339  C  C   . LYS A 1 37  ? -7.555  5.495   -13.920 1.00 16.60  ? 37   LYS A C   1 
ATOM   340  O  O   . LYS A 1 37  ? -8.567  4.808   -13.861 1.00 15.28  ? 37   LYS A O   1 
ATOM   341  C  CB  . LYS A 1 37  ? -6.307  6.212   -11.876 1.00 20.09  ? 37   LYS A CB  1 
ATOM   342  C  CG  . LYS A 1 37  ? -4.881  6.076   -12.393 1.00 26.72  ? 37   LYS A CG  1 
ATOM   343  C  CD  . LYS A 1 37  ? -3.897  5.999   -11.231 1.00 25.08  ? 37   LYS A CD  1 
ATOM   344  C  CE  . LYS A 1 37  ? -2.454  5.971   -11.716 1.00 28.28  ? 37   LYS A CE  1 
ATOM   345  N  NZ  . LYS A 1 37  ? -2.129  4.709   -12.439 1.00 23.86  ? 37   LYS A NZ  1 
ATOM   346  N  N   . GLU A 1 38  ? -6.609  5.310   -14.836 1.00 14.95  ? 38   GLU A N   1 
ATOM   347  C  CA  A GLU A 1 38  ? -6.713  4.246   -15.835 0.50 15.64  ? 38   GLU A CA  1 
ATOM   348  C  CA  B GLU A 1 38  ? -6.710  4.263   -15.844 0.50 14.35  ? 38   GLU A CA  1 
ATOM   349  C  C   . GLU A 1 38  ? -5.944  3.016   -15.385 1.00 13.44  ? 38   GLU A C   1 
ATOM   350  O  O   . GLU A 1 38  ? -4.877  3.128   -14.784 1.00 12.95  ? 38   GLU A O   1 
ATOM   351  C  CB  A GLU A 1 38  ? -6.153  4.697   -17.190 0.50 19.53  ? 38   GLU A CB  1 
ATOM   352  C  CB  B GLU A 1 38  ? -6.137  4.791   -17.164 0.50 14.79  ? 38   GLU A CB  1 
ATOM   353  C  CG  A GLU A 1 38  ? -6.956  5.771   -17.883 0.50 24.58  ? 38   GLU A CG  1 
ATOM   354  C  CG  B GLU A 1 38  ? -6.273  3.863   -18.355 0.50 15.11  ? 38   GLU A CG  1 
ATOM   355  C  CD  A GLU A 1 38  ? -6.525  5.981   -19.317 0.50 29.58  ? 38   GLU A CD  1 
ATOM   356  C  CD  B GLU A 1 38  ? -5.735  4.492   -19.635 0.50 19.63  ? 38   GLU A CD  1 
ATOM   357  O  OE1 A GLU A 1 38  ? -5.328  6.255   -19.548 0.50 32.75  ? 38   GLU A OE1 1 
ATOM   358  O  OE1 B GLU A 1 38  ? -6.280  5.527   -20.067 0.50 24.53  ? 38   GLU A OE1 1 
ATOM   359  O  OE2 A GLU A 1 38  ? -7.394  5.869   -20.208 0.50 30.86  ? 38   GLU A OE2 1 
ATOM   360  O  OE2 B GLU A 1 38  ? -4.766  3.954   -20.205 0.50 21.48  ? 38   GLU A OE2 1 
ATOM   361  N  N   . THR A 1 39  ? -6.496  1.837   -15.666 1.00 12.50  ? 39   THR A N   1 
ATOM   362  C  CA  . THR A 1 39  ? -5.829  0.591   -15.287 1.00 13.62  ? 39   THR A CA  1 
ATOM   363  C  C   . THR A 1 39  ? -4.645  0.396   -16.218 1.00 12.27  ? 39   THR A C   1 
ATOM   364  O  O   . THR A 1 39  ? -4.532  1.085   -17.230 1.00 15.18  ? 39   THR A O   1 
ATOM   365  C  CB  . THR A 1 39  ? -6.727  -0.633  -15.461 1.00 13.75  ? 39   THR A CB  1 
ATOM   366  O  OG1 . THR A 1 39  ? -7.091  -0.765  -16.841 1.00 12.77  ? 39   THR A OG1 1 
ATOM   367  C  CG2 . THR A 1 39  ? -7.974  -0.513  -14.604 1.00 12.05  ? 39   THR A CG2 1 
ATOM   368  N  N   . GLU A 1 40  ? -3.782  -0.561  -15.894 1.00 10.99  ? 40   GLU A N   1 
ATOM   369  C  CA  . GLU A 1 40  ? -2.612  -0.815  -16.724 1.00 11.38  ? 40   GLU A CA  1 
ATOM   370  C  C   . GLU A 1 40  ? -2.993  -1.162  -18.155 1.00 16.01  ? 40   GLU A C   1 
ATOM   371  O  O   . GLU A 1 40  ? -2.269  -0.825  -19.090 1.00 16.85  ? 40   GLU A O   1 
ATOM   372  C  CB  . GLU A 1 40  ? -1.771  -1.932  -16.103 1.00 15.17  ? 40   GLU A CB  1 
ATOM   373  C  CG  . GLU A 1 40  ? -1.153  -1.509  -14.775 1.00 19.14  ? 40   GLU A CG  1 
ATOM   374  C  CD  . GLU A 1 40  ? -0.258  -0.291  -14.925 1.00 26.37  ? 40   GLU A CD  1 
ATOM   375  O  OE1 . GLU A 1 40  ? 0.820   -0.425  -15.545 1.00 25.70  ? 40   GLU A OE1 1 
ATOM   376  O  OE2 . GLU A 1 40  ? -0.631  0.800   -14.435 1.00 23.25  ? 40   GLU A OE2 1 
ATOM   377  N  N   . ASN A 1 41  ? -4.141  -1.812  -18.328 1.00 12.74  ? 41   ASN A N   1 
ATOM   378  C  CA  . ASN A 1 41  ? -4.585  -2.192  -19.657 1.00 16.43  ? 41   ASN A CA  1 
ATOM   379  C  C   . ASN A 1 41  ? -5.468  -1.155  -20.347 1.00 19.80  ? 41   ASN A C   1 
ATOM   380  O  O   . ASN A 1 41  ? -6.035  -1.426  -21.408 1.00 23.53  ? 41   ASN A O   1 
ATOM   381  C  CB  . ASN A 1 41  ? -5.281  -3.550  -19.603 1.00 17.67  ? 41   ASN A CB  1 
ATOM   382  C  CG  . ASN A 1 41  ? -4.302  -4.685  -19.344 1.00 24.74  ? 41   ASN A CG  1 
ATOM   383  O  OD1 . ASN A 1 41  ? -3.407  -4.935  -20.146 1.00 31.26  ? 41   ASN A OD1 1 
ATOM   384  N  ND2 . ASN A 1 41  ? -4.461  -5.363  -18.215 1.00 34.75  ? 41   ASN A ND2 1 
ATOM   385  N  N   . GLY A 1 42  ? -5.592  0.022   -19.735 1.00 18.42  ? 42   GLY A N   1 
ATOM   386  C  CA  . GLY A 1 42  ? -6.350  1.102   -20.345 1.00 17.93  ? 42   GLY A CA  1 
ATOM   387  C  C   . GLY A 1 42  ? -7.807  1.352   -20.001 1.00 18.61  ? 42   GLY A C   1 
ATOM   388  O  O   . GLY A 1 42  ? -8.456  2.159   -20.673 1.00 22.11  ? 42   GLY A O   1 
ATOM   389  N  N   . THR A 1 43  ? -8.328  0.695   -18.972 1.00 15.27  ? 43   THR A N   1 
ATOM   390  C  CA  . THR A 1 43  ? -9.722  0.900   -18.601 1.00 15.22  ? 43   THR A CA  1 
ATOM   391  C  C   . THR A 1 43  ? -9.868  2.096   -17.664 1.00 16.52  ? 43   THR A C   1 
ATOM   392  O  O   . THR A 1 43  ? -9.167  2.204   -16.666 1.00 15.47  ? 43   THR A O   1 
ATOM   393  C  CB  . THR A 1 43  ? -10.315 -0.368  -17.946 1.00 18.57  ? 43   THR A CB  1 
ATOM   394  O  OG1 . THR A 1 43  ? -10.347 -1.431  -18.909 1.00 21.64  ? 43   THR A OG1 1 
ATOM   395  C  CG2 . THR A 1 43  ? -11.732 -0.108  -17.453 1.00 22.10  ? 43   THR A CG2 1 
ATOM   396  N  N   . ASP A 1 44  ? -10.775 3.002   -18.020 1.00 15.79  ? 44   ASP A N   1 
ATOM   397  C  CA  . ASP A 1 44  ? -11.050 4.207   -17.240 1.00 16.05  ? 44   ASP A CA  1 
ATOM   398  C  C   . ASP A 1 44  ? -11.862 3.791   -16.011 1.00 14.99  ? 44   ASP A C   1 
ATOM   399  O  O   . ASP A 1 44  ? -12.959 3.264   -16.145 1.00 17.28  ? 44   ASP A O   1 
ATOM   400  C  CB  . ASP A 1 44  ? -11.842 5.176   -18.129 1.00 19.48  ? 44   ASP A CB  1 
ATOM   401  C  CG  . ASP A 1 44  ? -12.216 6.473   -17.433 1.00 23.62  ? 44   ASP A CG  1 
ATOM   402  O  OD1 . ASP A 1 44  ? -11.664 6.798   -16.361 1.00 20.16  ? 44   ASP A OD1 1 
ATOM   403  O  OD2 . ASP A 1 44  ? -13.073 7.186   -17.997 1.00 27.85  ? 44   ASP A OD2 1 
ATOM   404  N  N   . ILE A 1 45  ? -11.311 4.016   -14.822 1.00 11.72  ? 45   ILE A N   1 
ATOM   405  C  CA  . ILE A 1 45  ? -11.994 3.652   -13.577 1.00 14.14  ? 45   ILE A CA  1 
ATOM   406  C  C   . ILE A 1 45  ? -12.210 4.846   -12.650 1.00 12.81  ? 45   ILE A C   1 
ATOM   407  O  O   . ILE A 1 45  ? -11.261 5.543   -12.293 1.00 15.04  ? 45   ILE A O   1 
ATOM   408  C  CB  . ILE A 1 45  ? -11.183 2.629   -12.756 1.00 13.71  ? 45   ILE A CB  1 
ATOM   409  C  CG1 . ILE A 1 45  ? -11.020 1.323   -13.538 1.00 13.07  ? 45   ILE A CG1 1 
ATOM   410  C  CG2 . ILE A 1 45  ? -11.868 2.399   -11.401 1.00 16.74  ? 45   ILE A CG2 1 
ATOM   411  C  CD1 . ILE A 1 45  ? -12.299 0.544   -13.709 1.00 18.82  ? 45   ILE A CD1 1 
ATOM   412  N  N   . ALA A 1 46  ? -13.458 5.070   -12.260 1.00 14.28  ? 46   ALA A N   1 
ATOM   413  C  CA  . ALA A 1 46  ? -13.767 6.129   -11.316 1.00 14.36  ? 46   ALA A CA  1 
ATOM   414  C  C   . ALA A 1 46  ? -14.298 5.402   -10.093 1.00 12.98  ? 46   ALA A C   1 
ATOM   415  O  O   . ALA A 1 46  ? -15.373 4.806   -10.144 1.00 14.25  ? 46   ALA A O   1 
ATOM   416  C  CB  . ALA A 1 46  ? -14.836 7.067   -11.866 1.00 14.87  ? 46   ALA A CB  1 
ATOM   417  N  N   . ILE A 1 47  ? -13.531 5.426   -9.012  1.00 12.10  ? 47   ILE A N   1 
ATOM   418  C  CA  . ILE A 1 47  ? -13.960 4.783   -7.785  1.00 11.23  ? 47   ILE A CA  1 
ATOM   419  C  C   . ILE A 1 47  ? -14.751 5.819   -7.014  1.00 14.55  ? 47   ILE A C   1 
ATOM   420  O  O   . ILE A 1 47  ? -14.259 6.914   -6.762  1.00 15.73  ? 47   ILE A O   1 
ATOM   421  C  CB  . ILE A 1 47  ? -12.764 4.335   -6.914  1.00 13.56  ? 47   ILE A CB  1 
ATOM   422  C  CG1 . ILE A 1 47  ? -11.938 3.282   -7.658  1.00 11.63  ? 47   ILE A CG1 1 
ATOM   423  C  CG2 . ILE A 1 47  ? -13.265 3.752   -5.602  1.00 13.95  ? 47   ILE A CG2 1 
ATOM   424  C  CD1 . ILE A 1 47  ? -10.735 2.787   -6.872  1.00 16.15  ? 47   ILE A CD1 1 
ATOM   425  N  N   . LYS A 1 48  ? -15.984 5.471   -6.668  1.00 12.63  ? 48   LYS A N   1 
ATOM   426  C  CA  . LYS A 1 48  ? -16.855 6.352   -5.893  1.00 12.09  ? 48   LYS A CA  1 
ATOM   427  C  C   . LYS A 1 48  ? -17.598 5.448   -4.923  1.00 11.89  ? 48   LYS A C   1 
ATOM   428  O  O   . LYS A 1 48  ? -18.787 5.204   -5.078  1.00 13.92  ? 48   LYS A O   1 
ATOM   429  C  CB  . LYS A 1 48  ? -17.847 7.065   -6.808  1.00 13.80  ? 48   LYS A CB  1 
ATOM   430  C  CG  . LYS A 1 48  ? -17.195 7.999   -7.804  1.00 13.96  ? 48   LYS A CG  1 
ATOM   431  C  CD  . LYS A 1 48  ? -18.253 8.763   -8.569  1.00 14.07  ? 48   LYS A CD  1 
ATOM   432  C  CE  . LYS A 1 48  ? -17.643 9.865   -9.417  1.00 17.84  ? 48   LYS A CE  1 
ATOM   433  N  NZ  . LYS A 1 48  ? -18.727 10.719  -9.975  1.00 17.21  ? 48   LYS A NZ  1 
ATOM   434  N  N   . LEU A 1 49  ? -16.877 4.955   -3.922  1.00 13.87  ? 49   LEU A N   1 
ATOM   435  C  CA  . LEU A 1 49  ? -17.453 4.027   -2.948  1.00 13.53  ? 49   LEU A CA  1 
ATOM   436  C  C   . LEU A 1 49  ? -18.657 4.597   -2.212  1.00 17.32  ? 49   LEU A C   1 
ATOM   437  O  O   . LEU A 1 49  ? -18.593 5.691   -1.658  1.00 19.83  ? 49   LEU A O   1 
ATOM   438  C  CB  . LEU A 1 49  ? -16.382 3.596   -1.945  1.00 16.85  ? 49   LEU A CB  1 
ATOM   439  C  CG  . LEU A 1 49  ? -15.152 2.915   -2.555  1.00 18.91  ? 49   LEU A CG  1 
ATOM   440  C  CD1 . LEU A 1 49  ? -14.268 2.405   -1.438  1.00 20.87  ? 49   LEU A CD1 1 
ATOM   441  C  CD2 . LEU A 1 49  ? -15.578 1.764   -3.458  1.00 19.90  ? 49   LEU A CD2 1 
ATOM   442  N  N   . GLU A 1 50  ? -19.749 3.841   -2.208  1.00 16.68  ? 50   GLU A N   1 
ATOM   443  C  CA  A GLU A 1 50  ? -20.978 4.268   -1.546  0.50 17.25  ? 50   GLU A CA  1 
ATOM   444  C  CA  B GLU A 1 50  ? -20.973 4.280   -1.545  0.50 16.75  ? 50   GLU A CA  1 
ATOM   445  C  C   A GLU A 1 50  ? -20.998 3.803   -0.097  0.50 17.07  ? 50   GLU A C   1 
ATOM   446  C  C   B GLU A 1 50  ? -20.998 3.808   -0.096  0.50 16.59  ? 50   GLU A C   1 
ATOM   447  O  O   . GLU A 1 50  ? -22.061 3.550   0.467   1.00 20.31  ? 50   GLU A O   1 
ATOM   448  C  CB  A GLU A 1 50  ? -22.199 3.704   -2.283  0.50 19.54  ? 50   GLU A CB  1 
ATOM   449  C  CB  B GLU A 1 50  ? -22.190 3.735   -2.293  0.50 19.45  ? 50   GLU A CB  1 
ATOM   450  C  CG  A GLU A 1 50  ? -22.267 4.087   -3.754  0.50 23.97  ? 50   GLU A CG  1 
ATOM   451  C  CG  B GLU A 1 50  ? -22.191 2.225   -2.420  0.50 18.08  ? 50   GLU A CG  1 
ATOM   452  C  CD  A GLU A 1 50  ? -23.474 3.500   -4.462  0.50 25.39  ? 50   GLU A CD  1 
ATOM   453  C  CD  B GLU A 1 50  ? -23.321 1.707   -3.279  0.50 28.72  ? 50   GLU A CD  1 
ATOM   454  O  OE1 A GLU A 1 50  ? -23.735 2.288   -4.297  0.50 26.45  ? 50   GLU A OE1 1 
ATOM   455  O  OE1 B GLU A 1 50  ? -24.497 1.981   -2.959  0.50 29.82  ? 50   GLU A OE1 1 
ATOM   456  O  OE2 A GLU A 1 50  ? -24.160 4.244   -5.193  0.50 26.04  ? 50   GLU A OE2 1 
ATOM   457  O  OE2 B GLU A 1 50  ? -23.031 0.997   -4.266  0.50 30.51  ? 50   GLU A OE2 1 
ATOM   458  N  N   . ASN A 1 51  ? -19.819 3.705   0.506   1.00 14.10  ? 51   ASN A N   1 
ATOM   459  C  CA  . ASN A 1 51  ? -19.717 3.262   1.884   1.00 15.92  ? 51   ASN A CA  1 
ATOM   460  C  C   . ASN A 1 51  ? -18.426 3.773   2.514   1.00 17.72  ? 51   ASN A C   1 
ATOM   461  O  O   . ASN A 1 51  ? -17.572 4.347   1.831   1.00 19.74  ? 51   ASN A O   1 
ATOM   462  C  CB  . ASN A 1 51  ? -19.771 1.737   1.935   1.00 19.11  ? 51   ASN A CB  1 
ATOM   463  C  CG  . ASN A 1 51  ? -18.637 1.100   1.164   1.00 18.56  ? 51   ASN A CG  1 
ATOM   464  O  OD1 . ASN A 1 51  ? -17.492 1.099   1.622   1.00 16.79  ? 51   ASN A OD1 1 
ATOM   465  N  ND2 . ASN A 1 51  ? -18.940 0.561   -0.007  1.00 21.16  ? 51   ASN A ND2 1 
ATOM   466  N  N   . SER A 1 52  ? -18.292 3.569   3.820   1.00 17.07  ? 52   SER A N   1 
ATOM   467  C  CA  . SER A 1 52  ? -17.125 4.036   4.557   1.00 20.01  ? 52   SER A CA  1 
ATOM   468  C  C   . SER A 1 52  ? -16.012 3.001   4.657   1.00 21.53  ? 52   SER A C   1 
ATOM   469  O  O   . SER A 1 52  ? -15.033 3.210   5.375   1.00 23.63  ? 52   SER A O   1 
ATOM   470  C  CB  . SER A 1 52  ? -17.548 4.473   5.963   1.00 20.11  ? 52   SER A CB  1 
ATOM   471  O  OG  . SER A 1 52  ? -18.044 3.372   6.706   1.00 22.01  ? 52   SER A OG  1 
ATOM   472  N  N   . GLY A 1 53  ? -16.161 1.893   3.937   1.00 21.01  ? 53   GLY A N   1 
ATOM   473  C  CA  . GLY A 1 53  ? -15.143 0.854   3.972   1.00 22.41  ? 53   GLY A CA  1 
ATOM   474  C  C   . GLY A 1 53  ? -13.848 1.295   3.315   1.00 23.96  ? 53   GLY A C   1 
ATOM   475  O  O   . GLY A 1 53  ? -13.843 1.754   2.176   1.00 23.19  ? 53   GLY A O   1 
ATOM   476  N  N   . THR A 1 54  ? -12.742 1.148   4.036   1.00 21.38  ? 54   THR A N   1 
ATOM   477  C  CA  . THR A 1 54  ? -11.443 1.543   3.515   1.00 23.98  ? 54   THR A CA  1 
ATOM   478  C  C   . THR A 1 54  ? -10.949 0.559   2.463   1.00 21.34  ? 54   THR A C   1 
ATOM   479  O  O   . THR A 1 54  ? -11.093 -0.656  2.626   1.00 24.46  ? 54   THR A O   1 
ATOM   480  C  CB  . THR A 1 54  ? -10.399 1.608   4.643   1.00 27.42  ? 54   THR A CB  1 
ATOM   481  O  OG1 . THR A 1 54  ? -10.883 2.460   5.691   1.00 30.17  ? 54   THR A OG1 1 
ATOM   482  C  CG2 . THR A 1 54  ? -9.085  2.154   4.114   1.00 25.95  ? 54   THR A CG2 1 
ATOM   483  N  N   . LEU A 1 55  ? -10.372 1.090   1.387   1.00 21.82  ? 55   LEU A N   1 
ATOM   484  C  CA  . LEU A 1 55  ? -9.833  0.254   0.322   1.00 23.73  ? 55   LEU A CA  1 
ATOM   485  C  C   . LEU A 1 55  ? -8.686  -0.568  0.874   1.00 26.15  ? 55   LEU A C   1 
ATOM   486  O  O   . LEU A 1 55  ? -7.931  -0.112  1.740   1.00 28.63  ? 55   LEU A O   1 
ATOM   487  C  CB  . LEU A 1 55  ? -9.293  1.101   -0.829  1.00 20.43  ? 55   LEU A CB  1 
ATOM   488  C  CG  . LEU A 1 55  ? -10.257 1.854   -1.736  1.00 20.64  ? 55   LEU A CG  1 
ATOM   489  C  CD1 . LEU A 1 55  ? -9.476  2.768   -2.667  1.00 22.85  ? 55   LEU A CD1 1 
ATOM   490  C  CD2 . LEU A 1 55  ? -11.081 0.848   -2.531  1.00 22.81  ? 55   LEU A CD2 1 
ATOM   491  N  N   . ARG A 1 56  ? -8.557  -1.781  0.361   1.00 22.52  ? 56   ARG A N   1 
ATOM   492  C  CA  . ARG A 1 56  ? -7.491  -2.676  0.770   1.00 22.68  ? 56   ARG A CA  1 
ATOM   493  C  C   . ARG A 1 56  ? -6.683  -3.012  -0.471  1.00 19.34  ? 56   ARG A C   1 
ATOM   494  O  O   . ARG A 1 56  ? -7.227  -3.143  -1.570  1.00 15.60  ? 56   ARG A O   1 
ATOM   495  C  CB  . ARG A 1 56  ? -8.057  -3.981  1.329   1.00 22.25  ? 56   ARG A CB  1 
ATOM   496  C  CG  . ARG A 1 56  ? -9.012  -3.839  2.500   1.00 31.71  ? 56   ARG A CG  1 
ATOM   497  C  CD  . ARG A 1 56  ? -9.815  -5.123  2.677   1.00 32.18  ? 56   ARG A CD  1 
ATOM   498  N  NE  . ARG A 1 56  ? -8.966  -6.288  2.911   1.00 39.06  ? 56   ARG A NE  1 
ATOM   499  C  CZ  . ARG A 1 56  ? -9.398  -7.547  2.895   1.00 40.60  ? 56   ARG A CZ  1 
ATOM   500  N  NH1 . ARG A 1 56  ? -10.674 -7.817  2.651   1.00 39.07  ? 56   ARG A NH1 1 
ATOM   501  N  NH2 . ARG A 1 56  ? -8.551  -8.543  3.134   1.00 41.60  ? 56   ARG A NH2 1 
ATOM   502  N  N   . TYR A 1 57  ? -5.378  -3.137  -0.287  1.00 19.20  ? 57   TYR A N   1 
ATOM   503  C  CA  . TYR A 1 57  ? -4.484  -3.524  -1.360  1.00 17.21  ? 57   TYR A CA  1 
ATOM   504  C  C   . TYR A 1 57  ? -4.984  -4.906  -1.784  1.00 13.47  ? 57   TYR A C   1 
ATOM   505  O  O   . TYR A 1 57  ? -5.163  -5.782  -0.939  1.00 17.05  ? 57   TYR A O   1 
ATOM   506  C  CB  . TYR A 1 57  ? -3.068  -3.612  -0.789  1.00 19.81  ? 57   TYR A CB  1 
ATOM   507  C  CG  . TYR A 1 57  ? -1.999  -4.080  -1.746  1.00 17.95  ? 57   TYR A CG  1 
ATOM   508  C  CD1 . TYR A 1 57  ? -1.935  -5.409  -2.164  1.00 20.59  ? 57   TYR A CD1 1 
ATOM   509  C  CD2 . TYR A 1 57  ? -1.017  -3.196  -2.197  1.00 21.27  ? 57   TYR A CD2 1 
ATOM   510  C  CE1 . TYR A 1 57  ? -0.916  -5.847  -3.006  1.00 22.01  ? 57   TYR A CE1 1 
ATOM   511  C  CE2 . TYR A 1 57  ? 0.005   -3.624  -3.036  1.00 21.56  ? 57   TYR A CE2 1 
ATOM   512  C  CZ  . TYR A 1 57  ? 0.052   -4.946  -3.434  1.00 21.29  ? 57   TYR A CZ  1 
ATOM   513  O  OH  . TYR A 1 57  ? 1.074   -5.364  -4.255  1.00 23.42  ? 57   TYR A OH  1 
ATOM   514  N  N   . GLY A 1 58  ? -5.239  -5.100  -3.075  1.00 13.63  ? 58   GLY A N   1 
ATOM   515  C  CA  . GLY A 1 58  ? -5.724  -6.387  -3.541  1.00 14.44  ? 58   GLY A CA  1 
ATOM   516  C  C   . GLY A 1 58  ? -7.230  -6.453  -3.721  1.00 13.62  ? 58   GLY A C   1 
ATOM   517  O  O   . GLY A 1 58  ? -7.768  -7.460  -4.186  1.00 11.84  ? 58   GLY A O   1 
ATOM   518  N  N   . ASP A 1 59  ? -7.932  -5.389  -3.342  1.00 13.40  ? 59   ASP A N   1 
ATOM   519  C  CA  . ASP A 1 59  ? -9.382  -5.378  -3.499  1.00 13.89  ? 59   ASP A CA  1 
ATOM   520  C  C   . ASP A 1 59  ? -9.750  -5.483  -4.974  1.00 11.65  ? 59   ASP A C   1 
ATOM   521  O  O   . ASP A 1 59  ? -9.089  -4.887  -5.835  1.00 13.24  ? 59   ASP A O   1 
ATOM   522  C  CB  . ASP A 1 59  ? -9.974  -4.086  -2.932  1.00 12.87  ? 59   ASP A CB  1 
ATOM   523  C  CG  . ASP A 1 59  ? -10.302 -4.182  -1.453  1.00 14.69  ? 59   ASP A CG  1 
ATOM   524  O  OD1 . ASP A 1 59  ? -10.652 -3.134  -0.875  1.00 16.24  ? 59   ASP A OD1 1 
ATOM   525  O  OD2 . ASP A 1 59  ? -10.228 -5.287  -0.872  1.00 15.64  ? 59   ASP A OD2 1 
ATOM   526  N  N   . VAL A 1 60  ? -10.808 -6.237  -5.262  1.00 13.08  ? 60   VAL A N   1 
ATOM   527  C  CA  . VAL A 1 60  ? -11.286 -6.411  -6.630  1.00 10.62  ? 60   VAL A CA  1 
ATOM   528  C  C   . VAL A 1 60  ? -12.403 -5.412  -6.914  1.00 13.87  ? 60   VAL A C   1 
ATOM   529  O  O   . VAL A 1 60  ? -13.408 -5.358  -6.203  1.00 14.02  ? 60   VAL A O   1 
ATOM   530  C  CB  . VAL A 1 60  ? -11.807 -7.843  -6.855  1.00 12.04  ? 60   VAL A CB  1 
ATOM   531  C  CG1 . VAL A 1 60  ? -12.336 -8.003  -8.280  1.00 13.82  ? 60   VAL A CG1 1 
ATOM   532  C  CG2 . VAL A 1 60  ? -10.680 -8.836  -6.589  1.00 13.73  ? 60   VAL A CG2 1 
ATOM   533  N  N   . LEU A 1 61  ? -12.208 -4.619  -7.958  1.00 12.58  ? 61   LEU A N   1 
ATOM   534  C  CA  . LEU A 1 61  ? -13.155 -3.580  -8.344  1.00 12.69  ? 61   LEU A CA  1 
ATOM   535  C  C   . LEU A 1 61  ? -14.188 -4.058  -9.351  1.00 14.60  ? 61   LEU A C   1 
ATOM   536  O  O   . LEU A 1 61  ? -15.317 -3.562  -9.390  1.00 13.53  ? 61   LEU A O   1 
ATOM   537  C  CB  . LEU A 1 61  ? -12.385 -2.398  -8.952  1.00 11.69  ? 61   LEU A CB  1 
ATOM   538  C  CG  . LEU A 1 61  ? -11.228 -1.842  -8.111  1.00 13.90  ? 61   LEU A CG  1 
ATOM   539  C  CD1 . LEU A 1 61  ? -10.606 -0.653  -8.823  1.00 16.80  ? 61   LEU A CD1 1 
ATOM   540  C  CD2 . LEU A 1 61  ? -11.737 -1.424  -6.740  1.00 19.03  ? 61   LEU A CD2 1 
ATOM   541  N  N   . TYR A 1 62  ? -13.782 -5.017  -10.174 1.00 12.30  ? 62   TYR A N   1 
ATOM   542  C  CA  . TYR A 1 62  ? -14.634 -5.545  -11.222 1.00 13.91  ? 62   TYR A CA  1 
ATOM   543  C  C   . TYR A 1 62  ? -14.161 -6.940  -11.607 1.00 13.65  ? 62   TYR A C   1 
ATOM   544  O  O   . TYR A 1 62  ? -12.957 -7.201  -11.663 1.00 13.34  ? 62   TYR A O   1 
ATOM   545  C  CB  . TYR A 1 62  ? -14.572 -4.602  -12.432 1.00 14.94  ? 62   TYR A CB  1 
ATOM   546  C  CG  . TYR A 1 62  ? -15.225 -5.138  -13.683 1.00 19.62  ? 62   TYR A CG  1 
ATOM   547  C  CD1 . TYR A 1 62  ? -14.476 -5.814  -14.646 1.00 20.84  ? 62   TYR A CD1 1 
ATOM   548  C  CD2 . TYR A 1 62  ? -16.592 -4.985  -13.897 1.00 24.65  ? 62   TYR A CD2 1 
ATOM   549  C  CE1 . TYR A 1 62  ? -15.076 -6.328  -15.799 1.00 27.40  ? 62   TYR A CE1 1 
ATOM   550  C  CE2 . TYR A 1 62  ? -17.203 -5.495  -15.044 1.00 29.01  ? 62   TYR A CE2 1 
ATOM   551  C  CZ  . TYR A 1 62  ? -16.439 -6.165  -15.987 1.00 28.98  ? 62   TYR A CZ  1 
ATOM   552  O  OH  . TYR A 1 62  ? -17.033 -6.680  -17.117 1.00 33.15  ? 62   TYR A OH  1 
ATOM   553  N  N   . GLU A 1 63  ? -15.110 -7.836  -11.859 1.00 14.29  ? 63   GLU A N   1 
ATOM   554  C  CA  . GLU A 1 63  ? -14.756 -9.194  -12.238 1.00 16.40  ? 63   GLU A CA  1 
ATOM   555  C  C   . GLU A 1 63  ? -15.566 -9.659  -13.430 1.00 20.61  ? 63   GLU A C   1 
ATOM   556  O  O   . GLU A 1 63  ? -16.795 -9.565  -13.435 1.00 21.06  ? 63   GLU A O   1 
ATOM   557  C  CB  . GLU A 1 63  ? -14.966 -10.161 -11.068 1.00 17.65  ? 63   GLU A CB  1 
ATOM   558  C  CG  . GLU A 1 63  ? -14.727 -11.628 -11.438 1.00 19.39  ? 63   GLU A CG  1 
ATOM   559  C  CD  . GLU A 1 63  ? -14.636 -12.544 -10.232 1.00 27.55  ? 63   GLU A CD  1 
ATOM   560  O  OE1 . GLU A 1 63  ? -15.053 -12.135 -9.130  1.00 24.94  ? 63   GLU A OE1 1 
ATOM   561  O  OE2 . GLU A 1 63  ? -14.151 -13.686 -10.392 1.00 24.78  ? 63   GLU A OE2 1 
ATOM   562  N  N   . SER A 1 64  ? -14.864 -10.136 -14.452 1.00 16.85  ? 64   SER A N   1 
ATOM   563  C  CA  . SER A 1 64  ? -15.518 -10.652 -15.649 1.00 21.81  ? 64   SER A CA  1 
ATOM   564  C  C   . SER A 1 64  ? -15.178 -12.137 -15.699 1.00 21.05  ? 64   SER A C   1 
ATOM   565  O  O   . SER A 1 64  ? -14.537 -12.659 -14.788 1.00 22.33  ? 64   SER A O   1 
ATOM   566  C  CB  . SER A 1 64  ? -14.997 -9.950  -16.903 1.00 20.31  ? 64   SER A CB  1 
ATOM   567  O  OG  . SER A 1 64  ? -13.700 -10.406 -17.249 1.00 23.18  ? 64   SER A OG  1 
ATOM   568  N  N   . ASP A 1 65  ? -15.595 -12.816 -16.759 1.00 27.10  ? 65   ASP A N   1 
ATOM   569  C  CA  . ASP A 1 65  ? -15.331 -14.241 -16.886 1.00 29.94  ? 65   ASP A CA  1 
ATOM   570  C  C   . ASP A 1 65  ? -13.857 -14.629 -16.788 1.00 26.14  ? 65   ASP A C   1 
ATOM   571  O  O   . ASP A 1 65  ? -13.525 -15.670 -16.220 1.00 24.49  ? 65   ASP A O   1 
ATOM   572  C  CB  . ASP A 1 65  ? -15.919 -14.767 -18.202 1.00 42.11  ? 65   ASP A CB  1 
ATOM   573  C  CG  . ASP A 1 65  ? -15.719 -13.803 -19.358 1.00 55.19  ? 65   ASP A CG  1 
ATOM   574  O  OD1 . ASP A 1 65  ? -16.332 -12.712 -19.336 1.00 56.02  ? 65   ASP A OD1 1 
ATOM   575  O  OD2 . ASP A 1 65  ? -14.950 -14.134 -20.286 1.00 100.00 ? 65   ASP A OD2 1 
ATOM   576  N  N   . ASP A 1 66  ? -12.964 -13.800 -17.319 1.00 24.26  ? 66   ASP A N   1 
ATOM   577  C  CA  . ASP A 1 66  ? -11.548 -14.147 -17.269 1.00 24.34  ? 66   ASP A CA  1 
ATOM   578  C  C   . ASP A 1 66  ? -10.625 -13.083 -16.695 1.00 19.72  ? 66   ASP A C   1 
ATOM   579  O  O   . ASP A 1 66  ? -9.419  -13.302 -16.612 1.00 19.05  ? 66   ASP A O   1 
ATOM   580  C  CB  . ASP A 1 66  ? -11.056 -14.525 -18.675 1.00 26.63  ? 66   ASP A CB  1 
ATOM   581  C  CG  . ASP A 1 66  ? -10.916 -13.322 -19.602 1.00 30.94  ? 66   ASP A CG  1 
ATOM   582  O  OD1 . ASP A 1 66  ? -11.368 -12.213 -19.240 1.00 28.89  ? 66   ASP A OD1 1 
ATOM   583  O  OD2 . ASP A 1 66  ? -10.352 -13.487 -20.708 1.00 31.27  ? 66   ASP A OD2 1 
ATOM   584  N  N   . THR A 1 67  ? -11.180 -11.945 -16.287 1.00 20.34  ? 67   THR A N   1 
ATOM   585  C  CA  . THR A 1 67  ? -10.347 -10.862 -15.770 1.00 16.95  ? 67   THR A CA  1 
ATOM   586  C  C   . THR A 1 67  ? -10.825 -10.234 -14.471 1.00 17.90  ? 67   THR A C   1 
ATOM   587  O  O   . THR A 1 67  ? -12.018 -10.172 -14.189 1.00 18.84  ? 67   THR A O   1 
ATOM   588  C  CB  . THR A 1 67  ? -10.232 -9.723  -16.812 1.00 18.68  ? 67   THR A CB  1 
ATOM   589  O  OG1 . THR A 1 67  ? -9.771  -10.260 -18.059 1.00 21.20  ? 67   THR A OG1 1 
ATOM   590  C  CG2 . THR A 1 67  ? -9.256  -8.650  -16.334 1.00 19.98  ? 67   THR A CG2 1 
ATOM   591  N  N   . LEU A 1 68  ? -9.900  -9.866  -13.699 1.00 14.63  ? 68   LEU A N   1 
ATOM   592  C  CA  . LEU A 1 68  ? -10.107 -9.087  -12.473 1.00 15.13  ? 68   LEU A CA  1 
ATOM   593  C  C   . LEU A 1 68  ? -9.422  -7.733  -12.524 1.00 15.25  ? 68   LEU A C   1 
ATOM   594  O  O   . LEU A 1 68  ? -8.228  -7.631  -12.825 1.00 18.02  ? 68   LEU A O   1 
ATOM   595  C  CB  . LEU A 1 68  ? -9.492  -9.766  -11.233 1.00 14.23  ? 68   LEU A CB  1 
ATOM   596  C  CG  . LEU A 1 68  ? -10.038 -11.147 -10.896 1.00 14.76  ? 68   LEU A CG  1 
ATOM   597  C  CD1 . LEU A 1 68  ? -9.250  -11.823 -9.767  1.00 22.23  ? 68   LEU A CD1 1 
ATOM   598  C  CD2 . LEU A 1 68  ? -11.494 -11.124 -10.430 1.00 19.27  ? 68   LEU A CD2 1 
ATOM   599  N  N   . ILE A 1 69  ? -10.188 -6.722  -12.233 1.00 12.20  ? 69   ILE A N   1 
ATOM   600  C  CA  . ILE A 1 69  ? -9.660  -5.371  -12.129 1.00 17.86  ? 69   ILE A CA  1 
ATOM   601  C  C   . ILE A 1 69  ? -9.486  -5.151  -10.639 1.00 10.29  ? 69   ILE A C   1 
ATOM   602  O  O   . ILE A 1 69  ? -10.469 -5.061  -9.897  1.00 13.32  ? 69   ILE A O   1 
ATOM   603  C  CB  . ILE A 1 69  ? -10.587 -4.270  -12.693 1.00 13.65  ? 69   ILE A CB  1 
ATOM   604  C  CG1 . ILE A 1 69  ? -10.726 -4.410  -14.241 1.00 12.71  ? 69   ILE A CG1 1 
ATOM   605  C  CG2 . ILE A 1 69  ? -9.986  -2.893  -12.310 1.00 12.38  ? 69   ILE A CG2 1 
ATOM   606  C  CD1 . ILE A 1 69  ? -11.465 -3.212  -14.839 1.00 13.21  ? 69   ILE A CD1 1 
ATOM   607  N  N   . ALA A 1 70  ? -8.249  -5.086  -10.212 1.00 11.44  ? 70   ALA A N   1 
ATOM   608  C  CA  . ALA A 1 70  ? -7.939  -4.923  -8.783  1.00 11.42  ? 70   ALA A CA  1 
ATOM   609  C  C   . ALA A 1 70  ? -6.990  -3.750  -8.549  1.00 14.34  ? 70   ALA A C   1 
ATOM   610  O  O   . ALA A 1 70  ? -6.282  -3.308  -9.457  1.00 12.18  ? 70   ALA A O   1 
ATOM   611  C  CB  . ALA A 1 70  ? -7.280  -6.201  -8.257  1.00 13.65  ? 70   ALA A CB  1 
ATOM   612  N  N   . ILE A 1 71  ? -7.035  -3.319  -7.274  1.00 14.08  ? 71   ILE A N   1 
ATOM   613  C  CA  . ILE A 1 71  ? -6.225  -2.175  -6.911  1.00 13.76  ? 71   ILE A CA  1 
ATOM   614  C  C   . ILE A 1 71  ? -4.995  -2.517  -6.083  1.00 15.60  ? 71   ILE A C   1 
ATOM   615  O  O   . ILE A 1 71  ? -5.014  -3.419  -5.243  1.00 15.08  ? 71   ILE A O   1 
ATOM   616  C  CB  . ILE A 1 71  ? -7.093  -1.139  -6.153  1.00 17.55  ? 71   ILE A CB  1 
ATOM   617  C  CG1 . ILE A 1 71  ? -6.281  0.128   -5.862  1.00 19.38  ? 71   ILE A CG1 1 
ATOM   618  C  CG2 . ILE A 1 71  ? -7.602  -1.739  -4.860  1.00 16.82  ? 71   ILE A CG2 1 
ATOM   619  C  CD1 . ILE A 1 71  ? -7.130  1.282   -5.345  1.00 22.69  ? 71   ILE A CD1 1 
ATOM   620  N  N   . ARG A 1 72  ? -3.904  -1.820  -6.367  1.00 14.33  ? 72   ARG A N   1 
ATOM   621  C  CA  . ARG A 1 72  ? -2.692  -1.985  -5.580  1.00 14.80  ? 72   ARG A CA  1 
ATOM   622  C  C   . ARG A 1 72  ? -1.887  -0.707  -5.693  1.00 15.37  ? 72   ARG A C   1 
ATOM   623  O  O   . ARG A 1 72  ? -2.158  0.139   -6.542  1.00 17.51  ? 72   ARG A O   1 
ATOM   624  C  CB  . ARG A 1 72  ? -1.871  -3.206  -6.018  1.00 15.12  ? 72   ARG A CB  1 
ATOM   625  C  CG  . ARG A 1 72  ? -1.124  -3.104  -7.324  1.00 15.66  ? 72   ARG A CG  1 
ATOM   626  C  CD  . ARG A 1 72  ? -0.279  -4.365  -7.473  1.00 19.17  ? 72   ARG A CD  1 
ATOM   627  N  NE  . ARG A 1 72  ? 0.447   -4.437  -8.736  1.00 21.18  ? 72   ARG A NE  1 
ATOM   628  C  CZ  . ARG A 1 72  ? 1.225   -5.460  -9.084  1.00 23.67  ? 72   ARG A CZ  1 
ATOM   629  N  NH1 . ARG A 1 72  ? 1.372   -6.490  -8.259  1.00 23.68  ? 72   ARG A NH1 1 
ATOM   630  N  NH2 . ARG A 1 72  ? 1.846   -5.457  -10.256 1.00 22.87  ? 72   ARG A NH2 1 
ATOM   631  N  N   . THR A 1 73  ? -0.910  -0.552  -4.812  1.00 14.84  ? 73   THR A N   1 
ATOM   632  C  CA  . THR A 1 73  ? -0.094  0.647   -4.822  1.00 14.98  ? 73   THR A CA  1 
ATOM   633  C  C   . THR A 1 73  ? 1.115   0.493   -5.730  1.00 17.79  ? 73   THR A C   1 
ATOM   634  O  O   . THR A 1 73  ? 1.538   -0.619  -6.035  1.00 20.02  ? 73   THR A O   1 
ATOM   635  C  CB  . THR A 1 73  ? 0.369   0.965   -3.401  1.00 16.02  ? 73   THR A CB  1 
ATOM   636  O  OG1 . THR A 1 73  ? 0.931   -0.218  -2.829  1.00 18.85  ? 73   THR A OG1 1 
ATOM   637  C  CG2 . THR A 1 73  ? -0.822  1.410   -2.544  1.00 17.63  ? 73   THR A CG2 1 
ATOM   638  N  N   . LYS A 1 74  ? 1.670   1.623   -6.152  1.00 20.25  ? 74   LYS A N   1 
ATOM   639  C  CA  . LYS A 1 74  ? 2.821   1.615   -7.039  1.00 23.86  ? 74   LYS A CA  1 
ATOM   640  C  C   . LYS A 1 74  ? 4.090   1.188   -6.324  1.00 25.51  ? 74   LYS A C   1 
ATOM   641  O  O   . LYS A 1 74  ? 4.185   1.250   -5.099  1.00 21.48  ? 74   LYS A O   1 
ATOM   642  C  CB  . LYS A 1 74  ? 3.028   3.004   -7.647  1.00 27.29  ? 74   LYS A CB  1 
ATOM   643  C  CG  . LYS A 1 74  ? 3.462   4.069   -6.651  1.00 33.10  ? 74   LYS A CG  1 
ATOM   644  C  CD  . LYS A 1 74  ? 3.752   5.388   -7.356  1.00 38.84  ? 74   LYS A CD  1 
ATOM   645  C  CE  . LYS A 1 74  ? 4.392   6.399   -6.415  1.00 41.15  ? 74   LYS A CE  1 
ATOM   646  N  NZ  . LYS A 1 74  ? 4.655   7.696   -7.099  1.00 43.16  ? 74   LYS A NZ  1 
ATOM   647  N  N   . LEU A 1 75  ? 5.061   0.740   -7.106  1.00 26.25  ? 75   LEU A N   1 
ATOM   648  C  CA  . LEU A 1 75  ? 6.340   0.320   -6.568  1.00 26.47  ? 75   LEU A CA  1 
ATOM   649  C  C   . LEU A 1 75  ? 7.134   1.610   -6.397  1.00 26.08  ? 75   LEU A C   1 
ATOM   650  O  O   . LEU A 1 75  ? 7.194   2.424   -7.316  1.00 28.93  ? 75   LEU A O   1 
ATOM   651  C  CB  . LEU A 1 75  ? 7.041   -0.603  -7.566  1.00 27.21  ? 75   LEU A CB  1 
ATOM   652  C  CG  . LEU A 1 75  ? 8.263   -1.372  -7.071  1.00 32.08  ? 75   LEU A CG  1 
ATOM   653  C  CD1 . LEU A 1 75  ? 7.831   -2.389  -6.026  1.00 30.92  ? 75   LEU A CD1 1 
ATOM   654  C  CD2 . LEU A 1 75  ? 8.930   -2.073  -8.248  1.00 36.05  ? 75   LEU A CD2 1 
ATOM   655  N  N   . GLU A 1 76  ? 7.727   1.817   -5.227  1.00 26.29  ? 76   GLU A N   1 
ATOM   656  C  CA  . GLU A 1 76  ? 8.497   3.037   -5.009  1.00 26.17  ? 76   GLU A CA  1 
ATOM   657  C  C   . GLU A 1 76  ? 9.685   2.826   -4.075  1.00 28.13  ? 76   GLU A C   1 
ATOM   658  O  O   . GLU A 1 76  ? 9.758   1.824   -3.362  1.00 26.69  ? 76   GLU A O   1 
ATOM   659  C  CB  . GLU A 1 76  ? 7.585   4.138   -4.460  1.00 25.95  ? 76   GLU A CB  1 
ATOM   660  C  CG  . GLU A 1 76  ? 7.021   3.862   -3.073  1.00 27.41  ? 76   GLU A CG  1 
ATOM   661  C  CD  . GLU A 1 76  ? 5.977   4.882   -2.661  1.00 32.49  ? 76   GLU A CD  1 
ATOM   662  O  OE1 . GLU A 1 76  ? 4.767   4.595   -2.810  1.00 32.75  ? 76   GLU A OE1 1 
ATOM   663  O  OE2 . GLU A 1 76  ? 6.360   5.978   -2.200  1.00 30.01  ? 76   GLU A OE2 1 
ATOM   664  N  N   . LYS A 1 77  ? 10.622  3.771   -4.098  1.00 33.44  ? 77   LYS A N   1 
ATOM   665  C  CA  . LYS A 1 77  ? 11.806  3.695   -3.248  1.00 36.23  ? 77   LYS A CA  1 
ATOM   666  C  C   . LYS A 1 77  ? 11.426  3.864   -1.786  1.00 32.06  ? 77   LYS A C   1 
ATOM   667  O  O   . LYS A 1 77  ? 10.726  4.810   -1.421  1.00 31.79  ? 77   LYS A O   1 
ATOM   668  C  CB  . LYS A 1 77  ? 12.822  4.775   -3.632  1.00 47.53  ? 77   LYS A CB  1 
ATOM   669  C  CG  . LYS A 1 77  ? 13.788  4.377   -4.738  1.00 65.28  ? 77   LYS A CG  1 
ATOM   670  C  CD  . LYS A 1 77  ? 13.080  4.121   -6.056  1.00 100.00 ? 77   LYS A CD  1 
ATOM   671  C  CE  . LYS A 1 77  ? 14.079  3.763   -7.147  1.00 100.00 ? 77   LYS A CE  1 
ATOM   672  N  NZ  . LYS A 1 77  ? 13.418  3.520   -8.460  1.00 100.00 ? 77   LYS A NZ  1 
ATOM   673  N  N   . VAL A 1 78  ? 11.895  2.943   -0.954  1.00 30.28  ? 78   VAL A N   1 
ATOM   674  C  CA  . VAL A 1 78  ? 11.601  2.985   0.469   1.00 33.25  ? 78   VAL A CA  1 
ATOM   675  C  C   . VAL A 1 78  ? 12.798  2.552   1.300   1.00 36.71  ? 78   VAL A C   1 
ATOM   676  O  O   . VAL A 1 78  ? 13.757  1.976   0.784   1.00 36.61  ? 78   VAL A O   1 
ATOM   677  C  CB  . VAL A 1 78  ? 10.435  2.042   0.831   1.00 33.32  ? 78   VAL A CB  1 
ATOM   678  C  CG1 . VAL A 1 78  ? 9.210   2.385   0.013   1.00 32.99  ? 78   VAL A CG1 1 
ATOM   679  C  CG2 . VAL A 1 78  ? 10.847  0.596   0.601   1.00 32.51  ? 78   VAL A CG2 1 
ATOM   680  N  N   . TYR A 1 79  ? 12.727  2.845   2.593   1.00 37.49  ? 79   TYR A N   1 
ATOM   681  C  CA  . TYR A 1 79  ? 13.761  2.457   3.535   1.00 37.89  ? 79   TYR A CA  1 
ATOM   682  C  C   . TYR A 1 79  ? 13.180  1.310   4.344   1.00 36.13  ? 79   TYR A C   1 
ATOM   683  O  O   . TYR A 1 79  ? 12.098  1.438   4.918   1.00 37.60  ? 79   TYR A O   1 
ATOM   684  C  CB  . TYR A 1 79  ? 14.107  3.608   4.483   1.00 42.11  ? 79   TYR A CB  1 
ATOM   685  C  CG  . TYR A 1 79  ? 15.042  4.642   3.909   1.00 45.25  ? 79   TYR A CG  1 
ATOM   686  C  CD1 . TYR A 1 79  ? 16.321  4.290   3.480   1.00 48.35  ? 79   TYR A CD1 1 
ATOM   687  C  CD2 . TYR A 1 79  ? 14.663  5.980   3.820   1.00 49.29  ? 79   TYR A CD2 1 
ATOM   688  C  CE1 . TYR A 1 79  ? 17.200  5.244   2.978   1.00 48.95  ? 79   TYR A CE1 1 
ATOM   689  C  CE2 . TYR A 1 79  ? 15.534  6.943   3.321   1.00 52.26  ? 79   TYR A CE2 1 
ATOM   690  C  CZ  . TYR A 1 79  ? 16.802  6.568   2.902   1.00 49.98  ? 79   TYR A CZ  1 
ATOM   691  O  OH  . TYR A 1 79  ? 17.669  7.515   2.411   1.00 52.55  ? 79   TYR A OH  1 
ATOM   692  N  N   . VAL A 1 80  ? 13.878  0.184   4.375   1.00 33.57  ? 80   VAL A N   1 
ATOM   693  C  CA  . VAL A 1 80  ? 13.412  -0.958  5.145   1.00 36.51  ? 80   VAL A CA  1 
ATOM   694  C  C   . VAL A 1 80  ? 14.205  -1.015  6.443   1.00 40.26  ? 80   VAL A C   1 
ATOM   695  O  O   . VAL A 1 80  ? 15.261  -1.644  6.512   1.00 41.57  ? 80   VAL A O   1 
ATOM   696  C  CB  . VAL A 1 80  ? 13.607  -2.278  4.377   1.00 35.35  ? 80   VAL A CB  1 
ATOM   697  C  CG1 . VAL A 1 80  ? 13.041  -3.436  5.187   1.00 34.80  ? 80   VAL A CG1 1 
ATOM   698  C  CG2 . VAL A 1 80  ? 12.928  -2.194  3.017   1.00 35.72  ? 80   VAL A CG2 1 
ATOM   699  N  N   . ILE A 1 81  ? 13.697  -0.336  7.467   1.00 41.94  ? 81   ILE A N   1 
ATOM   700  C  CA  . ILE A 1 81  ? 14.358  -0.305  8.765   1.00 41.57  ? 81   ILE A CA  1 
ATOM   701  C  C   . ILE A 1 81  ? 14.185  -1.651  9.457   1.00 44.89  ? 81   ILE A C   1 
ATOM   702  O  O   . ILE A 1 81  ? 13.071  -2.160  9.574   1.00 45.03  ? 81   ILE A O   1 
ATOM   703  C  CB  . ILE A 1 81  ? 13.774  0.810   9.647   1.00 39.38  ? 81   ILE A CB  1 
ATOM   704  C  CG1 . ILE A 1 81  ? 13.915  2.153   8.925   1.00 37.69  ? 81   ILE A CG1 1 
ATOM   705  C  CG2 . ILE A 1 81  ? 14.494  0.849   10.988  1.00 40.54  ? 81   ILE A CG2 1 
ATOM   706  C  CD1 . ILE A 1 81  ? 13.304  3.325   9.661   1.00 39.05  ? 81   ILE A CD1 1 
ATOM   707  N  N   . LYS A 1 82  ? 15.293  -2.225  9.914   1.00 48.27  ? 82   LYS A N   1 
ATOM   708  C  CA  . LYS A 1 82  ? 15.252  -3.529  10.562  1.00 53.43  ? 82   LYS A CA  1 
ATOM   709  C  C   . LYS A 1 82  ? 15.775  -3.543  11.994  1.00 55.73  ? 82   LYS A C   1 
ATOM   710  O  O   . LYS A 1 82  ? 16.957  -3.796  12.228  1.00 56.37  ? 82   LYS A O   1 
ATOM   711  C  CB  . LYS A 1 82  ? 16.043  -4.539  9.727   1.00 54.99  ? 82   LYS A CB  1 
ATOM   712  C  CG  . LYS A 1 82  ? 15.586  -4.641  8.279   1.00 58.21  ? 82   LYS A CG  1 
ATOM   713  C  CD  . LYS A 1 82  ? 16.465  -5.591  7.477   1.00 61.03  ? 82   LYS A CD  1 
ATOM   714  C  CE  . LYS A 1 82  ? 16.406  -7.010  8.027   1.00 63.56  ? 82   LYS A CE  1 
ATOM   715  N  NZ  . LYS A 1 82  ? 15.025  -7.573  7.998   1.00 63.29  ? 82   LYS A NZ  1 
ATOM   716  N  N   . PRO A 1 83  ? 14.899  -3.271  12.975  1.00 56.74  ? 83   PRO A N   1 
ATOM   717  C  CA  . PRO A 1 83  ? 15.315  -3.269  14.380  1.00 57.29  ? 83   PRO A CA  1 
ATOM   718  C  C   . PRO A 1 83  ? 15.619  -4.700  14.821  1.00 59.49  ? 83   PRO A C   1 
ATOM   719  O  O   . PRO A 1 83  ? 14.852  -5.620  14.530  1.00 58.15  ? 83   PRO A O   1 
ATOM   720  C  CB  . PRO A 1 83  ? 14.103  -2.680  15.094  1.00 56.30  ? 83   PRO A CB  1 
ATOM   721  C  CG  . PRO A 1 83  ? 12.962  -3.163  14.253  1.00 55.01  ? 83   PRO A CG  1 
ATOM   722  C  CD  . PRO A 1 83  ? 13.472  -2.920  12.850  1.00 55.09  ? 83   PRO A CD  1 
ATOM   723  N  N   . GLN A 1 84  ? 16.734  -4.885  15.519  1.00 61.80  ? 84   GLN A N   1 
ATOM   724  C  CA  . GLN A 1 84  ? 17.134  -6.213  15.970  1.00 65.55  ? 84   GLN A CA  1 
ATOM   725  C  C   . GLN A 1 84  ? 16.545  -6.617  17.318  1.00 62.08  ? 84   GLN A C   1 
ATOM   726  O  O   . GLN A 1 84  ? 16.580  -7.789  17.686  1.00 59.77  ? 84   GLN A O   1 
ATOM   727  C  CB  . GLN A 1 84  ? 18.660  -6.303  16.033  1.00 74.96  ? 84   GLN A CB  1 
ATOM   728  C  CG  . GLN A 1 84  ? 19.347  -6.004  14.711  1.00 100.00 ? 84   GLN A CG  1 
ATOM   729  C  CD  . GLN A 1 84  ? 18.850  -6.891  13.586  1.00 100.00 ? 84   GLN A CD  1 
ATOM   730  O  OE1 . GLN A 1 84  ? 18.947  -8.116  13.656  1.00 100.00 ? 84   GLN A OE1 1 
ATOM   731  N  NE2 . GLN A 1 84  ? 18.312  -6.272  12.540  1.00 100.00 ? 84   GLN A NE2 1 
ATOM   732  N  N   . THR A 1 85  ? 15.999  -5.651  18.051  1.00 60.84  ? 85   THR A N   1 
ATOM   733  C  CA  . THR A 1 85  ? 15.413  -5.937  19.356  1.00 62.02  ? 85   THR A CA  1 
ATOM   734  C  C   . THR A 1 85  ? 14.110  -5.178  19.578  1.00 57.18  ? 85   THR A C   1 
ATOM   735  O  O   . THR A 1 85  ? 13.783  -4.253  18.832  1.00 55.63  ? 85   THR A O   1 
ATOM   736  C  CB  . THR A 1 85  ? 16.380  -5.562  20.498  1.00 67.22  ? 85   THR A CB  1 
ATOM   737  O  OG1 . THR A 1 85  ? 16.594  -4.145  20.500  1.00 65.32  ? 85   THR A OG1 1 
ATOM   738  C  CG2 . THR A 1 85  ? 17.715  -6.268  20.319  1.00 100.00 ? 85   THR A CG2 1 
ATOM   739  N  N   . MET A 1 86  ? 13.369  -5.579  20.605  1.00 54.38  ? 86   MET A N   1 
ATOM   740  C  CA  . MET A 1 86  ? 12.108  -4.929  20.942  1.00 52.14  ? 86   MET A CA  1 
ATOM   741  C  C   . MET A 1 86  ? 12.357  -3.464  21.273  1.00 50.10  ? 86   MET A C   1 
ATOM   742  O  O   . MET A 1 86  ? 11.518  -2.604  21.005  1.00 48.16  ? 86   MET A O   1 
ATOM   743  C  CB  . MET A 1 86  ? 11.458  -5.618  22.145  1.00 52.73  ? 86   MET A CB  1 
ATOM   744  C  CG  . MET A 1 86  ? 10.852  -6.973  21.836  1.00 52.65  ? 86   MET A CG  1 
ATOM   745  S  SD  . MET A 1 86  ? 9.451   -6.845  20.711  1.00 54.58  ? 86   MET A SD  1 
ATOM   746  C  CE  . MET A 1 86  ? 8.110   -6.576  21.864  1.00 50.95  ? 86   MET A CE  1 
ATOM   747  N  N   . GLN A 1 87  ? 13.518  -3.191  21.857  1.00 48.05  ? 87   GLN A N   1 
ATOM   748  C  CA  . GLN A 1 87  ? 13.883  -1.834  22.229  1.00 45.76  ? 87   GLN A CA  1 
ATOM   749  C  C   . GLN A 1 87  ? 14.215  -0.999  20.998  1.00 45.38  ? 87   GLN A C   1 
ATOM   750  O  O   . GLN A 1 87  ? 13.843  0.171   20.918  1.00 42.68  ? 87   GLN A O   1 
ATOM   751  C  CB  . GLN A 1 87  ? 15.075  -1.856  23.183  1.00 45.81  ? 87   GLN A CB  1 
ATOM   752  C  CG  . GLN A 1 87  ? 15.473  -0.490  23.701  1.00 48.73  ? 87   GLN A CG  1 
ATOM   753  C  CD  . GLN A 1 87  ? 16.553  -0.571  24.755  1.00 49.80  ? 87   GLN A CD  1 
ATOM   754  O  OE1 . GLN A 1 87  ? 16.378  -1.220  25.786  1.00 49.45  ? 87   GLN A OE1 1 
ATOM   755  N  NE2 . GLN A 1 87  ? 17.679  0.087   24.503  1.00 50.17  ? 87   GLN A NE2 1 
ATOM   756  N  N   . GLU A 1 88  ? 14.918  -1.600  20.043  1.00 47.17  ? 88   GLU A N   1 
ATOM   757  C  CA  . GLU A 1 88  ? 15.277  -0.900  18.813  1.00 53.08  ? 88   GLU A CA  1 
ATOM   758  C  C   . GLU A 1 88  ? 14.007  -0.522  18.064  1.00 46.99  ? 88   GLU A C   1 
ATOM   759  O  O   . GLU A 1 88  ? 13.874  0.596   17.569  1.00 44.40  ? 88   GLU A O   1 
ATOM   760  C  CB  . GLU A 1 88  ? 16.143  -1.785  17.916  1.00 66.33  ? 88   GLU A CB  1 
ATOM   761  C  CG  . GLU A 1 88  ? 17.550  -2.029  18.425  1.00 77.29  ? 88   GLU A CG  1 
ATOM   762  C  CD  . GLU A 1 88  ? 18.353  -2.915  17.491  1.00 89.95  ? 88   GLU A CD  1 
ATOM   763  O  OE1 . GLU A 1 88  ? 18.494  -2.554  16.303  1.00 96.57  ? 88   GLU A OE1 1 
ATOM   764  O  OE2 . GLU A 1 88  ? 18.840  -3.971  17.946  1.00 98.04  ? 88   GLU A OE2 1 
ATOM   765  N  N   . MET A 1 89  ? 13.078  -1.471  17.982  1.00 44.75  ? 89   MET A N   1 
ATOM   766  C  CA  . MET A 1 89  ? 11.810  -1.251  17.299  1.00 41.76  ? 89   MET A CA  1 
ATOM   767  C  C   . MET A 1 89  ? 11.042  -0.105  17.947  1.00 40.72  ? 89   MET A C   1 
ATOM   768  O  O   . MET A 1 89  ? 10.632  0.842   17.272  1.00 39.03  ? 89   MET A O   1 
ATOM   769  C  CB  . MET A 1 89  ? 10.963  -2.527  17.341  1.00 41.17  ? 89   MET A CB  1 
ATOM   770  C  CG  . MET A 1 89  ? 9.544   -2.357  16.820  1.00 40.90  ? 89   MET A CG  1 
ATOM   771  S  SD  . MET A 1 89  ? 9.479   -1.809  15.103  1.00 39.16  ? 89   MET A SD  1 
ATOM   772  C  CE  . MET A 1 89  ? 9.397   -3.398  14.252  1.00 40.23  ? 89   MET A CE  1 
ATOM   773  N  N   . GLY A 1 90  ? 10.855  -0.196  19.261  1.00 39.97  ? 90   GLY A N   1 
ATOM   774  C  CA  . GLY A 1 90  ? 10.133  0.836   19.982  1.00 37.22  ? 90   GLY A CA  1 
ATOM   775  C  C   . GLY A 1 90  ? 10.736  2.218   19.830  1.00 35.16  ? 90   GLY A C   1 
ATOM   776  O  O   . GLY A 1 90  ? 10.041  3.173   19.482  1.00 30.35  ? 90   GLY A O   1 
ATOM   777  N  N   . LYS A 1 91  ? 12.034  2.334   20.088  1.00 33.18  ? 91   LYS A N   1 
ATOM   778  C  CA  . LYS A 1 91  ? 12.706  3.620   19.980  1.00 31.21  ? 91   LYS A CA  1 
ATOM   779  C  C   . LYS A 1 91  ? 12.653  4.192   18.572  1.00 29.00  ? 91   LYS A C   1 
ATOM   780  O  O   . LYS A 1 91  ? 12.422  5.388   18.389  1.00 26.47  ? 91   LYS A O   1 
ATOM   781  C  CB  . LYS A 1 91  ? 14.161  3.495   20.441  1.00 34.76  ? 91   LYS A CB  1 
ATOM   782  C  CG  . LYS A 1 91  ? 14.298  3.152   21.914  1.00 40.23  ? 91   LYS A CG  1 
ATOM   783  C  CD  . LYS A 1 91  ? 15.751  3.179   22.358  1.00 49.78  ? 91   LYS A CD  1 
ATOM   784  C  CE  . LYS A 1 91  ? 15.875  2.930   23.854  1.00 59.10  ? 91   LYS A CE  1 
ATOM   785  N  NZ  . LYS A 1 91  ? 17.293  2.977   24.307  1.00 100.00 ? 91   LYS A NZ  1 
ATOM   786  N  N   . MET A 1 92  ? 12.858  3.341   17.574  1.00 29.77  ? 92   MET A N   1 
ATOM   787  C  CA  . MET A 1 92  ? 12.830  3.801   16.196  1.00 29.43  ? 92   MET A CA  1 
ATOM   788  C  C   . MET A 1 92  ? 11.414  4.244   15.821  1.00 25.80  ? 92   MET A C   1 
ATOM   789  O  O   . MET A 1 92  ? 11.225  5.314   15.243  1.00 25.13  ? 92   MET A O   1 
ATOM   790  C  CB  . MET A 1 92  ? 13.298  2.690   15.255  1.00 30.49  ? 92   MET A CB  1 
ATOM   791  C  CG  . MET A 1 92  ? 13.516  3.150   13.825  1.00 31.99  ? 92   MET A CG  1 
ATOM   792  S  SD  . MET A 1 92  ? 14.862  4.344   13.657  1.00 36.09  ? 92   MET A SD  1 
ATOM   793  C  CE  . MET A 1 92  ? 13.978  5.891   13.668  1.00 31.39  ? 92   MET A CE  1 
ATOM   794  N  N   . ALA A 1 93  ? 10.428  3.422   16.162  1.00 27.53  ? 93   ALA A N   1 
ATOM   795  C  CA  . ALA A 1 93  ? 9.035   3.736   15.854  1.00 28.81  ? 93   ALA A CA  1 
ATOM   796  C  C   . ALA A 1 93  ? 8.609   5.027   16.545  1.00 28.30  ? 93   ALA A C   1 
ATOM   797  O  O   . ALA A 1 93  ? 7.905   5.851   15.960  1.00 26.44  ? 93   ALA A O   1 
ATOM   798  C  CB  . ALA A 1 93  ? 8.132   2.584   16.278  1.00 28.90  ? 93   ALA A CB  1 
ATOM   799  N  N   . PHE A 1 94  ? 9.045   5.207   17.789  1.00 26.28  ? 94   PHE A N   1 
ATOM   800  C  CA  . PHE A 1 94  ? 8.708   6.411   18.540  1.00 23.72  ? 94   PHE A CA  1 
ATOM   801  C  C   . PHE A 1 94  ? 9.185   7.672   17.822  1.00 22.49  ? 94   PHE A C   1 
ATOM   802  O  O   . PHE A 1 94  ? 8.428   8.627   17.664  1.00 22.90  ? 94   PHE A O   1 
ATOM   803  C  CB  . PHE A 1 94  ? 9.337   6.373   19.939  1.00 26.45  ? 94   PHE A CB  1 
ATOM   804  C  CG  . PHE A 1 94  ? 9.076   7.614   20.745  1.00 24.92  ? 94   PHE A CG  1 
ATOM   805  C  CD1 . PHE A 1 94  ? 7.869   7.784   21.415  1.00 24.56  ? 94   PHE A CD1 1 
ATOM   806  C  CD2 . PHE A 1 94  ? 10.019  8.640   20.793  1.00 28.64  ? 94   PHE A CD2 1 
ATOM   807  C  CE1 . PHE A 1 94  ? 7.598   8.958   22.118  1.00 25.99  ? 94   PHE A CE1 1 
ATOM   808  C  CE2 . PHE A 1 94  ? 9.760   9.819   21.492  1.00 29.74  ? 94   PHE A CE2 1 
ATOM   809  C  CZ  . PHE A 1 94  ? 8.546   9.979   22.156  1.00 28.59  ? 94   PHE A CZ  1 
ATOM   810  N  N   . GLU A 1 95  ? 10.449  7.676   17.404  1.00 20.68  ? 95   GLU A N   1 
ATOM   811  C  CA  . GLU A 1 95  ? 11.032  8.824   16.717  1.00 21.98  ? 95   GLU A CA  1 
ATOM   812  C  C   . GLU A 1 95  ? 10.291  9.139   15.422  1.00 21.31  ? 95   GLU A C   1 
ATOM   813  O  O   . GLU A 1 95  ? 10.071  10.303  15.084  1.00 23.29  ? 95   GLU A O   1 
ATOM   814  C  CB  . GLU A 1 95  ? 12.511  8.556   16.424  1.00 26.35  ? 95   GLU A CB  1 
ATOM   815  C  CG  . GLU A 1 95  ? 13.359  8.394   17.678  1.00 28.92  ? 95   GLU A CG  1 
ATOM   816  C  CD  . GLU A 1 95  ? 13.270  9.617   18.561  1.00 36.28  ? 95   GLU A CD  1 
ATOM   817  O  OE1 . GLU A 1 95  ? 13.088  10.708  17.995  1.00 34.27  ? 95   GLU A OE1 1 
ATOM   818  O  OE2 . GLU A 1 95  ? 13.382  9.498   19.801  1.00 37.91  ? 95   GLU A OE2 1 
ATOM   819  N  N   . ILE A 1 96  ? 9.907   8.094   14.701  1.00 24.02  ? 96   ILE A N   1 
ATOM   820  C  CA  . ILE A 1 96  ? 9.186   8.275   13.449  1.00 24.64  ? 96   ILE A CA  1 
ATOM   821  C  C   . ILE A 1 96  ? 7.818   8.897   13.716  1.00 23.22  ? 96   ILE A C   1 
ATOM   822  O  O   . ILE A 1 96  ? 7.397   9.823   13.018  1.00 23.29  ? 96   ILE A O   1 
ATOM   823  C  CB  . ILE A 1 96  ? 9.015   6.933   12.719  1.00 26.59  ? 96   ILE A CB  1 
ATOM   824  C  CG1 . ILE A 1 96  ? 10.384  6.431   12.253  1.00 29.77  ? 96   ILE A CG1 1 
ATOM   825  C  CG2 . ILE A 1 96  ? 8.065   7.094   11.537  1.00 26.86  ? 96   ILE A CG2 1 
ATOM   826  C  CD1 . ILE A 1 96  ? 10.356  5.057   11.621  1.00 36.34  ? 96   ILE A CD1 1 
ATOM   827  N  N   . GLY A 1 97  ? 7.130   8.392   14.735  1.00 23.19  ? 97   GLY A N   1 
ATOM   828  C  CA  . GLY A 1 97  ? 5.826   8.926   15.076  1.00 24.09  ? 97   GLY A CA  1 
ATOM   829  C  C   . GLY A 1 97  ? 5.938   10.359  15.550  1.00 23.05  ? 97   GLY A C   1 
ATOM   830  O  O   . GLY A 1 97  ? 5.100   11.203  15.236  1.00 21.77  ? 97   GLY A O   1 
ATOM   831  N  N   . ASN A 1 98  ? 6.997   10.637  16.305  1.00 22.45  ? 98   ASN A N   1 
ATOM   832  C  CA  . ASN A 1 98  ? 7.231   11.971  16.837  1.00 24.22  ? 98   ASN A CA  1 
ATOM   833  C  C   . ASN A 1 98  ? 7.391   13.025  15.741  1.00 25.50  ? 98   ASN A C   1 
ATOM   834  O  O   . ASN A 1 98  ? 7.015   14.181  15.931  1.00 26.87  ? 98   ASN A O   1 
ATOM   835  C  CB  . ASN A 1 98  ? 8.471   11.957  17.736  1.00 25.53  ? 98   ASN A CB  1 
ATOM   836  C  CG  . ASN A 1 98  ? 8.685   13.273  18.452  1.00 29.71  ? 98   ASN A CG  1 
ATOM   837  O  OD1 . ASN A 1 98  ? 7.843   13.708  19.241  1.00 28.34  ? 98   ASN A OD1 1 
ATOM   838  N  ND2 . ASN A 1 98  ? 9.815   13.917  18.178  1.00 33.64  ? 98   ASN A ND2 1 
ATOM   839  N  N   . ARG A 1 99  ? 7.952   12.638  14.599  1.00 25.86  ? 99   ARG A N   1 
ATOM   840  C  CA  . ARG A 1 99  ? 8.118   13.587  13.501  1.00 29.34  ? 99   ARG A CA  1 
ATOM   841  C  C   . ARG A 1 99  ? 6.980   13.446  12.488  1.00 31.90  ? 99   ARG A C   1 
ATOM   842  O  O   . ARG A 1 99  ? 7.036   13.999  11.387  1.00 31.36  ? 99   ARG A O   1 
ATOM   843  C  CB  . ARG A 1 99  ? 9.474   13.391  12.813  1.00 35.98  ? 99   ARG A CB  1 
ATOM   844  C  CG  . ARG A 1 99  ? 9.675   12.044  12.154  1.00 42.88  ? 99   ARG A CG  1 
ATOM   845  C  CD  . ARG A 1 99  ? 11.021  11.997  11.446  1.00 56.75  ? 99   ARG A CD  1 
ATOM   846  N  NE  . ARG A 1 99  ? 11.156  13.076  10.469  1.00 76.82  ? 99   ARG A NE  1 
ATOM   847  C  CZ  . ARG A 1 99  ? 12.223  13.265  9.699   1.00 100.00 ? 99   ARG A CZ  1 
ATOM   848  N  NH1 . ARG A 1 99  ? 13.263  12.447  9.786   1.00 100.00 ? 99   ARG A NH1 1 
ATOM   849  N  NH2 . ARG A 1 99  ? 12.251  14.275  8.839   1.00 100.00 ? 99   ARG A NH2 1 
ATOM   850  N  N   . HIS A 1 100 ? 5.950   12.704  12.882  1.00 29.30  ? 100  HIS A N   1 
ATOM   851  C  CA  . HIS A 1 100 ? 4.768   12.472  12.054  1.00 31.08  ? 100  HIS A CA  1 
ATOM   852  C  C   . HIS A 1 100 ? 5.081   11.952  10.657  1.00 34.02  ? 100  HIS A C   1 
ATOM   853  O  O   . HIS A 1 100 ? 4.546   12.449  9.664   1.00 39.09  ? 100  HIS A O   1 
ATOM   854  C  CB  . HIS A 1 100 ? 3.942   13.756  11.948  1.00 30.15  ? 100  HIS A CB  1 
ATOM   855  C  CG  . HIS A 1 100 ? 3.592   14.354  13.273  1.00 26.94  ? 100  HIS A CG  1 
ATOM   856  N  ND1 . HIS A 1 100 ? 2.948   13.645  14.261  1.00 25.40  ? 100  HIS A ND1 1 
ATOM   857  C  CD2 . HIS A 1 100 ? 3.816   15.591  13.780  1.00 29.30  ? 100  HIS A CD2 1 
ATOM   858  C  CE1 . HIS A 1 100 ? 2.790   14.415  15.324  1.00 28.57  ? 100  HIS A CE1 1 
ATOM   859  N  NE2 . HIS A 1 100 ? 3.309   15.600  15.057  1.00 28.25  ? 100  HIS A NE2 1 
ATOM   860  N  N   . THR A 1 101 ? 5.940   10.945  10.580  1.00 31.21  ? 101  THR A N   1 
ATOM   861  C  CA  . THR A 1 101 ? 6.302   10.361  9.297   1.00 31.51  ? 101  THR A CA  1 
ATOM   862  C  C   . THR A 1 101 ? 5.472   9.114   9.029   1.00 27.80  ? 101  THR A C   1 
ATOM   863  O  O   . THR A 1 101 ? 5.371   8.231   9.880   1.00 28.46  ? 101  THR A O   1 
ATOM   864  C  CB  . THR A 1 101 ? 7.796   9.985   9.261   1.00 31.86  ? 101  THR A CB  1 
ATOM   865  O  OG1 . THR A 1 101 ? 8.587   11.177  9.347   1.00 32.93  ? 101  THR A OG1 1 
ATOM   866  C  CG2 . THR A 1 101 ? 8.135   9.247   7.969   1.00 33.12  ? 101  THR A CG2 1 
ATOM   867  N  N   . MET A 1 102 ? 4.872   9.045   7.845   1.00 29.35  ? 102  MET A N   1 
ATOM   868  C  CA  . MET A 1 102 ? 4.058   7.891   7.480   1.00 27.12  ? 102  MET A CA  1 
ATOM   869  C  C   . MET A 1 102 ? 4.922   6.638   7.432   1.00 28.03  ? 102  MET A C   1 
ATOM   870  O  O   . MET A 1 102 ? 6.055   6.677   6.959   1.00 28.97  ? 102  MET A O   1 
ATOM   871  C  CB  . MET A 1 102 ? 3.409   8.109   6.111   1.00 32.49  ? 102  MET A CB  1 
ATOM   872  C  CG  . MET A 1 102 ? 2.438   9.271   6.054   1.00 37.02  ? 102  MET A CG  1 
ATOM   873  S  SD  . MET A 1 102 ? 1.791   9.500   4.385   1.00 42.75  ? 102  MET A SD  1 
ATOM   874  C  CE  . MET A 1 102 ? 0.572   8.198   4.319   1.00 43.72  ? 102  MET A CE  1 
ATOM   875  N  N   . CYS A 1 103 ? 4.384   5.526   7.918   1.00 26.78  ? 103  CYS A N   1 
ATOM   876  C  CA  . CYS A 1 103 ? 5.122   4.274   7.913   1.00 29.30  ? 103  CYS A CA  1 
ATOM   877  C  C   . CYS A 1 103 ? 4.194   3.088   8.096   1.00 30.25  ? 103  CYS A C   1 
ATOM   878  O  O   . CYS A 1 103 ? 3.027   3.241   8.462   1.00 30.92  ? 103  CYS A O   1 
ATOM   879  C  CB  . CYS A 1 103 ? 6.153   4.263   9.042   1.00 30.22  ? 103  CYS A CB  1 
ATOM   880  S  SG  . CYS A 1 103 ? 5.423   4.070   10.689  1.00 31.67  ? 103  CYS A SG  1 
ATOM   881  N  N   . ILE A 1 104 ? 4.723   1.902   7.828   1.00 29.91  ? 104  ILE A N   1 
ATOM   882  C  CA  . ILE A 1 104 ? 3.980   0.669   8.007   1.00 31.03  ? 104  ILE A CA  1 
ATOM   883  C  C   . ILE A 1 104 ? 4.840   -0.244  8.865   1.00 32.38  ? 104  ILE A C   1 
ATOM   884  O  O   . ILE A 1 104 ? 5.995   -0.509  8.534   1.00 33.49  ? 104  ILE A O   1 
ATOM   885  C  CB  . ILE A 1 104 ? 3.703   -0.043  6.675   1.00 31.81  ? 104  ILE A CB  1 
ATOM   886  C  CG1 . ILE A 1 104 ? 2.712   0.773   5.844   1.00 31.19  ? 104  ILE A CG1 1 
ATOM   887  C  CG2 . ILE A 1 104 ? 3.158   -1.438  6.942   1.00 33.38  ? 104  ILE A CG2 1 
ATOM   888  C  CD1 . ILE A 1 104 ? 2.357   0.131   4.515   1.00 33.20  ? 104  ILE A CD1 1 
ATOM   889  N  N   . ILE A 1 105 ? 4.278   -0.709  9.973   1.00 34.15  ? 105  ILE A N   1 
ATOM   890  C  CA  . ILE A 1 105 ? 4.998   -1.599  10.871  1.00 38.78  ? 105  ILE A CA  1 
ATOM   891  C  C   . ILE A 1 105 ? 4.499   -3.021  10.649  1.00 42.92  ? 105  ILE A C   1 
ATOM   892  O  O   . ILE A 1 105 ? 3.444   -3.403  11.153  1.00 43.49  ? 105  ILE A O   1 
ATOM   893  C  CB  . ILE A 1 105 ? 4.762   -1.222  12.349  1.00 38.58  ? 105  ILE A CB  1 
ATOM   894  C  CG1 . ILE A 1 105 ? 4.997   0.277   12.556  1.00 39.72  ? 105  ILE A CG1 1 
ATOM   895  C  CG2 . ILE A 1 105 ? 5.694   -2.028  13.244  1.00 39.95  ? 105  ILE A CG2 1 
ATOM   896  C  CD1 . ILE A 1 105 ? 6.390   0.741   12.196  1.00 43.60  ? 105  ILE A CD1 1 
ATOM   897  N  N   . GLU A 1 106 ? 5.255   -3.796  9.881   1.00 47.86  ? 106  GLU A N   1 
ATOM   898  C  CA  . GLU A 1 106 ? 4.882   -5.175  9.601   1.00 56.21  ? 106  GLU A CA  1 
ATOM   899  C  C   . GLU A 1 106 ? 5.921   -6.129  10.174  1.00 55.59  ? 106  GLU A C   1 
ATOM   900  O  O   . GLU A 1 106 ? 7.080   -6.130  9.755   1.00 51.19  ? 106  GLU A O   1 
ATOM   901  C  CB  . GLU A 1 106 ? 4.731   -5.388  8.091   1.00 68.18  ? 106  GLU A CB  1 
ATOM   902  C  CG  . GLU A 1 106 ? 5.917   -4.924  7.260   1.00 100.00 ? 106  GLU A CG  1 
ATOM   903  C  CD  . GLU A 1 106 ? 5.672   -5.072  5.767   1.00 100.00 ? 106  GLU A CD  1 
ATOM   904  O  OE1 . GLU A 1 106 ? 4.706   -4.466  5.258   1.00 100.00 ? 106  GLU A OE1 1 
ATOM   905  O  OE2 . GLU A 1 106 ? 6.446   -5.793  5.104   1.00 100.00 ? 106  GLU A OE2 1 
ATOM   906  N  N   . ASP A 1 107 ? 5.495   -6.931  11.145  1.00 60.67  ? 107  ASP A N   1 
ATOM   907  C  CA  . ASP A 1 107 ? 6.374   -7.894  11.800  1.00 100.00 ? 107  ASP A CA  1 
ATOM   908  C  C   . ASP A 1 107 ? 7.520   -7.204  12.534  1.00 63.05  ? 107  ASP A C   1 
ATOM   909  O  O   . ASP A 1 107 ? 7.305   -6.549  13.555  1.00 60.06  ? 107  ASP A O   1 
ATOM   910  C  CB  . ASP A 1 107 ? 6.931   -8.886  10.775  1.00 100.00 ? 107  ASP A CB  1 
ATOM   911  C  CG  . ASP A 1 107 ? 5.849   -9.739  10.143  1.00 100.00 ? 107  ASP A CG  1 
ATOM   912  O  OD1 . ASP A 1 107 ? 5.136   -10.443 10.890  1.00 100.00 ? 107  ASP A OD1 1 
ATOM   913  O  OD2 . ASP A 1 107 ? 5.712   -9.708  8.902   1.00 100.00 ? 107  ASP A OD2 1 
ATOM   914  N  N   . ASP A 1 108 ? 8.734   -7.345  12.010  1.00 58.36  ? 108  ASP A N   1 
ATOM   915  C  CA  . ASP A 1 108 ? 9.906   -6.744  12.634  1.00 56.71  ? 108  ASP A CA  1 
ATOM   916  C  C   . ASP A 1 108 ? 10.554  -5.668  11.771  1.00 52.13  ? 108  ASP A C   1 
ATOM   917  O  O   . ASP A 1 108 ? 11.721  -5.329  11.966  1.00 51.20  ? 108  ASP A O   1 
ATOM   918  C  CB  . ASP A 1 108 ? 10.940  -7.827  12.953  1.00 68.50  ? 108  ASP A CB  1 
ATOM   919  C  CG  . ASP A 1 108 ? 11.452  -8.526  11.708  1.00 78.27  ? 108  ASP A CG  1 
ATOM   920  O  OD1 . ASP A 1 108 ? 10.626  -9.081  10.953  1.00 100.00 ? 108  ASP A OD1 1 
ATOM   921  O  OD2 . ASP A 1 108 ? 12.682  -8.523  11.486  1.00 100.00 ? 108  ASP A OD2 1 
ATOM   922  N  N   . GLU A 1 109 ? 9.800   -5.126  10.820  1.00 47.63  ? 109  GLU A N   1 
ATOM   923  C  CA  . GLU A 1 109 ? 10.336  -4.091  9.945   1.00 45.86  ? 109  GLU A CA  1 
ATOM   924  C  C   . GLU A 1 109 ? 9.475   -2.836  9.929   1.00 42.36  ? 109  GLU A C   1 
ATOM   925  O  O   . GLU A 1 109 ? 8.273   -2.891  10.183  1.00 43.37  ? 109  GLU A O   1 
ATOM   926  C  CB  . GLU A 1 109 ? 10.466  -4.615  8.513   1.00 48.49  ? 109  GLU A CB  1 
ATOM   927  C  CG  . GLU A 1 109 ? 11.344  -5.840  8.365   1.00 53.48  ? 109  GLU A CG  1 
ATOM   928  C  CD  . GLU A 1 109 ? 11.506  -6.256  6.915   1.00 55.79  ? 109  GLU A CD  1 
ATOM   929  O  OE1 . GLU A 1 109 ? 10.476  -6.439  6.231   1.00 56.82  ? 109  GLU A OE1 1 
ATOM   930  O  OE2 . GLU A 1 109 ? 12.660  -6.402  6.462   1.00 57.91  ? 109  GLU A OE2 1 
ATOM   931  N  N   . ILE A 1 110 ? 10.105  -1.706  9.631   1.00 38.28  ? 110  ILE A N   1 
ATOM   932  C  CA  . ILE A 1 110 ? 9.405   -0.432  9.546   1.00 36.24  ? 110  ILE A CA  1 
ATOM   933  C  C   . ILE A 1 110 ? 9.612   0.112   8.141   1.00 35.36  ? 110  ILE A C   1 
ATOM   934  O  O   . ILE A 1 110 ? 10.739  0.402   7.741   1.00 36.85  ? 110  ILE A O   1 
ATOM   935  C  CB  . ILE A 1 110 ? 9.953   0.605   10.552  1.00 34.59  ? 110  ILE A CB  1 
ATOM   936  C  CG1 . ILE A 1 110 ? 9.781   0.094   11.984  1.00 34.49  ? 110  ILE A CG1 1 
ATOM   937  C  CG2 . ILE A 1 110 ? 9.214   1.928   10.378  1.00 34.80  ? 110  ILE A CG2 1 
ATOM   938  C  CD1 . ILE A 1 110 ? 10.326  1.041   13.039  1.00 34.09  ? 110  ILE A CD1 1 
ATOM   939  N  N   . LEU A 1 111 ? 8.525   0.232   7.389   1.00 34.23  ? 111  LEU A N   1 
ATOM   940  C  CA  . LEU A 1 111 ? 8.602   0.745   6.027   1.00 35.25  ? 111  LEU A CA  1 
ATOM   941  C  C   . LEU A 1 111 ? 8.267   2.225   5.974   1.00 32.65  ? 111  LEU A C   1 
ATOM   942  O  O   . LEU A 1 111 ? 7.188   2.647   6.392   1.00 32.89  ? 111  LEU A O   1 
ATOM   943  C  CB  . LEU A 1 111 ? 7.645   -0.021  5.108   1.00 43.16  ? 111  LEU A CB  1 
ATOM   944  C  CG  . LEU A 1 111 ? 8.025   -1.446  4.708   1.00 53.85  ? 111  LEU A CG  1 
ATOM   945  C  CD1 . LEU A 1 111 ? 6.912   -2.053  3.866   1.00 100.00 ? 111  LEU A CD1 1 
ATOM   946  C  CD2 . LEU A 1 111 ? 9.329   -1.426  3.925   1.00 50.83  ? 111  LEU A CD2 1 
ATOM   947  N  N   . VAL A 1 112 ? 9.199   3.011   5.452   1.00 27.61  ? 112  VAL A N   1 
ATOM   948  C  CA  . VAL A 1 112 ? 9.004   4.444   5.322   1.00 32.11  ? 112  VAL A CA  1 
ATOM   949  C  C   . VAL A 1 112 ? 9.502   4.861   3.951   1.00 34.96  ? 112  VAL A C   1 
ATOM   950  O  O   . VAL A 1 112 ? 10.389  4.220   3.386   1.00 35.76  ? 112  VAL A O   1 
ATOM   951  C  CB  . VAL A 1 112 ? 9.799   5.227   6.391   1.00 34.10  ? 112  VAL A CB  1 
ATOM   952  C  CG1 . VAL A 1 112 ? 9.298   4.873   7.782   1.00 32.22  ? 112  VAL A CG1 1 
ATOM   953  C  CG2 . VAL A 1 112 ? 11.282  4.909   6.268   1.00 33.47  ? 112  VAL A CG2 1 
ATOM   954  N  N   . ARG A 1 113 ? 8.923   5.926   3.411   1.00 35.70  ? 113  ARG A N   1 
ATOM   955  C  CA  . ARG A 1 113 ? 9.345   6.412   2.110   1.00 40.96  ? 113  ARG A CA  1 
ATOM   956  C  C   . ARG A 1 113 ? 10.789  6.868   2.192   1.00 47.02  ? 113  ARG A C   1 
ATOM   957  O  O   . ARG A 1 113 ? 11.269  7.251   3.262   1.00 43.52  ? 113  ARG A O   1 
ATOM   958  C  CB  . ARG A 1 113 ? 8.480   7.585   1.653   1.00 38.79  ? 113  ARG A CB  1 
ATOM   959  C  CG  . ARG A 1 113 ? 7.111   7.196   1.130   1.00 34.65  ? 113  ARG A CG  1 
ATOM   960  C  CD  . ARG A 1 113 ? 6.647   8.225   0.116   1.00 39.49  ? 113  ARG A CD  1 
ATOM   961  N  NE  . ARG A 1 113 ? 5.363   7.892   -0.495  1.00 33.88  ? 113  ARG A NE  1 
ATOM   962  C  CZ  . ARG A 1 113 ? 4.180   8.164   0.044   1.00 38.43  ? 113  ARG A CZ  1 
ATOM   963  N  NH1 . ARG A 1 113 ? 4.103   8.778   1.218   1.00 36.49  ? 113  ARG A NH1 1 
ATOM   964  N  NH2 . ARG A 1 113 ? 3.070   7.833   -0.600  1.00 38.28  ? 113  ARG A NH2 1 
ATOM   965  N  N   . TYR A 1 114 ? 11.483  6.819   1.063   1.00 52.42  ? 114  TYR A N   1 
ATOM   966  C  CA  . TYR A 1 114 ? 12.866  7.254   1.024   1.00 58.29  ? 114  TYR A CA  1 
ATOM   967  C  C   . TYR A 1 114 ? 12.894  8.736   1.365   1.00 57.88  ? 114  TYR A C   1 
ATOM   968  O  O   . TYR A 1 114 ? 12.235  9.545   0.712   1.00 57.97  ? 114  TYR A O   1 
ATOM   969  C  CB  . TYR A 1 114 ? 13.461  7.024   -0.370  1.00 69.06  ? 114  TYR A CB  1 
ATOM   970  C  CG  . TYR A 1 114 ? 14.885  7.520   -0.512  1.00 81.27  ? 114  TYR A CG  1 
ATOM   971  C  CD1 . TYR A 1 114 ? 15.176  8.884   -0.491  1.00 100.00 ? 114  TYR A CD1 1 
ATOM   972  C  CD2 . TYR A 1 114 ? 15.947  6.624   -0.639  1.00 100.00 ? 114  TYR A CD2 1 
ATOM   973  C  CE1 . TYR A 1 114 ? 16.481  9.346   -0.584  1.00 100.00 ? 114  TYR A CE1 1 
ATOM   974  C  CE2 . TYR A 1 114 ? 17.263  7.078   -0.734  1.00 100.00 ? 114  TYR A CE2 1 
ATOM   975  C  CZ  . TYR A 1 114 ? 17.521  8.439   -0.706  1.00 100.00 ? 114  TYR A CZ  1 
ATOM   976  O  OH  . TYR A 1 114 ? 18.815  8.899   -0.792  1.00 100.00 ? 114  TYR A OH  1 
ATOM   977  N  N   . ASP A 1 115 ? 13.650  9.086   2.398   1.00 59.86  ? 115  ASP A N   1 
ATOM   978  C  CA  . ASP A 1 115 ? 13.771  10.473  2.824   1.00 63.98  ? 115  ASP A CA  1 
ATOM   979  C  C   . ASP A 1 115 ? 15.179  10.696  3.356   1.00 67.46  ? 115  ASP A C   1 
ATOM   980  O  O   . ASP A 1 115 ? 15.544  10.178  4.411   1.00 65.18  ? 115  ASP A O   1 
ATOM   981  C  CB  . ASP A 1 115 ? 12.748  10.787  3.918   1.00 62.77  ? 115  ASP A CB  1 
ATOM   982  C  CG  . ASP A 1 115 ? 12.727  12.257  4.290   1.00 63.69  ? 115  ASP A CG  1 
ATOM   983  O  OD1 . ASP A 1 115 ? 13.803  12.808  4.598   1.00 66.46  ? 115  ASP A OD1 1 
ATOM   984  O  OD2 . ASP A 1 115 ? 11.634  12.861  4.276   1.00 63.09  ? 115  ASP A OD2 1 
ATOM   985  N  N   . LYS A 1 116 ? 15.967  11.465  2.612   1.00 75.02  ? 116  LYS A N   1 
ATOM   986  C  CA  . LYS A 1 116 ? 17.342  11.754  2.998   1.00 100.00 ? 116  LYS A CA  1 
ATOM   987  C  C   . LYS A 1 116 ? 17.465  12.233  4.441   1.00 75.93  ? 116  LYS A C   1 
ATOM   988  O  O   . LYS A 1 116 ? 18.166  11.619  5.245   1.00 70.62  ? 116  LYS A O   1 
ATOM   989  C  CB  . LYS A 1 116 ? 17.948  12.801  2.057   1.00 100.00 ? 116  LYS A CB  1 
ATOM   990  C  CG  . LYS A 1 116 ? 19.263  13.395  2.553   1.00 100.00 ? 116  LYS A CG  1 
ATOM   991  C  CD  . LYS A 1 116 ? 20.286  12.315  2.865   1.00 100.00 ? 116  LYS A CD  1 
ATOM   992  C  CE  . LYS A 1 116 ? 21.540  12.907  3.489   1.00 100.00 ? 116  LYS A CE  1 
ATOM   993  N  NZ  . LYS A 1 116 ? 21.247  13.596  4.776   1.00 100.00 ? 116  LYS A NZ  1 
ATOM   994  N  N   . THR A 1 117 ? 16.777  13.325  4.763   1.00 71.60  ? 117  THR A N   1 
ATOM   995  C  CA  . THR A 1 117 ? 16.813  13.907  6.103   1.00 72.27  ? 117  THR A CA  1 
ATOM   996  C  C   . THR A 1 117 ? 16.355  12.941  7.193   1.00 63.08  ? 117  THR A C   1 
ATOM   997  O  O   . THR A 1 117 ? 16.252  13.316  8.362   1.00 60.46  ? 117  THR A O   1 
ATOM   998  C  CB  . THR A 1 117 ? 15.931  15.167  6.185   1.00 78.59  ? 117  THR A CB  1 
ATOM   999  O  OG1 . THR A 1 117 ? 14.554  14.799  6.038   1.00 80.83  ? 117  THR A OG1 1 
ATOM   1000 C  CG2 . THR A 1 117 ? 16.305  16.148  5.084   1.00 80.50  ? 117  THR A CG2 1 
ATOM   1001 N  N   . LEU A 1 118 ? 16.084  11.699  6.809   1.00 58.32  ? 118  LEU A N   1 
ATOM   1002 C  CA  . LEU A 1 118 ? 15.628  10.693  7.754   1.00 56.73  ? 118  LEU A CA  1 
ATOM   1003 C  C   . LEU A 1 118 ? 16.738  9.716   8.138   1.00 53.10  ? 118  LEU A C   1 
ATOM   1004 O  O   . LEU A 1 118 ? 16.690  9.103   9.202   1.00 49.15  ? 118  LEU A O   1 
ATOM   1005 C  CB  . LEU A 1 118 ? 14.430  9.944   7.157   1.00 67.65  ? 118  LEU A CB  1 
ATOM   1006 C  CG  . LEU A 1 118 ? 13.774  8.800   7.933   1.00 75.84  ? 118  LEU A CG  1 
ATOM   1007 C  CD1 . LEU A 1 118 ? 12.361  8.583   7.420   1.00 79.26  ? 118  LEU A CD1 1 
ATOM   1008 C  CD2 . LEU A 1 118 ? 14.595  7.535   7.781   1.00 79.07  ? 118  LEU A CD2 1 
ATOM   1009 N  N   . GLU A 1 119 ? 17.739  9.577   7.274   1.00 51.83  ? 119  GLU A N   1 
ATOM   1010 C  CA  . GLU A 1 119 ? 18.847  8.666   7.544   1.00 51.72  ? 119  GLU A CA  1 
ATOM   1011 C  C   . GLU A 1 119 ? 19.601  9.050   8.808   1.00 50.28  ? 119  GLU A C   1 
ATOM   1012 O  O   . GLU A 1 119 ? 19.999  8.186   9.590   1.00 48.40  ? 119  GLU A O   1 
ATOM   1013 C  CB  . GLU A 1 119 ? 19.815  8.637   6.361   1.00 53.69  ? 119  GLU A CB  1 
ATOM   1014 C  CG  . GLU A 1 119 ? 19.231  8.030   5.099   1.00 58.95  ? 119  GLU A CG  1 
ATOM   1015 C  CD  . GLU A 1 119 ? 20.242  7.954   3.976   1.00 59.43  ? 119  GLU A CD  1 
ATOM   1016 O  OE1 . GLU A 1 119 ? 20.759  9.016   3.575   1.00 63.21  ? 119  GLU A OE1 1 
ATOM   1017 O  OE2 . GLU A 1 119 ? 20.519  6.835   3.498   1.00 60.35  ? 119  GLU A OE2 1 
ATOM   1018 N  N   . LYS A 1 120 ? 19.796  10.350  9.003   1.00 50.68  ? 120  LYS A N   1 
ATOM   1019 C  CA  . LYS A 1 120 ? 20.504  10.847  10.175  1.00 56.50  ? 120  LYS A CA  1 
ATOM   1020 C  C   . LYS A 1 120 ? 19.769  10.453  11.451  1.00 51.67  ? 120  LYS A C   1 
ATOM   1021 O  O   . LYS A 1 120 ? 20.374  10.316  12.513  1.00 50.78  ? 120  LYS A O   1 
ATOM   1022 C  CB  . LYS A 1 120 ? 20.654  12.372  10.093  1.00 68.26  ? 120  LYS A CB  1 
ATOM   1023 C  CG  . LYS A 1 120 ? 19.349  13.145  9.939   1.00 77.55  ? 120  LYS A CG  1 
ATOM   1024 C  CD  . LYS A 1 120 ? 18.565  13.205  11.240  1.00 90.91  ? 120  LYS A CD  1 
ATOM   1025 C  CE  . LYS A 1 120 ? 17.252  13.945  11.063  1.00 98.04  ? 120  LYS A CE  1 
ATOM   1026 N  NZ  . LYS A 1 120 ? 16.465  13.984  12.325  1.00 100.00 ? 120  LYS A NZ  1 
ATOM   1027 N  N   . LEU A 1 121 ? 18.459  10.267  11.334  1.00 47.92  ? 121  LEU A N   1 
ATOM   1028 C  CA  . LEU A 1 121 ? 17.642  9.889   12.475  1.00 45.20  ? 121  LEU A CA  1 
ATOM   1029 C  C   . LEU A 1 121 ? 17.795  8.402   12.770  1.00 44.30  ? 121  LEU A C   1 
ATOM   1030 O  O   . LEU A 1 121 ? 17.917  8.004   13.928  1.00 43.75  ? 121  LEU A O   1 
ATOM   1031 C  CB  . LEU A 1 121 ? 16.171  10.223  12.206  1.00 44.44  ? 121  LEU A CB  1 
ATOM   1032 C  CG  . LEU A 1 121 ? 15.193  9.990   13.360  1.00 44.32  ? 121  LEU A CG  1 
ATOM   1033 C  CD1 . LEU A 1 121 ? 15.650  10.761  14.592  1.00 44.18  ? 121  LEU A CD1 1 
ATOM   1034 C  CD2 . LEU A 1 121 ? 13.800  10.433  12.942  1.00 41.28  ? 121  LEU A CD2 1 
ATOM   1035 N  N   . ILE A 1 122 ? 17.789  7.581   11.723  1.00 42.47  ? 122  ILE A N   1 
ATOM   1036 C  CA  . ILE A 1 122 ? 17.937  6.141   11.901  1.00 43.08  ? 122  ILE A CA  1 
ATOM   1037 C  C   . ILE A 1 122 ? 19.301  5.835   12.509  1.00 43.98  ? 122  ILE A C   1 
ATOM   1038 O  O   . ILE A 1 122 ? 19.410  5.032   13.434  1.00 44.51  ? 122  ILE A O   1 
ATOM   1039 C  CB  . ILE A 1 122 ? 17.822  5.380   10.562  1.00 42.14  ? 122  ILE A CB  1 
ATOM   1040 C  CG1 . ILE A 1 122 ? 16.442  5.612   9.945   1.00 43.69  ? 122  ILE A CG1 1 
ATOM   1041 C  CG2 . ILE A 1 122 ? 18.042  3.888   10.791  1.00 40.53  ? 122  ILE A CG2 1 
ATOM   1042 C  CD1 . ILE A 1 122 ? 16.234  4.887   8.631   1.00 44.40  ? 122  ILE A CD1 1 
ATOM   1043 N  N   . ASP A 1 123 ? 20.339  6.478   11.984  1.00 46.17  ? 123  ASP A N   1 
ATOM   1044 C  CA  . ASP A 1 123 ? 21.691  6.267   12.488  1.00 48.75  ? 123  ASP A CA  1 
ATOM   1045 C  C   . ASP A 1 123 ? 21.776  6.721   13.938  1.00 48.50  ? 123  ASP A C   1 
ATOM   1046 O  O   . ASP A 1 123 ? 22.360  6.040   14.780  1.00 47.55  ? 123  ASP A O   1 
ATOM   1047 C  CB  . ASP A 1 123 ? 22.704  7.038   11.639  1.00 49.04  ? 123  ASP A CB  1 
ATOM   1048 C  CG  . ASP A 1 123 ? 22.741  6.560   10.200  1.00 51.57  ? 123  ASP A CG  1 
ATOM   1049 O  OD1 . ASP A 1 123 ? 22.866  5.335   9.982   1.00 51.71  ? 123  ASP A OD1 1 
ATOM   1050 O  OD2 . ASP A 1 123 ? 22.653  7.406   9.285   1.00 63.46  ? 123  ASP A OD2 1 
ATOM   1051 N  N   . GLU A 1 124 ? 21.183  7.876   14.222  1.00 49.14  ? 124  GLU A N   1 
ATOM   1052 C  CA  . GLU A 1 124 ? 21.178  8.427   15.569  1.00 49.46  ? 124  GLU A CA  1 
ATOM   1053 C  C   . GLU A 1 124 ? 20.615  7.395   16.541  1.00 49.55  ? 124  GLU A C   1 
ATOM   1054 O  O   . GLU A 1 124 ? 21.119  7.230   17.651  1.00 49.53  ? 124  GLU A O   1 
ATOM   1055 C  CB  . GLU A 1 124 ? 20.327  9.697   15.607  1.00 54.31  ? 124  GLU A CB  1 
ATOM   1056 C  CG  . GLU A 1 124 ? 20.257  10.368  16.965  1.00 59.05  ? 124  GLU A CG  1 
ATOM   1057 C  CD  . GLU A 1 124 ? 19.406  11.622  16.944  1.00 61.47  ? 124  GLU A CD  1 
ATOM   1058 O  OE1 . GLU A 1 124 ? 19.728  12.546  16.166  1.00 64.19  ? 124  GLU A OE1 1 
ATOM   1059 O  OE2 . GLU A 1 124 ? 18.414  11.683  17.702  1.00 66.52  ? 124  GLU A OE2 1 
ATOM   1060 N  N   . VAL A 1 125 ? 19.567  6.701   16.112  1.00 44.38  ? 125  VAL A N   1 
ATOM   1061 C  CA  . VAL A 1 125 ? 18.936  5.679   16.936  1.00 44.29  ? 125  VAL A CA  1 
ATOM   1062 C  C   . VAL A 1 125 ? 19.786  4.411   16.937  1.00 45.21  ? 125  VAL A C   1 
ATOM   1063 O  O   . VAL A 1 125 ? 19.689  3.588   17.847  1.00 47.36  ? 125  VAL A O   1 
ATOM   1064 C  CB  . VAL A 1 125 ? 17.519  5.347   16.415  1.00 41.85  ? 125  VAL A CB  1 
ATOM   1065 C  CG1 . VAL A 1 125 ? 16.861  4.311   17.313  1.00 43.49  ? 125  VAL A CG1 1 
ATOM   1066 C  CG2 . VAL A 1 125 ? 16.680  6.613   16.362  1.00 40.25  ? 125  VAL A CG2 1 
ATOM   1067 N  N   . GLY A 1 126 ? 20.617  4.261   15.908  1.00 49.44  ? 126  GLY A N   1 
ATOM   1068 C  CA  . GLY A 1 126 ? 21.488  3.102   15.812  1.00 52.07  ? 126  GLY A CA  1 
ATOM   1069 C  C   . GLY A 1 126 ? 20.824  1.836   15.305  1.00 55.70  ? 126  GLY A C   1 
ATOM   1070 O  O   . GLY A 1 126 ? 21.207  0.730   15.693  1.00 55.74  ? 126  GLY A O   1 
ATOM   1071 N  N   . VAL A 1 127 ? 19.832  1.986   14.433  1.00 51.97  ? 127  VAL A N   1 
ATOM   1072 C  CA  . VAL A 1 127 ? 19.128  0.834   13.885  1.00 47.79  ? 127  VAL A CA  1 
ATOM   1073 C  C   . VAL A 1 127 ? 19.599  0.548   12.463  1.00 48.81  ? 127  VAL A C   1 
ATOM   1074 O  O   . VAL A 1 127 ? 19.892  1.469   11.697  1.00 47.37  ? 127  VAL A O   1 
ATOM   1075 C  CB  . VAL A 1 127 ? 17.601  1.066   13.869  1.00 45.36  ? 127  VAL A CB  1 
ATOM   1076 C  CG1 . VAL A 1 127 ? 16.886  -0.198  13.413  1.00 41.12  ? 127  VAL A CG1 1 
ATOM   1077 C  CG2 . VAL A 1 127 ? 17.124  1.475   15.254  1.00 49.87  ? 127  VAL A CG2 1 
ATOM   1078 N  N   . SER A 1 128 ? 19.673  -0.732  12.118  1.00 50.39  ? 128  SER A N   1 
ATOM   1079 C  CA  . SER A 1 128 ? 20.106  -1.145  10.789  1.00 53.67  ? 128  SER A CA  1 
ATOM   1080 C  C   . SER A 1 128 ? 18.956  -1.012  9.794   1.00 55.20  ? 128  SER A C   1 
ATOM   1081 O  O   . SER A 1 128 ? 17.827  -1.409  10.084  1.00 53.83  ? 128  SER A O   1 
ATOM   1082 C  CB  . SER A 1 128 ? 20.587  -2.597  10.818  1.00 55.84  ? 128  SER A CB  1 
ATOM   1083 O  OG  . SER A 1 128 ? 21.626  -2.773  11.766  1.00 60.20  ? 128  SER A OG  1 
ATOM   1084 N  N   . TYR A 1 129 ? 19.245  -0.448  8.626   1.00 51.70  ? 129  TYR A N   1 
ATOM   1085 C  CA  . TYR A 1 129 ? 18.226  -0.285  7.599   1.00 52.89  ? 129  TYR A CA  1 
ATOM   1086 C  C   . TYR A 1 129 ? 18.781  -0.606  6.219   1.00 53.76  ? 129  TYR A C   1 
ATOM   1087 O  O   . TYR A 1 129 ? 19.993  -0.728  6.034   1.00 54.94  ? 129  TYR A O   1 
ATOM   1088 C  CB  . TYR A 1 129 ? 17.676  1.143   7.607   1.00 53.22  ? 129  TYR A CB  1 
ATOM   1089 C  CG  . TYR A 1 129 ? 18.659  2.195   7.148   1.00 55.72  ? 129  TYR A CG  1 
ATOM   1090 C  CD1 . TYR A 1 129 ? 19.763  2.536   7.927   1.00 55.14  ? 129  TYR A CD1 1 
ATOM   1091 C  CD2 . TYR A 1 129 ? 18.479  2.858   5.936   1.00 55.58  ? 129  TYR A CD2 1 
ATOM   1092 C  CE1 . TYR A 1 129 ? 20.663  3.515   7.511   1.00 58.96  ? 129  TYR A CE1 1 
ATOM   1093 C  CE2 . TYR A 1 129 ? 19.372  3.837   5.508   1.00 59.08  ? 129  TYR A CE2 1 
ATOM   1094 C  CZ  . TYR A 1 129 ? 20.460  4.162   6.300   1.00 58.88  ? 129  TYR A CZ  1 
ATOM   1095 O  OH  . TYR A 1 129 ? 21.339  5.136   5.883   1.00 60.91  ? 129  TYR A OH  1 
ATOM   1096 N  N   . GLU A 1 130 ? 17.884  -0.742  5.251   1.00 52.12  ? 130  GLU A N   1 
ATOM   1097 C  CA  . GLU A 1 130 ? 18.273  -1.045  3.883   1.00 53.24  ? 130  GLU A CA  1 
ATOM   1098 C  C   . GLU A 1 130 ? 17.352  -0.319  2.914   1.00 55.80  ? 130  GLU A C   1 
ATOM   1099 O  O   . GLU A 1 130 ? 16.153  -0.194  3.162   1.00 48.83  ? 130  GLU A O   1 
ATOM   1100 C  CB  . GLU A 1 130 ? 18.194  -2.552  3.635   1.00 60.78  ? 130  GLU A CB  1 
ATOM   1101 C  CG  . GLU A 1 130 ? 18.567  -2.968  2.223   1.00 100.00 ? 130  GLU A CG  1 
ATOM   1102 C  CD  . GLU A 1 130 ? 18.367  -4.450  1.979   1.00 100.00 ? 130  GLU A CD  1 
ATOM   1103 O  OE1 . GLU A 1 130 ? 18.665  -4.914  0.858   1.00 100.00 ? 130  GLU A OE1 1 
ATOM   1104 O  OE2 . GLU A 1 130 ? 17.910  -5.151  2.907   1.00 100.00 ? 130  GLU A OE2 1 
ATOM   1105 N  N   . GLN A 1 131 ? 17.916  0.170   1.817   1.00 49.78  ? 131  GLN A N   1 
ATOM   1106 C  CA  . GLN A 1 131 ? 17.126  0.869   0.816   1.00 51.93  ? 131  GLN A CA  1 
ATOM   1107 C  C   . GLN A 1 131 ? 16.579  -0.188  -0.133  1.00 51.07  ? 131  GLN A C   1 
ATOM   1108 O  O   . GLN A 1 131 ? 17.249  -1.183  -0.416  1.00 50.41  ? 131  GLN A O   1 
ATOM   1109 C  CB  . GLN A 1 131 ? 17.997  1.864   0.053   1.00 55.72  ? 131  GLN A CB  1 
ATOM   1110 C  CG  . GLN A 1 131 ? 17.246  3.085   -0.439  1.00 66.73  ? 131  GLN A CG  1 
ATOM   1111 C  CD  . GLN A 1 131 ? 18.121  4.016   -1.250  1.00 70.78  ? 131  GLN A CD  1 
ATOM   1112 O  OE1 . GLN A 1 131 ? 19.223  4.373   -0.833  1.00 100.00 ? 131  GLN A OE1 1 
ATOM   1113 N  NE2 . GLN A 1 131 ? 17.630  4.422   -2.415  1.00 100.00 ? 131  GLN A NE2 1 
ATOM   1114 N  N   . SER A 1 132 ? 15.363  0.016   -0.623  1.00 49.06  ? 132  SER A N   1 
ATOM   1115 C  CA  . SER A 1 132 ? 14.757  -0.954  -1.523  1.00 42.37  ? 132  SER A CA  1 
ATOM   1116 C  C   . SER A 1 132 ? 13.602  -0.347  -2.307  1.00 41.68  ? 132  SER A C   1 
ATOM   1117 O  O   . SER A 1 132 ? 13.372  0.862   -2.270  1.00 37.51  ? 132  SER A O   1 
ATOM   1118 C  CB  . SER A 1 132 ? 14.265  -2.160  -0.716  1.00 48.18  ? 132  SER A CB  1 
ATOM   1119 O  OG  . SER A 1 132 ? 13.722  -3.166  -1.554  1.00 52.44  ? 132  SER A OG  1 
ATOM   1120 N  N   . GLU A 1 133 ? 12.890  -1.200  -3.032  1.00 41.68  ? 133  GLU A N   1 
ATOM   1121 C  CA  . GLU A 1 133 ? 11.744  -0.777  -3.819  1.00 40.76  ? 133  GLU A CA  1 
ATOM   1122 C  C   . GLU A 1 133 ? 10.584  -1.657  -3.390  1.00 37.02  ? 133  GLU A C   1 
ATOM   1123 O  O   . GLU A 1 133 ? 10.640  -2.877  -3.530  1.00 35.02  ? 133  GLU A O   1 
ATOM   1124 C  CB  . GLU A 1 133 ? 12.025  -0.967  -5.309  1.00 49.34  ? 133  GLU A CB  1 
ATOM   1125 C  CG  . GLU A 1 133 ? 13.245  -0.207  -5.799  1.00 100.00 ? 133  GLU A CG  1 
ATOM   1126 C  CD  . GLU A 1 133 ? 14.224  -1.095  -6.538  1.00 100.00 ? 133  GLU A CD  1 
ATOM   1127 O  OE1 . GLU A 1 133 ? 13.864  -1.612  -7.616  1.00 100.00 ? 133  GLU A OE1 1 
ATOM   1128 O  OE2 . GLU A 1 133 ? 15.354  -1.280  -6.036  1.00 100.00 ? 133  GLU A OE2 1 
ATOM   1129 N  N   . ARG A 1 134 ? 9.547   -1.036  -2.843  1.00 30.16  ? 134  ARG A N   1 
ATOM   1130 C  CA  . ARG A 1 134 ? 8.383   -1.781  -2.387  1.00 31.13  ? 134  ARG A CA  1 
ATOM   1131 C  C   . ARG A 1 134 ? 7.082   -1.040  -2.625  1.00 23.78  ? 134  ARG A C   1 
ATOM   1132 O  O   . ARG A 1 134 ? 7.066   0.140   -2.979  1.00 23.93  ? 134  ARG A O   1 
ATOM   1133 C  CB  . ARG A 1 134 ? 8.471   -2.071  -0.890  1.00 34.73  ? 134  ARG A CB  1 
ATOM   1134 C  CG  . ARG A 1 134 ? 9.417   -3.174  -0.473  1.00 48.19  ? 134  ARG A CG  1 
ATOM   1135 C  CD  . ARG A 1 134 ? 8.953   -3.689  0.877   1.00 55.40  ? 134  ARG A CD  1 
ATOM   1136 N  NE  . ARG A 1 134 ? 9.873   -4.632  1.496   1.00 58.33  ? 134  ARG A NE  1 
ATOM   1137 C  CZ  . ARG A 1 134 ? 9.603   -5.296  2.614   1.00 57.39  ? 134  ARG A CZ  1 
ATOM   1138 N  NH1 . ARG A 1 134 ? 8.437   -5.117  3.224   1.00 60.28  ? 134  ARG A NH1 1 
ATOM   1139 N  NH2 . ARG A 1 134 ? 10.496  -6.132  3.128   1.00 62.80  ? 134  ARG A NH2 1 
ATOM   1140 N  N   . ARG A 1 135 ? 5.987   -1.762  -2.416  1.00 22.37  ? 135  ARG A N   1 
ATOM   1141 C  CA  . ARG A 1 135 ? 4.654   -1.198  -2.543  1.00 23.68  ? 135  ARG A CA  1 
ATOM   1142 C  C   . ARG A 1 135 ? 4.110   -1.191  -1.117  1.00 21.50  ? 135  ARG A C   1 
ATOM   1143 O  O   . ARG A 1 135 ? 4.204   -2.203  -0.421  1.00 27.35  ? 135  ARG A O   1 
ATOM   1144 C  CB  . ARG A 1 135 ? 3.755   -2.095  -3.402  1.00 23.54  ? 135  ARG A CB  1 
ATOM   1145 C  CG  . ARG A 1 135 ? 4.251   -2.388  -4.809  1.00 25.30  ? 135  ARG A CG  1 
ATOM   1146 C  CD  . ARG A 1 135 ? 3.357   -3.436  -5.476  1.00 23.09  ? 135  ARG A CD  1 
ATOM   1147 N  NE  . ARG A 1 135 ? 3.843   -3.839  -6.796  1.00 26.02  ? 135  ARG A NE  1 
ATOM   1148 C  CZ  . ARG A 1 135 ? 3.718   -3.110  -7.900  1.00 25.61  ? 135  ARG A CZ  1 
ATOM   1149 N  NH1 . ARG A 1 135 ? 3.115   -1.928  -7.860  1.00 25.28  ? 135  ARG A NH1 1 
ATOM   1150 N  NH2 . ARG A 1 135 ? 4.200   -3.565  -9.049  1.00 30.70  ? 135  ARG A NH2 1 
ATOM   1151 N  N   . PHE A 1 136 ? 3.564   -0.065  -0.667  1.00 20.60  ? 136  PHE A N   1 
ATOM   1152 C  CA  . PHE A 1 136 ? 2.985   -0.014  0.673   1.00 20.91  ? 136  PHE A CA  1 
ATOM   1153 C  C   . PHE A 1 136 ? 1.661   -0.771  0.571   1.00 22.88  ? 136  PHE A C   1 
ATOM   1154 O  O   . PHE A 1 136 ? 0.790   -0.397  -0.214  1.00 24.12  ? 136  PHE A O   1 
ATOM   1155 C  CB  . PHE A 1 136 ? 2.758   1.433   1.110   1.00 22.60  ? 136  PHE A CB  1 
ATOM   1156 C  CG  . PHE A 1 136 ? 4.029   2.177   1.404   1.00 24.99  ? 136  PHE A CG  1 
ATOM   1157 C  CD1 . PHE A 1 136 ? 4.743   2.797   0.386   1.00 26.28  ? 136  PHE A CD1 1 
ATOM   1158 C  CD2 . PHE A 1 136 ? 4.534   2.221   2.701   1.00 26.90  ? 136  PHE A CD2 1 
ATOM   1159 C  CE1 . PHE A 1 136 ? 5.947   3.454   0.654   1.00 32.53  ? 136  PHE A CE1 1 
ATOM   1160 C  CE2 . PHE A 1 136 ? 5.735   2.871   2.980   1.00 27.45  ? 136  PHE A CE2 1 
ATOM   1161 C  CZ  . PHE A 1 136 ? 6.442   3.488   1.955   1.00 29.35  ? 136  PHE A CZ  1 
ATOM   1162 N  N   . LYS A 1 137 ? 1.509   -1.827  1.364   1.00 23.58  ? 137  LYS A N   1 
ATOM   1163 C  CA  . LYS A 1 137 ? 0.314   -2.666  1.286   1.00 26.94  ? 137  LYS A CA  1 
ATOM   1164 C  C   . LYS A 1 137 ? -0.793  -2.458  2.313   1.00 28.99  ? 137  LYS A C   1 
ATOM   1165 O  O   . LYS A 1 137 ? -1.690  -3.294  2.444   1.00 31.93  ? 137  LYS A O   1 
ATOM   1166 C  CB  . LYS A 1 137 ? 0.741   -4.134  1.279   1.00 31.34  ? 137  LYS A CB  1 
ATOM   1167 C  CG  . LYS A 1 137 ? 1.722   -4.457  0.157   1.00 31.92  ? 137  LYS A CG  1 
ATOM   1168 C  CD  . LYS A 1 137 ? 2.071   -5.929  0.102   1.00 34.72  ? 137  LYS A CD  1 
ATOM   1169 C  CE  . LYS A 1 137 ? 2.992   -6.219  -1.076  1.00 35.05  ? 137  LYS A CE  1 
ATOM   1170 N  NZ  . LYS A 1 137 ? 3.318   -7.670  -1.190  1.00 36.60  ? 137  LYS A NZ  1 
ATOM   1171 N  N   . GLU A 1 138 ? -0.735  -1.353  3.042   1.00 27.44  ? 138  GLU A N   1 
ATOM   1172 C  CA  . GLU A 1 138 ? -1.764  -1.049  4.026   1.00 28.49  ? 138  GLU A CA  1 
ATOM   1173 C  C   . GLU A 1 138 ? -1.996  0.448   4.045   1.00 27.31  ? 138  GLU A C   1 
ATOM   1174 O  O   . GLU A 1 138 ? -1.050  1.231   3.972   1.00 28.62  ? 138  GLU A O   1 
ATOM   1175 C  CB  . GLU A 1 138 ? -1.345  -1.505  5.427   1.00 33.47  ? 138  GLU A CB  1 
ATOM   1176 C  CG  . GLU A 1 138 ? -1.222  -3.008  5.600   1.00 43.75  ? 138  GLU A CG  1 
ATOM   1177 C  CD  . GLU A 1 138 ? -0.947  -3.402  7.041   1.00 71.20  ? 138  GLU A CD  1 
ATOM   1178 O  OE1 . GLU A 1 138 ? 0.074   -2.951  7.600   1.00 100.00 ? 138  GLU A OE1 1 
ATOM   1179 O  OE2 . GLU A 1 138 ? -1.756  -4.163  7.613   1.00 100.00 ? 138  GLU A OE2 1 
ATOM   1180 N  N   . PRO A 1 139 ? -3.264  0.873   4.124   1.00 27.99  ? 139  PRO A N   1 
ATOM   1181 C  CA  . PRO A 1 139 ? -3.505  2.316   4.152   1.00 28.23  ? 139  PRO A CA  1 
ATOM   1182 C  C   . PRO A 1 139 ? -2.955  2.862   5.469   1.00 28.42  ? 139  PRO A C   1 
ATOM   1183 O  O   . PRO A 1 139 ? -3.032  2.192   6.499   1.00 31.89  ? 139  PRO A O   1 
ATOM   1184 C  CB  . PRO A 1 139 ? -5.028  2.409   4.058   1.00 29.92  ? 139  PRO A CB  1 
ATOM   1185 C  CG  . PRO A 1 139 ? -5.481  1.168   4.758   1.00 30.73  ? 139  PRO A CG  1 
ATOM   1186 C  CD  . PRO A 1 139 ? -4.524  0.117   4.243   1.00 28.89  ? 139  PRO A CD  1 
ATOM   1187 N  N   . PHE A 1 140 ? -2.381  4.057   5.435   1.00 29.97  ? 140  PHE A N   1 
ATOM   1188 C  CA  . PHE A 1 140 ? -1.838  4.640   6.650   1.00 36.66  ? 140  PHE A CA  1 
ATOM   1189 C  C   . PHE A 1 140 ? -2.961  5.093   7.581   1.00 42.84  ? 140  PHE A C   1 
ATOM   1190 O  O   . PHE A 1 140 ? -3.783  5.933   7.213   1.00 43.06  ? 140  PHE A O   1 
ATOM   1191 C  CB  . PHE A 1 140 ? -0.937  5.833   6.320   1.00 30.88  ? 140  PHE A CB  1 
ATOM   1192 C  CG  . PHE A 1 140 ? -0.355  6.499   7.533   1.00 32.57  ? 140  PHE A CG  1 
ATOM   1193 C  CD1 . PHE A 1 140 ? 0.543   5.821   8.350   1.00 35.02  ? 140  PHE A CD1 1 
ATOM   1194 C  CD2 . PHE A 1 140 ? -0.730  7.793   7.878   1.00 34.49  ? 140  PHE A CD2 1 
ATOM   1195 C  CE1 . PHE A 1 140 ? 1.058   6.421   9.497   1.00 35.99  ? 140  PHE A CE1 1 
ATOM   1196 C  CE2 . PHE A 1 140 ? -0.223  8.402   9.022   1.00 35.44  ? 140  PHE A CE2 1 
ATOM   1197 C  CZ  . PHE A 1 140 ? 0.673   7.714   9.832   1.00 36.04  ? 140  PHE A CZ  1 
ATOM   1198 N  N   . LYS A 1 141 ? -3.001  4.508   8.774   1.00 48.72  ? 141  LYS A N   1 
ATOM   1199 C  CA  . LYS A 1 141 ? -3.989  4.873   9.785   1.00 61.52  ? 141  LYS A CA  1 
ATOM   1200 C  C   . LYS A 1 141 ? -3.668  6.287   10.261  1.00 62.36  ? 141  LYS A C   1 
ATOM   1201 O  O   . LYS A 1 141 ? -2.601  6.506   10.830  1.00 61.77  ? 141  LYS A O   1 
ATOM   1202 C  CB  . LYS A 1 141 ? -3.910  3.912   10.977  1.00 100.00 ? 141  LYS A CB  1 
ATOM   1203 C  CG  . LYS A 1 141 ? -4.855  4.269   12.113  1.00 100.00 ? 141  LYS A CG  1 
ATOM   1204 C  CD  . LYS A 1 141 ? -6.301  4.144   11.664  1.00 100.00 ? 141  LYS A CD  1 
ATOM   1205 C  CE  . LYS A 1 141 ? -6.610  2.728   11.198  1.00 100.00 ? 141  LYS A CE  1 
ATOM   1206 N  NZ  . LYS A 1 141 ? -6.395  1.728   12.281  1.00 100.00 ? 141  LYS A NZ  1 
ATOM   1207 N  N   . TYR A 1 142 ? -4.599  7.214   10.008  1.00 55.82  ? 142  TYR A N   1 
ATOM   1208 C  CA  . TYR A 1 142 ? -4.542  8.649   10.364  1.00 66.54  ? 142  TYR A CA  1 
ATOM   1209 C  C   . TYR A 1 142 ? -4.708  9.578   9.164   1.00 66.94  ? 142  TYR A C   1 
ATOM   1210 O  O   . TYR A 1 142 ? -4.852  9.076   8.029   1.00 66.83  ? 142  TYR A O   1 
ATOM   1211 C  CB  . TYR A 1 142 ? -3.241  9.038   11.075  1.00 66.65  ? 142  TYR A CB  1 
ATOM   1212 C  CG  . TYR A 1 142 ? -3.192  8.649   12.531  1.00 66.77  ? 142  TYR A CG  1 
ATOM   1213 C  CD1 . TYR A 1 142 ? -4.275  8.909   13.375  1.00 43.90  ? 142  TYR A CD1 1 
ATOM   1214 C  CD2 . TYR A 1 142 ? -2.063  8.011   13.068  1.00 64.30  ? 142  TYR A CD2 1 
ATOM   1215 C  CE1 . TYR A 1 142 ? -4.242  8.550   14.707  1.00 65.44  ? 142  TYR A CE1 1 
ATOM   1216 C  CE2 . TYR A 1 142 ? -2.022  7.643   14.401  1.00 64.47  ? 142  TYR A CE2 1 
ATOM   1217 C  CZ  . TYR A 1 142 ? -3.127  7.925   15.218  1.00 43.44  ? 142  TYR A CZ  1 
ATOM   1218 O  OH  . TYR A 1 142 ? -3.176  7.641   16.564  1.00 70.73  ? 142  TYR A OH  1 
HETATM 1219 ZN ZN  A ZN  B 2 .   ? 3.282   17.160  16.323  0.25 28.84  ? 1143 ZN  A ZN  1 
HETATM 1220 O  O   . HOH C 3 .   ? -15.220 1.843   -18.829 1.00 30.45  ? 2001 HOH A O   1 
HETATM 1221 O  O   . HOH C 3 .   ? -19.265 -2.990  -12.537 1.00 46.49  ? 2002 HOH A O   1 
HETATM 1222 O  O   . HOH C 3 .   ? -22.637 4.980   -9.933  1.00 36.63  ? 2003 HOH A O   1 
HETATM 1223 O  O   . HOH C 3 .   ? -21.627 2.153   -10.954 1.00 42.34  ? 2004 HOH A O   1 
HETATM 1224 O  O   . HOH C 3 .   ? -20.066 2.688   -14.990 1.00 28.52  ? 2005 HOH A O   1 
HETATM 1225 O  O   . HOH C 3 .   ? -20.180 -0.579  -11.511 1.00 39.87  ? 2006 HOH A O   1 
HETATM 1226 O  O   . HOH C 3 .   ? -21.349 -4.598  -8.031  1.00 40.39  ? 2007 HOH A O   1 
HETATM 1227 O  O   . HOH C 3 .   ? -22.307 -6.217  -5.015  1.00 52.84  ? 2008 HOH A O   1 
HETATM 1228 O  O   . HOH C 3 .   ? -20.675 -8.576  -3.683  1.00 35.15  ? 2009 HOH A O   1 
HETATM 1229 O  O   . HOH C 3 .   ? -19.954 -0.574  -8.751  1.00 26.35  ? 2010 HOH A O   1 
HETATM 1230 O  O   . HOH C 3 .   ? -22.820 0.743   -8.912  1.00 47.10  ? 2011 HOH A O   1 
HETATM 1231 O  O   . HOH C 3 .   ? -12.435 -12.256 -6.176  1.00 45.14  ? 2012 HOH A O   1 
HETATM 1232 O  O   . HOH C 3 .   ? -13.802 -4.044  -18.841 1.00 47.54  ? 2013 HOH A O   1 
HETATM 1233 O  O   . HOH C 3 .   ? -18.970 -2.980  -8.049  1.00 28.59  ? 2014 HOH A O   1 
HETATM 1234 O  O   . HOH C 3 .   ? -24.881 -1.951  -1.595  1.00 43.26  ? 2015 HOH A O   1 
HETATM 1235 O  O   . HOH C 3 .   ? -24.798 -5.219  -3.907  1.00 44.26  ? 2016 HOH A O   1 
HETATM 1236 O  O   . HOH C 3 .   ? -1.444  -9.126  -4.387  1.00 33.01  ? 2017 HOH A O   1 
HETATM 1237 O  O   . HOH C 3 .   ? -20.179 -5.784  -3.417  1.00 22.81  ? 2018 HOH A O   1 
HETATM 1238 O  O   . HOH C 3 .   ? -17.668 -2.116  -1.054  1.00 27.32  ? 2019 HOH A O   1 
HETATM 1239 O  O   . HOH C 3 .   ? -15.877 -12.235 -5.034  1.00 34.25  ? 2020 HOH A O   1 
HETATM 1240 O  O   . HOH C 3 .   ? -10.400 -19.745 -8.487  1.00 40.98  ? 2021 HOH A O   1 
HETATM 1241 O  O   . HOH C 3 .   ? -11.928 -5.630  -17.816 1.00 37.15  ? 2022 HOH A O   1 
HETATM 1242 O  O   . HOH C 3 .   ? -3.664  -8.780  -2.442  1.00 35.59  ? 2023 HOH A O   1 
HETATM 1243 O  O   A HOH C 3 .   ? -6.525  -16.081 -3.240  0.50 20.83  ? 2024 HOH A O   1 
HETATM 1244 O  O   . HOH C 3 .   ? -10.916 -13.683 -1.628  1.00 37.52  ? 2025 HOH A O   1 
HETATM 1245 O  O   . HOH C 3 .   ? -9.222  -14.429 -4.028  1.00 34.60  ? 2026 HOH A O   1 
HETATM 1246 O  O   . HOH C 3 .   ? 1.348   -14.282 -4.160  1.00 31.02  ? 2027 HOH A O   1 
HETATM 1247 O  O   . HOH C 3 .   ? -1.052  -11.898 -2.869  1.00 31.50  ? 2028 HOH A O   1 
HETATM 1248 O  O   . HOH C 3 .   ? -1.149  -14.651 -10.770 1.00 29.31  ? 2029 HOH A O   1 
HETATM 1249 O  O   . HOH C 3 .   ? 4.163   -3.401  -15.687 1.00 31.82  ? 2030 HOH A O   1 
HETATM 1250 O  O   . HOH C 3 .   ? -11.294 -15.748 -9.871  1.00 41.91  ? 2031 HOH A O   1 
HETATM 1251 O  O   A HOH C 3 .   ? -8.902  -15.845 -10.194 0.50 27.22  ? 2032 HOH A O   1 
HETATM 1252 O  O   . HOH C 3 .   ? -8.379  -18.089 -8.273  1.00 19.61  ? 2033 HOH A O   1 
HETATM 1253 O  O   . HOH C 3 .   ? -20.267 4.164   10.736  1.00 44.30  ? 2034 HOH A O   1 
HETATM 1254 O  O   . HOH C 3 .   ? -14.165 6.266   3.457   1.00 52.52  ? 2035 HOH A O   1 
HETATM 1255 O  O   . HOH C 3 .   ? -3.185  -13.898 -12.713 1.00 37.19  ? 2036 HOH A O   1 
HETATM 1256 O  O   . HOH C 3 .   ? -9.481  -2.764  6.072   1.00 40.26  ? 2037 HOH A O   1 
HETATM 1257 O  O   . HOH C 3 .   ? -5.735  -3.439  4.745   1.00 31.51  ? 2038 HOH A O   1 
HETATM 1258 O  O   . HOH C 3 .   ? -7.934  -5.901  -19.590 1.00 29.95  ? 2039 HOH A O   1 
HETATM 1259 O  O   . HOH C 3 .   ? 2.853   -9.235  -5.231  1.00 47.90  ? 2040 HOH A O   1 
HETATM 1260 O  O   . HOH C 3 .   ? -1.214  -8.836  -14.027 1.00 19.98  ? 2041 HOH A O   1 
HETATM 1261 O  O   . HOH C 3 .   ? -2.377  -11.098 -15.018 1.00 17.44  ? 2042 HOH A O   1 
HETATM 1262 O  O   . HOH C 3 .   ? -9.731  -3.946  -18.092 1.00 25.27  ? 2043 HOH A O   1 
HETATM 1263 O  O   . HOH C 3 .   ? -18.698 -9.197  -9.524  1.00 26.02  ? 2044 HOH A O   1 
HETATM 1264 O  O   . HOH C 3 .   ? 0.024   -9.476  -11.637 1.00 24.02  ? 2045 HOH A O   1 
HETATM 1265 O  O   . HOH C 3 .   ? -2.150  -5.229  -14.934 1.00 17.66  ? 2046 HOH A O   1 
HETATM 1266 O  O   A HOH C 3 .   ? 0.685   -2.573  -10.393 0.50 27.42  ? 2047 HOH A O   1 
HETATM 1267 O  O   . HOH C 3 .   ? 1.608   -3.967  -12.328 1.00 48.73  ? 2048 HOH A O   1 
HETATM 1268 O  O   . HOH C 3 .   ? 3.672   -2.323  -11.957 1.00 50.29  ? 2049 HOH A O   1 
HETATM 1269 O  O   . HOH C 3 .   ? 0.441   5.326   -9.352  1.00 51.91  ? 2050 HOH A O   1 
HETATM 1270 O  O   . HOH C 3 .   ? 4.822   0.350   -9.919  1.00 32.46  ? 2051 HOH A O   1 
HETATM 1271 O  O   . HOH C 3 .   ? -2.725  5.450   2.874   1.00 29.57  ? 2052 HOH A O   1 
HETATM 1272 O  O   . HOH C 3 .   ? 1.298   10.258  -3.058  1.00 48.81  ? 2053 HOH A O   1 
HETATM 1273 O  O   . HOH C 3 .   ? -10.252 3.987   1.284   1.00 25.87  ? 2054 HOH A O   1 
HETATM 1274 O  O   . HOH C 3 .   ? -2.817  8.561   3.862   1.00 49.77  ? 2055 HOH A O   1 
HETATM 1275 O  O   . HOH C 3 .   ? -6.168  11.063  -4.918  1.00 51.70  ? 2056 HOH A O   1 
HETATM 1276 O  O   . HOH C 3 .   ? -12.234 10.365  -0.522  1.00 26.75  ? 2057 HOH A O   1 
HETATM 1277 O  O   . HOH C 3 .   ? -8.616  11.478  -6.063  1.00 36.08  ? 2058 HOH A O   1 
HETATM 1278 O  O   . HOH C 3 .   ? -10.128 13.829  -2.734  1.00 51.18  ? 2059 HOH A O   1 
HETATM 1279 O  O   . HOH C 3 .   ? -8.048  10.703  -8.729  1.00 28.12  ? 2060 HOH A O   1 
HETATM 1280 O  O   . HOH C 3 .   ? -12.109 14.718  -16.165 1.00 50.27  ? 2061 HOH A O   1 
HETATM 1281 O  O   . HOH C 3 .   ? -9.911  11.328  -17.709 1.00 47.75  ? 2062 HOH A O   1 
HETATM 1282 O  O   . HOH C 3 .   ? -2.957  2.634   -18.946 1.00 33.99  ? 2063 HOH A O   1 
HETATM 1283 O  O   . HOH C 3 .   ? -9.102  7.312   -18.977 1.00 79.81  ? 2064 HOH A O   1 
HETATM 1284 O  O   . HOH C 3 .   ? -2.980  5.022   -15.250 1.00 27.83  ? 2065 HOH A O   1 
HETATM 1285 O  O   . HOH C 3 .   ? -4.696  7.473   -15.616 1.00 29.27  ? 2066 HOH A O   1 
HETATM 1286 O  O   . HOH C 3 .   ? -2.118  -0.070  -21.703 1.00 24.42  ? 2067 HOH A O   1 
HETATM 1287 O  O   . HOH C 3 .   ? 1.692   -2.918  -16.455 1.00 22.28  ? 2068 HOH A O   1 
HETATM 1288 O  O   . HOH C 3 .   ? -2.938  1.828   -13.262 1.00 16.12  ? 2069 HOH A O   1 
HETATM 1289 O  O   . HOH C 3 .   ? -8.002  -1.570  -23.231 1.00 49.63  ? 2070 HOH A O   1 
HETATM 1290 O  O   . HOH C 3 .   ? -3.032  -7.846  -17.341 1.00 25.36  ? 2071 HOH A O   1 
HETATM 1291 O  O   . HOH C 3 .   ? -7.741  3.424   -22.946 1.00 39.61  ? 2072 HOH A O   1 
HETATM 1292 O  O   . HOH C 3 .   ? -15.003 6.143   -19.635 1.00 39.26  ? 2073 HOH A O   1 
HETATM 1293 O  O   . HOH C 3 .   ? -11.136 8.429   -20.092 1.00 49.78  ? 2074 HOH A O   1 
HETATM 1294 O  O   . HOH C 3 .   ? -12.420 2.679   -20.378 1.00 31.90  ? 2075 HOH A O   1 
HETATM 1295 O  O   . HOH C 3 .   ? -9.055  7.359   -16.345 1.00 28.96  ? 2076 HOH A O   1 
HETATM 1296 O  O   . HOH C 3 .   ? -20.958 6.798   -5.505  1.00 36.04  ? 2077 HOH A O   1 
HETATM 1297 O  O   . HOH C 3 .   ? -26.159 3.805   -2.087  1.00 27.63  ? 2078 HOH A O   1 
HETATM 1298 O  O   . HOH C 3 .   ? -27.122 -0.479  -2.668  1.00 42.37  ? 2079 HOH A O   1 
HETATM 1299 O  O   . HOH C 3 .   ? -25.464 5.849   -3.634  1.00 31.92  ? 2080 HOH A O   1 
HETATM 1300 O  O   . HOH C 3 .   ? -23.481 -0.291  -1.960  1.00 65.14  ? 2081 HOH A O   1 
HETATM 1301 O  O   . HOH C 3 .   ? -15.977 -0.835  0.318   1.00 32.01  ? 2082 HOH A O   1 
HETATM 1302 O  O   . HOH C 3 .   ? -21.662 -0.091  -0.539  1.00 39.52  ? 2083 HOH A O   1 
HETATM 1303 O  O   . HOH C 3 .   ? -17.954 3.498   9.362   1.00 44.47  ? 2084 HOH A O   1 
HETATM 1304 O  O   . HOH C 3 .   ? -14.720 4.184   1.763   1.00 33.05  ? 2085 HOH A O   1 
HETATM 1305 O  O   . HOH C 3 .   ? -13.491 -0.477  0.295   1.00 32.92  ? 2086 HOH A O   1 
HETATM 1306 O  O   . HOH C 3 .   ? -12.215 -2.024  4.753   1.00 32.08  ? 2087 HOH A O   1 
HETATM 1307 O  O   . HOH C 3 .   ? -7.789  -1.518  4.618   1.00 32.42  ? 2088 HOH A O   1 
HETATM 1308 O  O   . HOH C 3 .   ? -6.150  -6.917  3.764   1.00 52.68  ? 2089 HOH A O   1 
HETATM 1309 O  O   . HOH C 3 .   ? 0.650   -7.693  -5.463  1.00 26.30  ? 2090 HOH A O   1 
HETATM 1310 O  O   . HOH C 3 .   ? -4.548  -6.519  1.619   1.00 40.68  ? 2091 HOH A O   1 
HETATM 1311 O  O   . HOH C 3 .   ? -12.259 -6.464  0.410   1.00 24.93  ? 2092 HOH A O   1 
HETATM 1312 O  O   . HOH C 3 .   ? -12.241 -2.531  1.139   1.00 18.90  ? 2093 HOH A O   1 
HETATM 1313 O  O   . HOH C 3 .   ? -17.929 -3.963  -10.303 1.00 28.10  ? 2094 HOH A O   1 
HETATM 1314 O  O   . HOH C 3 .   ? -19.038 -8.647  -15.575 1.00 49.60  ? 2095 HOH A O   1 
HETATM 1315 O  O   . HOH C 3 .   ? -15.449 -7.390  -19.431 1.00 41.25  ? 2096 HOH A O   1 
HETATM 1316 O  O   . HOH C 3 .   ? -17.903 -7.144  -11.075 1.00 22.86  ? 2097 HOH A O   1 
HETATM 1317 O  O   . HOH C 3 .   ? -16.929 -10.823 -8.014  1.00 32.45  ? 2098 HOH A O   1 
HETATM 1318 O  O   . HOH C 3 .   ? -19.637 -7.763  -13.128 1.00 45.69  ? 2099 HOH A O   1 
HETATM 1319 O  O   . HOH C 3 .   ? -12.792 -14.673 -8.163  1.00 52.22  ? 2100 HOH A O   1 
HETATM 1320 O  O   . HOH C 3 .   ? -12.864 -8.336  -18.927 1.00 40.73  ? 2101 HOH A O   1 
HETATM 1321 O  O   . HOH C 3 .   ? -9.210  -8.843  -20.451 1.00 32.17  ? 2102 HOH A O   1 
HETATM 1322 O  O   . HOH C 3 .   ? 3.530   -8.862  -8.456  1.00 42.52  ? 2103 HOH A O   1 
HETATM 1323 O  O   . HOH C 3 .   ? 3.386   2.117   -2.664  1.00 23.25  ? 2104 HOH A O   1 
HETATM 1324 O  O   . HOH C 3 .   ? 2.732   6.148   -3.168  1.00 29.97  ? 2105 HOH A O   1 
HETATM 1325 O  O   . HOH C 3 .   ? 8.848   6.840   -2.133  1.00 30.19  ? 2106 HOH A O   1 
HETATM 1326 O  O   . HOH C 3 .   ? 10.083  6.397   -5.567  1.00 40.73  ? 2107 HOH A O   1 
HETATM 1327 O  O   . HOH C 3 .   ? 11.691  12.199  16.185  1.00 29.37  ? 2108 HOH A O   1 
HETATM 1328 O  O   . HOH C 3 .   ? 7.881   16.856  14.931  1.00 45.99  ? 2109 HOH A O   1 
HETATM 1329 O  O   . HOH C 3 .   ? 0.290   16.049  12.366  1.00 49.92  ? 2110 HOH A O   1 
HETATM 1330 O  O   . HOH C 3 .   ? 7.292   7.652   4.808   1.00 29.73  ? 2111 HOH A O   1 
HETATM 1331 O  O   . HOH C 3 .   ? 5.372   11.056  5.808   1.00 36.22  ? 2112 HOH A O   1 
HETATM 1332 O  O   . HOH C 3 .   ? 1.207   2.215   10.770  1.00 69.92  ? 2113 HOH A O   1 
HETATM 1333 O  O   . HOH C 3 .   ? 1.685   -0.206  10.787  1.00 38.65  ? 2114 HOH A O   1 
HETATM 1334 O  O   . HOH C 3 .   ? 9.777   8.425   5.158   1.00 44.32  ? 2115 HOH A O   1 
HETATM 1335 O  O   . HOH C 3 .   ? 5.796   9.392   3.422   1.00 34.62  ? 2116 HOH A O   1 
HETATM 1336 O  O   . HOH C 3 .   ? 9.593   11.041  5.152   1.00 48.14  ? 2117 HOH A O   1 
HETATM 1337 O  O   . HOH C 3 .   ? 19.874  12.403  6.742   1.00 62.85  ? 2118 HOH A O   1 
HETATM 1338 O  O   . HOH C 3 .   ? 21.917  -3.867  7.126   1.00 53.99  ? 2119 HOH A O   1 
HETATM 1339 O  O   . HOH C 3 .   ? 12.187  -5.219  0.574   1.00 54.42  ? 2120 HOH A O   1 
HETATM 1340 O  O   . HOH C 3 .   ? 6.444   -4.894  -2.434  1.00 31.93  ? 2121 HOH A O   1 
HETATM 1341 O  O   . HOH C 3 .   ? 5.761   -4.092  0.939   1.00 45.89  ? 2122 HOH A O   1 
HETATM 1342 O  O   . HOH C 3 .   ? 5.448   -6.502  -8.258  1.00 44.16  ? 2123 HOH A O   1 
HETATM 1343 O  O   . HOH C 3 .   ? -4.412  -2.923  2.346   1.00 26.26  ? 2124 HOH A O   1 
HETATM 1344 O  O   . HOH C 3 .   ? 3.623   -2.773  2.987   1.00 34.02  ? 2125 HOH A O   1 
HETATM 1345 O  O   . HOH C 3 .   ? 5.359   -7.038  0.900   1.00 54.22  ? 2126 HOH A O   1 
HETATM 1346 O  O   . HOH C 3 .   ? 1.454   -4.564  5.270   1.00 58.72  ? 2127 HOH A O   1 
HETATM 1347 O  O   . HOH C 3 .   ? -0.967  3.262   9.999   1.00 46.40  ? 2128 HOH A O   1 
# 
loop_
_pdbx_poly_seq_scheme.asym_id 
_pdbx_poly_seq_scheme.entity_id 
_pdbx_poly_seq_scheme.seq_id 
_pdbx_poly_seq_scheme.mon_id 
_pdbx_poly_seq_scheme.ndb_seq_num 
_pdbx_poly_seq_scheme.pdb_seq_num 
_pdbx_poly_seq_scheme.auth_seq_num 
_pdbx_poly_seq_scheme.pdb_mon_id 
_pdbx_poly_seq_scheme.auth_mon_id 
_pdbx_poly_seq_scheme.pdb_strand_id 
_pdbx_poly_seq_scheme.pdb_ins_code 
_pdbx_poly_seq_scheme.hetero 
A 1 1   MET 1   1   1   MET MET A . n 
A 1 2   VAL 2   2   2   VAL VAL A . n 
A 1 3   ILE 3   3   3   ILE ILE A . n 
A 1 4   THR 4   4   4   THR THR A . n 
A 1 5   LYS 5   5   5   LYS LYS A . n 
A 1 6   ILE 6   6   6   ILE ILE A . n 
A 1 7   VAL 7   7   7   VAL VAL A . n 
A 1 8   GLY 8   8   8   GLY GLY A . n 
A 1 9   HIS 9   9   9   HIS HIS A . n 
A 1 10  ILE 10  10  10  ILE ILE A . n 
A 1 11  ASP 11  11  11  ASP ASP A . n 
A 1 12  ASP 12  12  12  ASP ASP A . n 
A 1 13  LEU 13  13  13  LEU LEU A . n 
A 1 14  SER 14  14  14  SER SER A . n 
A 1 15  HIS 15  15  15  HIS HIS A . n 
A 1 16  GLN 16  16  16  GLN GLN A . n 
A 1 17  ILE 17  17  17  ILE ILE A . n 
A 1 18  LYS 18  18  18  LYS LYS A . n 
A 1 19  LYS 19  19  19  LYS LYS A . n 
A 1 20  VAL 20  20  20  VAL VAL A . n 
A 1 21  ASP 21  21  21  ASP ASP A . n 
A 1 22  TRP 22  22  22  TRP TRP A . n 
A 1 23  LEU 23  23  23  LEU LEU A . n 
A 1 24  GLU 24  24  24  GLU GLU A . n 
A 1 25  VAL 25  25  25  VAL VAL A . n 
A 1 26  GLU 26  26  26  GLU GLU A . n 
A 1 27  TRP 27  27  27  TRP TRP A . n 
A 1 28  GLU 28  28  28  GLU GLU A . n 
A 1 29  ASP 29  29  29  ASP ASP A . n 
A 1 30  LEU 30  30  30  LEU LEU A . n 
A 1 31  ASN 31  31  31  ASN ASN A . n 
A 1 32  LYS 32  32  32  LYS LYS A . n 
A 1 33  ARG 33  33  33  ARG ARG A . n 
A 1 34  ILE 34  34  34  ILE ILE A . n 
A 1 35  LEU 35  35  35  LEU LEU A . n 
A 1 36  ARG 36  36  36  ARG ARG A . n 
A 1 37  LYS 37  37  37  LYS LYS A . n 
A 1 38  GLU 38  38  38  GLU GLU A . n 
A 1 39  THR 39  39  39  THR THR A . n 
A 1 40  GLU 40  40  40  GLU GLU A . n 
A 1 41  ASN 41  41  41  ASN ASN A . n 
A 1 42  GLY 42  42  42  GLY GLY A . n 
A 1 43  THR 43  43  43  THR THR A . n 
A 1 44  ASP 44  44  44  ASP ASP A . n 
A 1 45  ILE 45  45  45  ILE ILE A . n 
A 1 46  ALA 46  46  46  ALA ALA A . n 
A 1 47  ILE 47  47  47  ILE ILE A . n 
A 1 48  LYS 48  48  48  LYS LYS A . n 
A 1 49  LEU 49  49  49  LEU LEU A . n 
A 1 50  GLU 50  50  50  GLU GLU A . n 
A 1 51  ASN 51  51  51  ASN ASN A . n 
A 1 52  SER 52  52  52  SER SER A . n 
A 1 53  GLY 53  53  53  GLY GLY A . n 
A 1 54  THR 54  54  54  THR THR A . n 
A 1 55  LEU 55  55  55  LEU LEU A . n 
A 1 56  ARG 56  56  56  ARG ARG A . n 
A 1 57  TYR 57  57  57  TYR TYR A . n 
A 1 58  GLY 58  58  58  GLY GLY A . n 
A 1 59  ASP 59  59  59  ASP ASP A . n 
A 1 60  VAL 60  60  60  VAL VAL A . n 
A 1 61  LEU 61  61  61  LEU LEU A . n 
A 1 62  TYR 62  62  62  TYR TYR A . n 
A 1 63  GLU 63  63  63  GLU GLU A . n 
A 1 64  SER 64  64  64  SER SER A . n 
A 1 65  ASP 65  65  65  ASP ASP A . n 
A 1 66  ASP 66  66  66  ASP ASP A . n 
A 1 67  THR 67  67  67  THR THR A . n 
A 1 68  LEU 68  68  68  LEU LEU A . n 
A 1 69  ILE 69  69  69  ILE ILE A . n 
A 1 70  ALA 70  70  70  ALA ALA A . n 
A 1 71  ILE 71  71  71  ILE ILE A . n 
A 1 72  ARG 72  72  72  ARG ARG A . n 
A 1 73  THR 73  73  73  THR THR A . n 
A 1 74  LYS 74  74  74  LYS LYS A . n 
A 1 75  LEU 75  75  75  LEU LEU A . n 
A 1 76  GLU 76  76  76  GLU GLU A . n 
A 1 77  LYS 77  77  77  LYS LYS A . n 
A 1 78  VAL 78  78  78  VAL VAL A . n 
A 1 79  TYR 79  79  79  TYR TYR A . n 
A 1 80  VAL 80  80  80  VAL VAL A . n 
A 1 81  ILE 81  81  81  ILE ILE A . n 
A 1 82  LYS 82  82  82  LYS LYS A . n 
A 1 83  PRO 83  83  83  PRO PRO A . n 
A 1 84  GLN 84  84  84  GLN GLN A . n 
A 1 85  THR 85  85  85  THR THR A . n 
A 1 86  MET 86  86  86  MET MET A . n 
A 1 87  GLN 87  87  87  GLN GLN A . n 
A 1 88  GLU 88  88  88  GLU GLU A . n 
A 1 89  MET 89  89  89  MET MET A . n 
A 1 90  GLY 90  90  90  GLY GLY A . n 
A 1 91  LYS 91  91  91  LYS LYS A . n 
A 1 92  MET 92  92  92  MET MET A . n 
A 1 93  ALA 93  93  93  ALA ALA A . n 
A 1 94  PHE 94  94  94  PHE PHE A . n 
A 1 95  GLU 95  95  95  GLU GLU A . n 
A 1 96  ILE 96  96  96  ILE ILE A . n 
A 1 97  GLY 97  97  97  GLY GLY A . n 
A 1 98  ASN 98  98  98  ASN ASN A . n 
A 1 99  ARG 99  99  99  ARG ARG A . n 
A 1 100 HIS 100 100 100 HIS HIS A . n 
A 1 101 THR 101 101 101 THR THR A . n 
A 1 102 MET 102 102 102 MET MET A . n 
A 1 103 CYS 103 103 103 CYS CYS A . n 
A 1 104 ILE 104 104 104 ILE ILE A . n 
A 1 105 ILE 105 105 105 ILE ILE A . n 
A 1 106 GLU 106 106 106 GLU GLU A . n 
A 1 107 ASP 107 107 107 ASP ASP A . n 
A 1 108 ASP 108 108 108 ASP ASP A . n 
A 1 109 GLU 109 109 109 GLU GLU A . n 
A 1 110 ILE 110 110 110 ILE ILE A . n 
A 1 111 LEU 111 111 111 LEU LEU A . n 
A 1 112 VAL 112 112 112 VAL VAL A . n 
A 1 113 ARG 113 113 113 ARG ARG A . n 
A 1 114 TYR 114 114 114 TYR TYR A . n 
A 1 115 ASP 115 115 115 ASP ASP A . n 
A 1 116 LYS 116 116 116 LYS LYS A . n 
A 1 117 THR 117 117 117 THR THR A . n 
A 1 118 LEU 118 118 118 LEU LEU A . n 
A 1 119 GLU 119 119 119 GLU GLU A . n 
A 1 120 LYS 120 120 120 LYS LYS A . n 
A 1 121 LEU 121 121 121 LEU LEU A . n 
A 1 122 ILE 122 122 122 ILE ILE A . n 
A 1 123 ASP 123 123 123 ASP ASP A . n 
A 1 124 GLU 124 124 124 GLU GLU A . n 
A 1 125 VAL 125 125 125 VAL VAL A . n 
A 1 126 GLY 126 126 126 GLY GLY A . n 
A 1 127 VAL 127 127 127 VAL VAL A . n 
A 1 128 SER 128 128 128 SER SER A . n 
A 1 129 TYR 129 129 129 TYR TYR A . n 
A 1 130 GLU 130 130 130 GLU GLU A . n 
A 1 131 GLN 131 131 131 GLN GLN A . n 
A 1 132 SER 132 132 132 SER SER A . n 
A 1 133 GLU 133 133 133 GLU GLU A . n 
A 1 134 ARG 134 134 134 ARG ARG A . n 
A 1 135 ARG 135 135 135 ARG ARG A . n 
A 1 136 PHE 136 136 136 PHE PHE A . n 
A 1 137 LYS 137 137 137 LYS LYS A . n 
A 1 138 GLU 138 138 138 GLU GLU A . n 
A 1 139 PRO 139 139 139 PRO PRO A . n 
A 1 140 PHE 140 140 140 PHE PHE A . n 
A 1 141 LYS 141 141 141 LYS LYS A . n 
A 1 142 TYR 142 142 142 TYR TYR A . n 
A 1 143 ARG 143 143 ?   ?   ?   A . n 
A 1 144 GLY 144 144 ?   ?   ?   A . n 
A 1 145 HIS 145 145 ?   ?   ?   A . n 
A 1 146 GLN 146 146 ?   ?   ?   A . n 
A 1 147 HIS 147 147 ?   ?   ?   A . n 
# 
loop_
_pdbx_nonpoly_scheme.asym_id 
_pdbx_nonpoly_scheme.entity_id 
_pdbx_nonpoly_scheme.mon_id 
_pdbx_nonpoly_scheme.ndb_seq_num 
_pdbx_nonpoly_scheme.pdb_seq_num 
_pdbx_nonpoly_scheme.auth_seq_num 
_pdbx_nonpoly_scheme.pdb_mon_id 
_pdbx_nonpoly_scheme.auth_mon_id 
_pdbx_nonpoly_scheme.pdb_strand_id 
_pdbx_nonpoly_scheme.pdb_ins_code 
B 2 ZN  1   1143 1143 ZN  ZN  A . 
C 3 HOH 1   2001 2001 HOH HOH A . 
C 3 HOH 2   2002 2002 HOH HOH A . 
C 3 HOH 3   2003 2003 HOH HOH A . 
C 3 HOH 4   2004 2004 HOH HOH A . 
C 3 HOH 5   2005 2005 HOH HOH A . 
C 3 HOH 6   2006 2006 HOH HOH A . 
C 3 HOH 7   2007 2007 HOH HOH A . 
C 3 HOH 8   2008 2008 HOH HOH A . 
C 3 HOH 9   2009 2009 HOH HOH A . 
C 3 HOH 10  2010 2010 HOH HOH A . 
C 3 HOH 11  2011 2011 HOH HOH A . 
C 3 HOH 12  2012 2012 HOH HOH A . 
C 3 HOH 13  2013 2013 HOH HOH A . 
C 3 HOH 14  2014 2014 HOH HOH A . 
C 3 HOH 15  2015 2015 HOH HOH A . 
C 3 HOH 16  2016 2016 HOH HOH A . 
C 3 HOH 17  2017 2017 HOH HOH A . 
C 3 HOH 18  2018 2018 HOH HOH A . 
C 3 HOH 19  2019 2019 HOH HOH A . 
C 3 HOH 20  2020 2020 HOH HOH A . 
C 3 HOH 21  2021 2021 HOH HOH A . 
C 3 HOH 22  2022 2022 HOH HOH A . 
C 3 HOH 23  2023 2023 HOH HOH A . 
C 3 HOH 24  2024 2024 HOH HOH A . 
C 3 HOH 25  2025 2025 HOH HOH A . 
C 3 HOH 26  2026 2026 HOH HOH A . 
C 3 HOH 27  2027 2027 HOH HOH A . 
C 3 HOH 28  2028 2028 HOH HOH A . 
C 3 HOH 29  2029 2029 HOH HOH A . 
C 3 HOH 30  2030 2030 HOH HOH A . 
C 3 HOH 31  2031 2031 HOH HOH A . 
C 3 HOH 32  2032 2032 HOH HOH A . 
C 3 HOH 33  2033 2033 HOH HOH A . 
C 3 HOH 34  2034 2034 HOH HOH A . 
C 3 HOH 35  2035 2035 HOH HOH A . 
C 3 HOH 36  2036 2036 HOH HOH A . 
C 3 HOH 37  2037 2037 HOH HOH A . 
C 3 HOH 38  2038 2038 HOH HOH A . 
C 3 HOH 39  2039 2039 HOH HOH A . 
C 3 HOH 40  2040 2040 HOH HOH A . 
C 3 HOH 41  2041 2041 HOH HOH A . 
C 3 HOH 42  2042 2042 HOH HOH A . 
C 3 HOH 43  2043 2043 HOH HOH A . 
C 3 HOH 44  2044 2044 HOH HOH A . 
C 3 HOH 45  2045 2045 HOH HOH A . 
C 3 HOH 46  2046 2046 HOH HOH A . 
C 3 HOH 47  2047 2047 HOH HOH A . 
C 3 HOH 48  2048 2048 HOH HOH A . 
C 3 HOH 49  2049 2049 HOH HOH A . 
C 3 HOH 50  2050 2050 HOH HOH A . 
C 3 HOH 51  2051 2051 HOH HOH A . 
C 3 HOH 52  2052 2052 HOH HOH A . 
C 3 HOH 53  2053 2053 HOH HOH A . 
C 3 HOH 54  2054 2054 HOH HOH A . 
C 3 HOH 55  2055 2055 HOH HOH A . 
C 3 HOH 56  2056 2056 HOH HOH A . 
C 3 HOH 57  2057 2057 HOH HOH A . 
C 3 HOH 58  2058 2058 HOH HOH A . 
C 3 HOH 59  2059 2059 HOH HOH A . 
C 3 HOH 60  2060 2060 HOH HOH A . 
C 3 HOH 61  2061 2061 HOH HOH A . 
C 3 HOH 62  2062 2062 HOH HOH A . 
C 3 HOH 63  2063 2063 HOH HOH A . 
C 3 HOH 64  2064 2064 HOH HOH A . 
C 3 HOH 65  2065 2065 HOH HOH A . 
C 3 HOH 66  2066 2066 HOH HOH A . 
C 3 HOH 67  2067 2067 HOH HOH A . 
C 3 HOH 68  2068 2068 HOH HOH A . 
C 3 HOH 69  2069 2069 HOH HOH A . 
C 3 HOH 70  2070 2070 HOH HOH A . 
C 3 HOH 71  2071 2071 HOH HOH A . 
C 3 HOH 72  2072 2072 HOH HOH A . 
C 3 HOH 73  2073 2073 HOH HOH A . 
C 3 HOH 74  2074 2074 HOH HOH A . 
C 3 HOH 75  2075 2075 HOH HOH A . 
C 3 HOH 76  2076 2076 HOH HOH A . 
C 3 HOH 77  2077 2077 HOH HOH A . 
C 3 HOH 78  2078 2078 HOH HOH A . 
C 3 HOH 79  2079 2079 HOH HOH A . 
C 3 HOH 80  2080 2080 HOH HOH A . 
C 3 HOH 81  2081 2081 HOH HOH A . 
C 3 HOH 82  2082 2082 HOH HOH A . 
C 3 HOH 83  2083 2083 HOH HOH A . 
C 3 HOH 84  2084 2084 HOH HOH A . 
C 3 HOH 85  2085 2085 HOH HOH A . 
C 3 HOH 86  2086 2086 HOH HOH A . 
C 3 HOH 87  2087 2087 HOH HOH A . 
C 3 HOH 88  2088 2088 HOH HOH A . 
C 3 HOH 89  2089 2089 HOH HOH A . 
C 3 HOH 90  2090 2090 HOH HOH A . 
C 3 HOH 91  2091 2091 HOH HOH A . 
C 3 HOH 92  2092 2092 HOH HOH A . 
C 3 HOH 93  2093 2093 HOH HOH A . 
C 3 HOH 94  2094 2094 HOH HOH A . 
C 3 HOH 95  2095 2095 HOH HOH A . 
C 3 HOH 96  2096 2096 HOH HOH A . 
C 3 HOH 97  2097 2097 HOH HOH A . 
C 3 HOH 98  2098 2098 HOH HOH A . 
C 3 HOH 99  2099 2099 HOH HOH A . 
C 3 HOH 100 2100 2100 HOH HOH A . 
C 3 HOH 101 2101 2101 HOH HOH A . 
C 3 HOH 102 2102 2102 HOH HOH A . 
C 3 HOH 103 2103 2103 HOH HOH A . 
C 3 HOH 104 2104 2104 HOH HOH A . 
C 3 HOH 105 2105 2105 HOH HOH A . 
C 3 HOH 106 2106 2106 HOH HOH A . 
C 3 HOH 107 2107 2107 HOH HOH A . 
C 3 HOH 108 2108 2108 HOH HOH A . 
C 3 HOH 109 2109 2109 HOH HOH A . 
C 3 HOH 110 2110 2110 HOH HOH A . 
C 3 HOH 111 2111 2111 HOH HOH A . 
C 3 HOH 112 2112 2112 HOH HOH A . 
C 3 HOH 113 2113 2113 HOH HOH A . 
C 3 HOH 114 2114 2114 HOH HOH A . 
C 3 HOH 115 2115 2115 HOH HOH A . 
C 3 HOH 116 2116 2116 HOH HOH A . 
C 3 HOH 117 2117 2117 HOH HOH A . 
C 3 HOH 118 2118 2118 HOH HOH A . 
C 3 HOH 119 2119 2119 HOH HOH A . 
C 3 HOH 120 2120 2120 HOH HOH A . 
C 3 HOH 121 2121 2121 HOH HOH A . 
C 3 HOH 122 2122 2122 HOH HOH A . 
C 3 HOH 123 2123 2123 HOH HOH A . 
C 3 HOH 124 2124 2124 HOH HOH A . 
C 3 HOH 125 2125 2125 HOH HOH A . 
C 3 HOH 126 2126 2126 HOH HOH A . 
C 3 HOH 127 2127 2127 HOH HOH A . 
C 3 HOH 128 2128 2128 HOH HOH A . 
# 
_pdbx_struct_assembly.id                   1 
_pdbx_struct_assembly.details              author_and_software_defined_assembly 
_pdbx_struct_assembly.method_details       PQS 
_pdbx_struct_assembly.oligomeric_details   dimeric 
_pdbx_struct_assembly.oligomeric_count     2 
# 
_pdbx_struct_assembly_gen.assembly_id       1 
_pdbx_struct_assembly_gen.oper_expression   1,2 
_pdbx_struct_assembly_gen.asym_id_list      A,B,C 
# 
loop_
_pdbx_struct_oper_list.id 
_pdbx_struct_oper_list.type 
_pdbx_struct_oper_list.name 
_pdbx_struct_oper_list.symmetry_operation 
_pdbx_struct_oper_list.matrix[1][1] 
_pdbx_struct_oper_list.matrix[1][2] 
_pdbx_struct_oper_list.matrix[1][3] 
_pdbx_struct_oper_list.vector[1] 
_pdbx_struct_oper_list.matrix[2][1] 
_pdbx_struct_oper_list.matrix[2][2] 
_pdbx_struct_oper_list.matrix[2][3] 
_pdbx_struct_oper_list.vector[2] 
_pdbx_struct_oper_list.matrix[3][1] 
_pdbx_struct_oper_list.matrix[3][2] 
_pdbx_struct_oper_list.matrix[3][3] 
_pdbx_struct_oper_list.vector[3] 
1 'identity operation'         1_555 x,y,z       1.0000000000  0.0000000000  0.0000000000 0.0000000000  0.0000000000  1.0000000000 0.0000000000  0.0000000000 0.0000000000 0.0000000000  1.0000000000  0.0000000000  
2 'crystal symmetry operation' 3_656 -x+1,y,-z+1 -0.8423403223 -0.5347464823 0.0671489468 14.1063078126 -0.5347464823 0.8137408660 -0.2277542593 8.6599634833 0.0671489468 -0.2277542593 -0.9714005437 35.8440330064 
# 
_pdbx_struct_special_symmetry.id              1 
_pdbx_struct_special_symmetry.PDB_model_num   1 
_pdbx_struct_special_symmetry.auth_asym_id    A 
_pdbx_struct_special_symmetry.auth_comp_id    ZN 
_pdbx_struct_special_symmetry.auth_seq_id     1143 
_pdbx_struct_special_symmetry.PDB_ins_code    ? 
_pdbx_struct_special_symmetry.label_asym_id   B 
_pdbx_struct_special_symmetry.label_comp_id   ZN 
_pdbx_struct_special_symmetry.label_seq_id    . 
# 
_pdbx_struct_conn_angle.id                    1 
_pdbx_struct_conn_angle.ptnr1_label_atom_id   NE2 
_pdbx_struct_conn_angle.ptnr1_label_alt_id    ? 
_pdbx_struct_conn_angle.ptnr1_label_asym_id   A 
_pdbx_struct_conn_angle.ptnr1_label_comp_id   HIS 
_pdbx_struct_conn_angle.ptnr1_label_seq_id    100 
_pdbx_struct_conn_angle.ptnr1_auth_atom_id    ? 
_pdbx_struct_conn_angle.ptnr1_auth_asym_id    A 
_pdbx_struct_conn_angle.ptnr1_auth_comp_id    HIS 
_pdbx_struct_conn_angle.ptnr1_auth_seq_id     100 
_pdbx_struct_conn_angle.ptnr1_PDB_ins_code    ? 
_pdbx_struct_conn_angle.ptnr1_symmetry        1_555 
_pdbx_struct_conn_angle.ptnr2_label_atom_id   ZN 
_pdbx_struct_conn_angle.ptnr2_label_alt_id    A 
_pdbx_struct_conn_angle.ptnr2_label_asym_id   B 
_pdbx_struct_conn_angle.ptnr2_label_comp_id   ZN 
_pdbx_struct_conn_angle.ptnr2_label_seq_id    . 
_pdbx_struct_conn_angle.ptnr2_auth_atom_id    ? 
_pdbx_struct_conn_angle.ptnr2_auth_asym_id    A 
_pdbx_struct_conn_angle.ptnr2_auth_comp_id    ZN 
_pdbx_struct_conn_angle.ptnr2_auth_seq_id     1143 
_pdbx_struct_conn_angle.ptnr2_PDB_ins_code    ? 
_pdbx_struct_conn_angle.ptnr2_symmetry        1_555 
_pdbx_struct_conn_angle.ptnr3_label_atom_id   NE2 
_pdbx_struct_conn_angle.ptnr3_label_alt_id    ? 
_pdbx_struct_conn_angle.ptnr3_label_asym_id   A 
_pdbx_struct_conn_angle.ptnr3_label_comp_id   HIS 
_pdbx_struct_conn_angle.ptnr3_label_seq_id    100 
_pdbx_struct_conn_angle.ptnr3_auth_atom_id    ? 
_pdbx_struct_conn_angle.ptnr3_auth_asym_id    A 
_pdbx_struct_conn_angle.ptnr3_auth_comp_id    HIS 
_pdbx_struct_conn_angle.ptnr3_auth_seq_id     100 
_pdbx_struct_conn_angle.ptnr3_PDB_ins_code    ? 
_pdbx_struct_conn_angle.ptnr3_symmetry        1_555 
_pdbx_struct_conn_angle.value                 0.0 
_pdbx_struct_conn_angle.value_esd             ? 
# 
loop_
_pdbx_audit_revision_history.ordinal 
_pdbx_audit_revision_history.data_content_type 
_pdbx_audit_revision_history.major_revision 
_pdbx_audit_revision_history.minor_revision 
_pdbx_audit_revision_history.revision_date 
1 'Structure model' 1 0 2002-01-04 
2 'Structure model' 1 1 2011-05-08 
3 'Structure model' 1 2 2011-07-13 
4 'Structure model' 1 3 2018-06-27 
5 'Structure model' 1 4 2019-05-08 
6 'Structure model' 1 5 2019-07-10 
7 'Structure model' 1 6 2019-07-24 
8 'Structure model' 1 7 2023-12-13 
# 
_pdbx_audit_revision_details.ordinal             1 
_pdbx_audit_revision_details.revision_ordinal    1 
_pdbx_audit_revision_details.data_content_type   'Structure model' 
_pdbx_audit_revision_details.provider            repository 
_pdbx_audit_revision_details.type                'Initial release' 
_pdbx_audit_revision_details.description         ? 
_pdbx_audit_revision_details.details             ? 
# 
loop_
_pdbx_audit_revision_group.ordinal 
_pdbx_audit_revision_group.revision_ordinal 
_pdbx_audit_revision_group.data_content_type 
_pdbx_audit_revision_group.group 
1  2 'Structure model' 'Version format compliance' 
2  3 'Structure model' 'Version format compliance' 
3  4 'Structure model' 'Data collection'           
4  4 'Structure model' 'Derived calculations'      
5  5 'Structure model' 'Data collection'           
6  5 'Structure model' 'Experimental preparation'  
7  6 'Structure model' 'Data collection'           
8  7 'Structure model' 'Data collection'           
9  8 'Structure model' 'Data collection'           
10 8 'Structure model' 'Database references'       
11 8 'Structure model' Other                       
12 8 'Structure model' 'Refinement description'    
# 
loop_
_pdbx_audit_revision_category.ordinal 
_pdbx_audit_revision_category.revision_ordinal 
_pdbx_audit_revision_category.data_content_type 
_pdbx_audit_revision_category.category 
1  4 'Structure model' diffrn_source                 
2  4 'Structure model' pdbx_struct_conn_angle        
3  4 'Structure model' struct_conn                   
4  5 'Structure model' exptl_crystal_grow            
5  6 'Structure model' diffrn_source                 
6  7 'Structure model' diffrn_source                 
7  8 'Structure model' chem_comp_atom                
8  8 'Structure model' chem_comp_bond                
9  8 'Structure model' database_2                    
10 8 'Structure model' pdbx_database_status          
11 8 'Structure model' pdbx_initial_refinement_model 
# 
loop_
_pdbx_audit_revision_item.ordinal 
_pdbx_audit_revision_item.revision_ordinal 
_pdbx_audit_revision_item.data_content_type 
_pdbx_audit_revision_item.item 
1 4 'Structure model' '_diffrn_source.pdbx_synchrotron_site' 
2 5 'Structure model' '_exptl_crystal_grow.temp'             
3 6 'Structure model' '_diffrn_source.pdbx_synchrotron_site' 
4 7 'Structure model' '_diffrn_source.pdbx_synchrotron_site' 
5 8 'Structure model' '_database_2.pdbx_DOI'                 
6 8 'Structure model' '_database_2.pdbx_database_accession'  
7 8 'Structure model' '_pdbx_database_status.status_code_sf' 
# 
loop_
_software.name 
_software.classification 
_software.version 
_software.citation_id 
_software.pdbx_ordinal 
CNS       refinement       1.0 ? 1 
DENZO     'data reduction' .   ? 2 
SCALEPACK 'data scaling'   .   ? 3 
AMoRE     phasing          .   ? 4 
# 
_pdbx_validate_symm_contact.id                1 
_pdbx_validate_symm_contact.PDB_model_num     1 
_pdbx_validate_symm_contact.auth_atom_id_1    CD 
_pdbx_validate_symm_contact.auth_asym_id_1    A 
_pdbx_validate_symm_contact.auth_comp_id_1    ARG 
_pdbx_validate_symm_contact.auth_seq_id_1     33 
_pdbx_validate_symm_contact.PDB_ins_code_1    ? 
_pdbx_validate_symm_contact.label_alt_id_1    ? 
_pdbx_validate_symm_contact.site_symmetry_1   1_555 
_pdbx_validate_symm_contact.auth_atom_id_2    NH1 
_pdbx_validate_symm_contact.auth_asym_id_2    A 
_pdbx_validate_symm_contact.auth_comp_id_2    ARG 
_pdbx_validate_symm_contact.auth_seq_id_2     33 
_pdbx_validate_symm_contact.PDB_ins_code_2    ? 
_pdbx_validate_symm_contact.label_alt_id_2    ? 
_pdbx_validate_symm_contact.site_symmetry_2   2_655 
_pdbx_validate_symm_contact.dist              2.03 
# 
loop_
_pdbx_validate_torsion.id 
_pdbx_validate_torsion.PDB_model_num 
_pdbx_validate_torsion.auth_comp_id 
_pdbx_validate_torsion.auth_asym_id 
_pdbx_validate_torsion.auth_seq_id 
_pdbx_validate_torsion.PDB_ins_code 
_pdbx_validate_torsion.label_alt_id 
_pdbx_validate_torsion.phi 
_pdbx_validate_torsion.psi 
1 1 GLU A 50  ? ? -90.05 30.77   
2 1 GLU A 50  ? ? -90.68 31.36   
3 1 ASP A 107 ? ? 62.86  -109.53 
4 1 THR A 117 ? ? -58.68 4.77    
# 
loop_
_pdbx_unobs_or_zero_occ_residues.id 
_pdbx_unobs_or_zero_occ_residues.PDB_model_num 
_pdbx_unobs_or_zero_occ_residues.polymer_flag 
_pdbx_unobs_or_zero_occ_residues.occupancy_flag 
_pdbx_unobs_or_zero_occ_residues.auth_asym_id 
_pdbx_unobs_or_zero_occ_residues.auth_comp_id 
_pdbx_unobs_or_zero_occ_residues.auth_seq_id 
_pdbx_unobs_or_zero_occ_residues.PDB_ins_code 
_pdbx_unobs_or_zero_occ_residues.label_asym_id 
_pdbx_unobs_or_zero_occ_residues.label_comp_id 
_pdbx_unobs_or_zero_occ_residues.label_seq_id 
1 1 Y 1 A ARG 143 ? A ARG 143 
2 1 Y 1 A GLY 144 ? A GLY 144 
3 1 Y 1 A HIS 145 ? A HIS 145 
4 1 Y 1 A GLN 146 ? A GLN 146 
5 1 Y 1 A HIS 147 ? A HIS 147 
# 
loop_
_chem_comp_atom.comp_id 
_chem_comp_atom.atom_id 
_chem_comp_atom.type_symbol 
_chem_comp_atom.pdbx_aromatic_flag 
_chem_comp_atom.pdbx_stereo_config 
_chem_comp_atom.pdbx_ordinal 
ALA N    N  N N 1   
ALA CA   C  N S 2   
ALA C    C  N N 3   
ALA O    O  N N 4   
ALA CB   C  N N 5   
ALA OXT  O  N N 6   
ALA H    H  N N 7   
ALA H2   H  N N 8   
ALA HA   H  N N 9   
ALA HB1  H  N N 10  
ALA HB2  H  N N 11  
ALA HB3  H  N N 12  
ALA HXT  H  N N 13  
ARG N    N  N N 14  
ARG CA   C  N S 15  
ARG C    C  N N 16  
ARG O    O  N N 17  
ARG CB   C  N N 18  
ARG CG   C  N N 19  
ARG CD   C  N N 20  
ARG NE   N  N N 21  
ARG CZ   C  N N 22  
ARG NH1  N  N N 23  
ARG NH2  N  N N 24  
ARG OXT  O  N N 25  
ARG H    H  N N 26  
ARG H2   H  N N 27  
ARG HA   H  N N 28  
ARG HB2  H  N N 29  
ARG HB3  H  N N 30  
ARG HG2  H  N N 31  
ARG HG3  H  N N 32  
ARG HD2  H  N N 33  
ARG HD3  H  N N 34  
ARG HE   H  N N 35  
ARG HH11 H  N N 36  
ARG HH12 H  N N 37  
ARG HH21 H  N N 38  
ARG HH22 H  N N 39  
ARG HXT  H  N N 40  
ASN N    N  N N 41  
ASN CA   C  N S 42  
ASN C    C  N N 43  
ASN O    O  N N 44  
ASN CB   C  N N 45  
ASN CG   C  N N 46  
ASN OD1  O  N N 47  
ASN ND2  N  N N 48  
ASN OXT  O  N N 49  
ASN H    H  N N 50  
ASN H2   H  N N 51  
ASN HA   H  N N 52  
ASN HB2  H  N N 53  
ASN HB3  H  N N 54  
ASN HD21 H  N N 55  
ASN HD22 H  N N 56  
ASN HXT  H  N N 57  
ASP N    N  N N 58  
ASP CA   C  N S 59  
ASP C    C  N N 60  
ASP O    O  N N 61  
ASP CB   C  N N 62  
ASP CG   C  N N 63  
ASP OD1  O  N N 64  
ASP OD2  O  N N 65  
ASP OXT  O  N N 66  
ASP H    H  N N 67  
ASP H2   H  N N 68  
ASP HA   H  N N 69  
ASP HB2  H  N N 70  
ASP HB3  H  N N 71  
ASP HD2  H  N N 72  
ASP HXT  H  N N 73  
CYS N    N  N N 74  
CYS CA   C  N R 75  
CYS C    C  N N 76  
CYS O    O  N N 77  
CYS CB   C  N N 78  
CYS SG   S  N N 79  
CYS OXT  O  N N 80  
CYS H    H  N N 81  
CYS H2   H  N N 82  
CYS HA   H  N N 83  
CYS HB2  H  N N 84  
CYS HB3  H  N N 85  
CYS HG   H  N N 86  
CYS HXT  H  N N 87  
GLN N    N  N N 88  
GLN CA   C  N S 89  
GLN C    C  N N 90  
GLN O    O  N N 91  
GLN CB   C  N N 92  
GLN CG   C  N N 93  
GLN CD   C  N N 94  
GLN OE1  O  N N 95  
GLN NE2  N  N N 96  
GLN OXT  O  N N 97  
GLN H    H  N N 98  
GLN H2   H  N N 99  
GLN HA   H  N N 100 
GLN HB2  H  N N 101 
GLN HB3  H  N N 102 
GLN HG2  H  N N 103 
GLN HG3  H  N N 104 
GLN HE21 H  N N 105 
GLN HE22 H  N N 106 
GLN HXT  H  N N 107 
GLU N    N  N N 108 
GLU CA   C  N S 109 
GLU C    C  N N 110 
GLU O    O  N N 111 
GLU CB   C  N N 112 
GLU CG   C  N N 113 
GLU CD   C  N N 114 
GLU OE1  O  N N 115 
GLU OE2  O  N N 116 
GLU OXT  O  N N 117 
GLU H    H  N N 118 
GLU H2   H  N N 119 
GLU HA   H  N N 120 
GLU HB2  H  N N 121 
GLU HB3  H  N N 122 
GLU HG2  H  N N 123 
GLU HG3  H  N N 124 
GLU HE2  H  N N 125 
GLU HXT  H  N N 126 
GLY N    N  N N 127 
GLY CA   C  N N 128 
GLY C    C  N N 129 
GLY O    O  N N 130 
GLY OXT  O  N N 131 
GLY H    H  N N 132 
GLY H2   H  N N 133 
GLY HA2  H  N N 134 
GLY HA3  H  N N 135 
GLY HXT  H  N N 136 
HIS N    N  N N 137 
HIS CA   C  N S 138 
HIS C    C  N N 139 
HIS O    O  N N 140 
HIS CB   C  N N 141 
HIS CG   C  Y N 142 
HIS ND1  N  Y N 143 
HIS CD2  C  Y N 144 
HIS CE1  C  Y N 145 
HIS NE2  N  Y N 146 
HIS OXT  O  N N 147 
HIS H    H  N N 148 
HIS H2   H  N N 149 
HIS HA   H  N N 150 
HIS HB2  H  N N 151 
HIS HB3  H  N N 152 
HIS HD1  H  N N 153 
HIS HD2  H  N N 154 
HIS HE1  H  N N 155 
HIS HE2  H  N N 156 
HIS HXT  H  N N 157 
HOH O    O  N N 158 
HOH H1   H  N N 159 
HOH H2   H  N N 160 
ILE N    N  N N 161 
ILE CA   C  N S 162 
ILE C    C  N N 163 
ILE O    O  N N 164 
ILE CB   C  N S 165 
ILE CG1  C  N N 166 
ILE CG2  C  N N 167 
ILE CD1  C  N N 168 
ILE OXT  O  N N 169 
ILE H    H  N N 170 
ILE H2   H  N N 171 
ILE HA   H  N N 172 
ILE HB   H  N N 173 
ILE HG12 H  N N 174 
ILE HG13 H  N N 175 
ILE HG21 H  N N 176 
ILE HG22 H  N N 177 
ILE HG23 H  N N 178 
ILE HD11 H  N N 179 
ILE HD12 H  N N 180 
ILE HD13 H  N N 181 
ILE HXT  H  N N 182 
LEU N    N  N N 183 
LEU CA   C  N S 184 
LEU C    C  N N 185 
LEU O    O  N N 186 
LEU CB   C  N N 187 
LEU CG   C  N N 188 
LEU CD1  C  N N 189 
LEU CD2  C  N N 190 
LEU OXT  O  N N 191 
LEU H    H  N N 192 
LEU H2   H  N N 193 
LEU HA   H  N N 194 
LEU HB2  H  N N 195 
LEU HB3  H  N N 196 
LEU HG   H  N N 197 
LEU HD11 H  N N 198 
LEU HD12 H  N N 199 
LEU HD13 H  N N 200 
LEU HD21 H  N N 201 
LEU HD22 H  N N 202 
LEU HD23 H  N N 203 
LEU HXT  H  N N 204 
LYS N    N  N N 205 
LYS CA   C  N S 206 
LYS C    C  N N 207 
LYS O    O  N N 208 
LYS CB   C  N N 209 
LYS CG   C  N N 210 
LYS CD   C  N N 211 
LYS CE   C  N N 212 
LYS NZ   N  N N 213 
LYS OXT  O  N N 214 
LYS H    H  N N 215 
LYS H2   H  N N 216 
LYS HA   H  N N 217 
LYS HB2  H  N N 218 
LYS HB3  H  N N 219 
LYS HG2  H  N N 220 
LYS HG3  H  N N 221 
LYS HD2  H  N N 222 
LYS HD3  H  N N 223 
LYS HE2  H  N N 224 
LYS HE3  H  N N 225 
LYS HZ1  H  N N 226 
LYS HZ2  H  N N 227 
LYS HZ3  H  N N 228 
LYS HXT  H  N N 229 
MET N    N  N N 230 
MET CA   C  N S 231 
MET C    C  N N 232 
MET O    O  N N 233 
MET CB   C  N N 234 
MET CG   C  N N 235 
MET SD   S  N N 236 
MET CE   C  N N 237 
MET OXT  O  N N 238 
MET H    H  N N 239 
MET H2   H  N N 240 
MET HA   H  N N 241 
MET HB2  H  N N 242 
MET HB3  H  N N 243 
MET HG2  H  N N 244 
MET HG3  H  N N 245 
MET HE1  H  N N 246 
MET HE2  H  N N 247 
MET HE3  H  N N 248 
MET HXT  H  N N 249 
PHE N    N  N N 250 
PHE CA   C  N S 251 
PHE C    C  N N 252 
PHE O    O  N N 253 
PHE CB   C  N N 254 
PHE CG   C  Y N 255 
PHE CD1  C  Y N 256 
PHE CD2  C  Y N 257 
PHE CE1  C  Y N 258 
PHE CE2  C  Y N 259 
PHE CZ   C  Y N 260 
PHE OXT  O  N N 261 
PHE H    H  N N 262 
PHE H2   H  N N 263 
PHE HA   H  N N 264 
PHE HB2  H  N N 265 
PHE HB3  H  N N 266 
PHE HD1  H  N N 267 
PHE HD2  H  N N 268 
PHE HE1  H  N N 269 
PHE HE2  H  N N 270 
PHE HZ   H  N N 271 
PHE HXT  H  N N 272 
PRO N    N  N N 273 
PRO CA   C  N S 274 
PRO C    C  N N 275 
PRO O    O  N N 276 
PRO CB   C  N N 277 
PRO CG   C  N N 278 
PRO CD   C  N N 279 
PRO OXT  O  N N 280 
PRO H    H  N N 281 
PRO HA   H  N N 282 
PRO HB2  H  N N 283 
PRO HB3  H  N N 284 
PRO HG2  H  N N 285 
PRO HG3  H  N N 286 
PRO HD2  H  N N 287 
PRO HD3  H  N N 288 
PRO HXT  H  N N 289 
SER N    N  N N 290 
SER CA   C  N S 291 
SER C    C  N N 292 
SER O    O  N N 293 
SER CB   C  N N 294 
SER OG   O  N N 295 
SER OXT  O  N N 296 
SER H    H  N N 297 
SER H2   H  N N 298 
SER HA   H  N N 299 
SER HB2  H  N N 300 
SER HB3  H  N N 301 
SER HG   H  N N 302 
SER HXT  H  N N 303 
THR N    N  N N 304 
THR CA   C  N S 305 
THR C    C  N N 306 
THR O    O  N N 307 
THR CB   C  N R 308 
THR OG1  O  N N 309 
THR CG2  C  N N 310 
THR OXT  O  N N 311 
THR H    H  N N 312 
THR H2   H  N N 313 
THR HA   H  N N 314 
THR HB   H  N N 315 
THR HG1  H  N N 316 
THR HG21 H  N N 317 
THR HG22 H  N N 318 
THR HG23 H  N N 319 
THR HXT  H  N N 320 
TRP N    N  N N 321 
TRP CA   C  N S 322 
TRP C    C  N N 323 
TRP O    O  N N 324 
TRP CB   C  N N 325 
TRP CG   C  Y N 326 
TRP CD1  C  Y N 327 
TRP CD2  C  Y N 328 
TRP NE1  N  Y N 329 
TRP CE2  C  Y N 330 
TRP CE3  C  Y N 331 
TRP CZ2  C  Y N 332 
TRP CZ3  C  Y N 333 
TRP CH2  C  Y N 334 
TRP OXT  O  N N 335 
TRP H    H  N N 336 
TRP H2   H  N N 337 
TRP HA   H  N N 338 
TRP HB2  H  N N 339 
TRP HB3  H  N N 340 
TRP HD1  H  N N 341 
TRP HE1  H  N N 342 
TRP HE3  H  N N 343 
TRP HZ2  H  N N 344 
TRP HZ3  H  N N 345 
TRP HH2  H  N N 346 
TRP HXT  H  N N 347 
TYR N    N  N N 348 
TYR CA   C  N S 349 
TYR C    C  N N 350 
TYR O    O  N N 351 
TYR CB   C  N N 352 
TYR CG   C  Y N 353 
TYR CD1  C  Y N 354 
TYR CD2  C  Y N 355 
TYR CE1  C  Y N 356 
TYR CE2  C  Y N 357 
TYR CZ   C  Y N 358 
TYR OH   O  N N 359 
TYR OXT  O  N N 360 
TYR H    H  N N 361 
TYR H2   H  N N 362 
TYR HA   H  N N 363 
TYR HB2  H  N N 364 
TYR HB3  H  N N 365 
TYR HD1  H  N N 366 
TYR HD2  H  N N 367 
TYR HE1  H  N N 368 
TYR HE2  H  N N 369 
TYR HH   H  N N 370 
TYR HXT  H  N N 371 
VAL N    N  N N 372 
VAL CA   C  N S 373 
VAL C    C  N N 374 
VAL O    O  N N 375 
VAL CB   C  N N 376 
VAL CG1  C  N N 377 
VAL CG2  C  N N 378 
VAL OXT  O  N N 379 
VAL H    H  N N 380 
VAL H2   H  N N 381 
VAL HA   H  N N 382 
VAL HB   H  N N 383 
VAL HG11 H  N N 384 
VAL HG12 H  N N 385 
VAL HG13 H  N N 386 
VAL HG21 H  N N 387 
VAL HG22 H  N N 388 
VAL HG23 H  N N 389 
VAL HXT  H  N N 390 
ZN  ZN   ZN N N 391 
# 
loop_
_chem_comp_bond.comp_id 
_chem_comp_bond.atom_id_1 
_chem_comp_bond.atom_id_2 
_chem_comp_bond.value_order 
_chem_comp_bond.pdbx_aromatic_flag 
_chem_comp_bond.pdbx_stereo_config 
_chem_comp_bond.pdbx_ordinal 
ALA N   CA   sing N N 1   
ALA N   H    sing N N 2   
ALA N   H2   sing N N 3   
ALA CA  C    sing N N 4   
ALA CA  CB   sing N N 5   
ALA CA  HA   sing N N 6   
ALA C   O    doub N N 7   
ALA C   OXT  sing N N 8   
ALA CB  HB1  sing N N 9   
ALA CB  HB2  sing N N 10  
ALA CB  HB3  sing N N 11  
ALA OXT HXT  sing N N 12  
ARG N   CA   sing N N 13  
ARG N   H    sing N N 14  
ARG N   H2   sing N N 15  
ARG CA  C    sing N N 16  
ARG CA  CB   sing N N 17  
ARG CA  HA   sing N N 18  
ARG C   O    doub N N 19  
ARG C   OXT  sing N N 20  
ARG CB  CG   sing N N 21  
ARG CB  HB2  sing N N 22  
ARG CB  HB3  sing N N 23  
ARG CG  CD   sing N N 24  
ARG CG  HG2  sing N N 25  
ARG CG  HG3  sing N N 26  
ARG CD  NE   sing N N 27  
ARG CD  HD2  sing N N 28  
ARG CD  HD3  sing N N 29  
ARG NE  CZ   sing N N 30  
ARG NE  HE   sing N N 31  
ARG CZ  NH1  sing N N 32  
ARG CZ  NH2  doub N N 33  
ARG NH1 HH11 sing N N 34  
ARG NH1 HH12 sing N N 35  
ARG NH2 HH21 sing N N 36  
ARG NH2 HH22 sing N N 37  
ARG OXT HXT  sing N N 38  
ASN N   CA   sing N N 39  
ASN N   H    sing N N 40  
ASN N   H2   sing N N 41  
ASN CA  C    sing N N 42  
ASN CA  CB   sing N N 43  
ASN CA  HA   sing N N 44  
ASN C   O    doub N N 45  
ASN C   OXT  sing N N 46  
ASN CB  CG   sing N N 47  
ASN CB  HB2  sing N N 48  
ASN CB  HB3  sing N N 49  
ASN CG  OD1  doub N N 50  
ASN CG  ND2  sing N N 51  
ASN ND2 HD21 sing N N 52  
ASN ND2 HD22 sing N N 53  
ASN OXT HXT  sing N N 54  
ASP N   CA   sing N N 55  
ASP N   H    sing N N 56  
ASP N   H2   sing N N 57  
ASP CA  C    sing N N 58  
ASP CA  CB   sing N N 59  
ASP CA  HA   sing N N 60  
ASP C   O    doub N N 61  
ASP C   OXT  sing N N 62  
ASP CB  CG   sing N N 63  
ASP CB  HB2  sing N N 64  
ASP CB  HB3  sing N N 65  
ASP CG  OD1  doub N N 66  
ASP CG  OD2  sing N N 67  
ASP OD2 HD2  sing N N 68  
ASP OXT HXT  sing N N 69  
CYS N   CA   sing N N 70  
CYS N   H    sing N N 71  
CYS N   H2   sing N N 72  
CYS CA  C    sing N N 73  
CYS CA  CB   sing N N 74  
CYS CA  HA   sing N N 75  
CYS C   O    doub N N 76  
CYS C   OXT  sing N N 77  
CYS CB  SG   sing N N 78  
CYS CB  HB2  sing N N 79  
CYS CB  HB3  sing N N 80  
CYS SG  HG   sing N N 81  
CYS OXT HXT  sing N N 82  
GLN N   CA   sing N N 83  
GLN N   H    sing N N 84  
GLN N   H2   sing N N 85  
GLN CA  C    sing N N 86  
GLN CA  CB   sing N N 87  
GLN CA  HA   sing N N 88  
GLN C   O    doub N N 89  
GLN C   OXT  sing N N 90  
GLN CB  CG   sing N N 91  
GLN CB  HB2  sing N N 92  
GLN CB  HB3  sing N N 93  
GLN CG  CD   sing N N 94  
GLN CG  HG2  sing N N 95  
GLN CG  HG3  sing N N 96  
GLN CD  OE1  doub N N 97  
GLN CD  NE2  sing N N 98  
GLN NE2 HE21 sing N N 99  
GLN NE2 HE22 sing N N 100 
GLN OXT HXT  sing N N 101 
GLU N   CA   sing N N 102 
GLU N   H    sing N N 103 
GLU N   H2   sing N N 104 
GLU CA  C    sing N N 105 
GLU CA  CB   sing N N 106 
GLU CA  HA   sing N N 107 
GLU C   O    doub N N 108 
GLU C   OXT  sing N N 109 
GLU CB  CG   sing N N 110 
GLU CB  HB2  sing N N 111 
GLU CB  HB3  sing N N 112 
GLU CG  CD   sing N N 113 
GLU CG  HG2  sing N N 114 
GLU CG  HG3  sing N N 115 
GLU CD  OE1  doub N N 116 
GLU CD  OE2  sing N N 117 
GLU OE2 HE2  sing N N 118 
GLU OXT HXT  sing N N 119 
GLY N   CA   sing N N 120 
GLY N   H    sing N N 121 
GLY N   H2   sing N N 122 
GLY CA  C    sing N N 123 
GLY CA  HA2  sing N N 124 
GLY CA  HA3  sing N N 125 
GLY C   O    doub N N 126 
GLY C   OXT  sing N N 127 
GLY OXT HXT  sing N N 128 
HIS N   CA   sing N N 129 
HIS N   H    sing N N 130 
HIS N   H2   sing N N 131 
HIS CA  C    sing N N 132 
HIS CA  CB   sing N N 133 
HIS CA  HA   sing N N 134 
HIS C   O    doub N N 135 
HIS C   OXT  sing N N 136 
HIS CB  CG   sing N N 137 
HIS CB  HB2  sing N N 138 
HIS CB  HB3  sing N N 139 
HIS CG  ND1  sing Y N 140 
HIS CG  CD2  doub Y N 141 
HIS ND1 CE1  doub Y N 142 
HIS ND1 HD1  sing N N 143 
HIS CD2 NE2  sing Y N 144 
HIS CD2 HD2  sing N N 145 
HIS CE1 NE2  sing Y N 146 
HIS CE1 HE1  sing N N 147 
HIS NE2 HE2  sing N N 148 
HIS OXT HXT  sing N N 149 
HOH O   H1   sing N N 150 
HOH O   H2   sing N N 151 
ILE N   CA   sing N N 152 
ILE N   H    sing N N 153 
ILE N   H2   sing N N 154 
ILE CA  C    sing N N 155 
ILE CA  CB   sing N N 156 
ILE CA  HA   sing N N 157 
ILE C   O    doub N N 158 
ILE C   OXT  sing N N 159 
ILE CB  CG1  sing N N 160 
ILE CB  CG2  sing N N 161 
ILE CB  HB   sing N N 162 
ILE CG1 CD1  sing N N 163 
ILE CG1 HG12 sing N N 164 
ILE CG1 HG13 sing N N 165 
ILE CG2 HG21 sing N N 166 
ILE CG2 HG22 sing N N 167 
ILE CG2 HG23 sing N N 168 
ILE CD1 HD11 sing N N 169 
ILE CD1 HD12 sing N N 170 
ILE CD1 HD13 sing N N 171 
ILE OXT HXT  sing N N 172 
LEU N   CA   sing N N 173 
LEU N   H    sing N N 174 
LEU N   H2   sing N N 175 
LEU CA  C    sing N N 176 
LEU CA  CB   sing N N 177 
LEU CA  HA   sing N N 178 
LEU C   O    doub N N 179 
LEU C   OXT  sing N N 180 
LEU CB  CG   sing N N 181 
LEU CB  HB2  sing N N 182 
LEU CB  HB3  sing N N 183 
LEU CG  CD1  sing N N 184 
LEU CG  CD2  sing N N 185 
LEU CG  HG   sing N N 186 
LEU CD1 HD11 sing N N 187 
LEU CD1 HD12 sing N N 188 
LEU CD1 HD13 sing N N 189 
LEU CD2 HD21 sing N N 190 
LEU CD2 HD22 sing N N 191 
LEU CD2 HD23 sing N N 192 
LEU OXT HXT  sing N N 193 
LYS N   CA   sing N N 194 
LYS N   H    sing N N 195 
LYS N   H2   sing N N 196 
LYS CA  C    sing N N 197 
LYS CA  CB   sing N N 198 
LYS CA  HA   sing N N 199 
LYS C   O    doub N N 200 
LYS C   OXT  sing N N 201 
LYS CB  CG   sing N N 202 
LYS CB  HB2  sing N N 203 
LYS CB  HB3  sing N N 204 
LYS CG  CD   sing N N 205 
LYS CG  HG2  sing N N 206 
LYS CG  HG3  sing N N 207 
LYS CD  CE   sing N N 208 
LYS CD  HD2  sing N N 209 
LYS CD  HD3  sing N N 210 
LYS CE  NZ   sing N N 211 
LYS CE  HE2  sing N N 212 
LYS CE  HE3  sing N N 213 
LYS NZ  HZ1  sing N N 214 
LYS NZ  HZ2  sing N N 215 
LYS NZ  HZ3  sing N N 216 
LYS OXT HXT  sing N N 217 
MET N   CA   sing N N 218 
MET N   H    sing N N 219 
MET N   H2   sing N N 220 
MET CA  C    sing N N 221 
MET CA  CB   sing N N 222 
MET CA  HA   sing N N 223 
MET C   O    doub N N 224 
MET C   OXT  sing N N 225 
MET CB  CG   sing N N 226 
MET CB  HB2  sing N N 227 
MET CB  HB3  sing N N 228 
MET CG  SD   sing N N 229 
MET CG  HG2  sing N N 230 
MET CG  HG3  sing N N 231 
MET SD  CE   sing N N 232 
MET CE  HE1  sing N N 233 
MET CE  HE2  sing N N 234 
MET CE  HE3  sing N N 235 
MET OXT HXT  sing N N 236 
PHE N   CA   sing N N 237 
PHE N   H    sing N N 238 
PHE N   H2   sing N N 239 
PHE CA  C    sing N N 240 
PHE CA  CB   sing N N 241 
PHE CA  HA   sing N N 242 
PHE C   O    doub N N 243 
PHE C   OXT  sing N N 244 
PHE CB  CG   sing N N 245 
PHE CB  HB2  sing N N 246 
PHE CB  HB3  sing N N 247 
PHE CG  CD1  doub Y N 248 
PHE CG  CD2  sing Y N 249 
PHE CD1 CE1  sing Y N 250 
PHE CD1 HD1  sing N N 251 
PHE CD2 CE2  doub Y N 252 
PHE CD2 HD2  sing N N 253 
PHE CE1 CZ   doub Y N 254 
PHE CE1 HE1  sing N N 255 
PHE CE2 CZ   sing Y N 256 
PHE CE2 HE2  sing N N 257 
PHE CZ  HZ   sing N N 258 
PHE OXT HXT  sing N N 259 
PRO N   CA   sing N N 260 
PRO N   CD   sing N N 261 
PRO N   H    sing N N 262 
PRO CA  C    sing N N 263 
PRO CA  CB   sing N N 264 
PRO CA  HA   sing N N 265 
PRO C   O    doub N N 266 
PRO C   OXT  sing N N 267 
PRO CB  CG   sing N N 268 
PRO CB  HB2  sing N N 269 
PRO CB  HB3  sing N N 270 
PRO CG  CD   sing N N 271 
PRO CG  HG2  sing N N 272 
PRO CG  HG3  sing N N 273 
PRO CD  HD2  sing N N 274 
PRO CD  HD3  sing N N 275 
PRO OXT HXT  sing N N 276 
SER N   CA   sing N N 277 
SER N   H    sing N N 278 
SER N   H2   sing N N 279 
SER CA  C    sing N N 280 
SER CA  CB   sing N N 281 
SER CA  HA   sing N N 282 
SER C   O    doub N N 283 
SER C   OXT  sing N N 284 
SER CB  OG   sing N N 285 
SER CB  HB2  sing N N 286 
SER CB  HB3  sing N N 287 
SER OG  HG   sing N N 288 
SER OXT HXT  sing N N 289 
THR N   CA   sing N N 290 
THR N   H    sing N N 291 
THR N   H2   sing N N 292 
THR CA  C    sing N N 293 
THR CA  CB   sing N N 294 
THR CA  HA   sing N N 295 
THR C   O    doub N N 296 
THR C   OXT  sing N N 297 
THR CB  OG1  sing N N 298 
THR CB  CG2  sing N N 299 
THR CB  HB   sing N N 300 
THR OG1 HG1  sing N N 301 
THR CG2 HG21 sing N N 302 
THR CG2 HG22 sing N N 303 
THR CG2 HG23 sing N N 304 
THR OXT HXT  sing N N 305 
TRP N   CA   sing N N 306 
TRP N   H    sing N N 307 
TRP N   H2   sing N N 308 
TRP CA  C    sing N N 309 
TRP CA  CB   sing N N 310 
TRP CA  HA   sing N N 311 
TRP C   O    doub N N 312 
TRP C   OXT  sing N N 313 
TRP CB  CG   sing N N 314 
TRP CB  HB2  sing N N 315 
TRP CB  HB3  sing N N 316 
TRP CG  CD1  doub Y N 317 
TRP CG  CD2  sing Y N 318 
TRP CD1 NE1  sing Y N 319 
TRP CD1 HD1  sing N N 320 
TRP CD2 CE2  doub Y N 321 
TRP CD2 CE3  sing Y N 322 
TRP NE1 CE2  sing Y N 323 
TRP NE1 HE1  sing N N 324 
TRP CE2 CZ2  sing Y N 325 
TRP CE3 CZ3  doub Y N 326 
TRP CE3 HE3  sing N N 327 
TRP CZ2 CH2  doub Y N 328 
TRP CZ2 HZ2  sing N N 329 
TRP CZ3 CH2  sing Y N 330 
TRP CZ3 HZ3  sing N N 331 
TRP CH2 HH2  sing N N 332 
TRP OXT HXT  sing N N 333 
TYR N   CA   sing N N 334 
TYR N   H    sing N N 335 
TYR N   H2   sing N N 336 
TYR CA  C    sing N N 337 
TYR CA  CB   sing N N 338 
TYR CA  HA   sing N N 339 
TYR C   O    doub N N 340 
TYR C   OXT  sing N N 341 
TYR CB  CG   sing N N 342 
TYR CB  HB2  sing N N 343 
TYR CB  HB3  sing N N 344 
TYR CG  CD1  doub Y N 345 
TYR CG  CD2  sing Y N 346 
TYR CD1 CE1  sing Y N 347 
TYR CD1 HD1  sing N N 348 
TYR CD2 CE2  doub Y N 349 
TYR CD2 HD2  sing N N 350 
TYR CE1 CZ   doub Y N 351 
TYR CE1 HE1  sing N N 352 
TYR CE2 CZ   sing Y N 353 
TYR CE2 HE2  sing N N 354 
TYR CZ  OH   sing N N 355 
TYR OH  HH   sing N N 356 
TYR OXT HXT  sing N N 357 
VAL N   CA   sing N N 358 
VAL N   H    sing N N 359 
VAL N   H2   sing N N 360 
VAL CA  C    sing N N 361 
VAL CA  CB   sing N N 362 
VAL CA  HA   sing N N 363 
VAL C   O    doub N N 364 
VAL C   OXT  sing N N 365 
VAL CB  CG1  sing N N 366 
VAL CB  CG2  sing N N 367 
VAL CB  HB   sing N N 368 
VAL CG1 HG11 sing N N 369 
VAL CG1 HG12 sing N N 370 
VAL CG1 HG13 sing N N 371 
VAL CG2 HG21 sing N N 372 
VAL CG2 HG22 sing N N 373 
VAL CG2 HG23 sing N N 374 
VAL OXT HXT  sing N N 375 
# 
loop_
_pdbx_entity_nonpoly.entity_id 
_pdbx_entity_nonpoly.name 
_pdbx_entity_nonpoly.comp_id 
2 'ZINC ION' ZN  
3 water      HOH 
# 
_pdbx_initial_refinement_model.id               1 
_pdbx_initial_refinement_model.entity_id_list   ? 
_pdbx_initial_refinement_model.type             'experimental model' 
_pdbx_initial_refinement_model.source_name      PDB 
_pdbx_initial_refinement_model.accession_code   1EB0 
_pdbx_initial_refinement_model.details          'PDB IDCODE 1EB0' 
# 
